data_6Z3U
#
_entry.id   6Z3U
#
_cell.length_a   81.436
_cell.length_b   85.240
_cell.length_c   160.401
_cell.angle_alpha   90.000
_cell.angle_beta   96.931
_cell.angle_gamma   90.000
#
_symmetry.space_group_name_H-M   'P 1 21 1'
#
loop_
_entity.id
_entity.type
_entity.pdbx_description
1 polymer 'CYCLIN domain-containing protein'
2 polymer 'Protein kinase domain-containing protein'
3 polymer 'RING-type domain-containing protein'
4 non-polymer 'CHLORIDE ION'
5 water water
#
loop_
_entity_poly.entity_id
_entity_poly.type
_entity_poly.pdbx_seq_one_letter_code
_entity_poly.pdbx_strand_id
1 'polypeptide(L)'
;MASTIASEDARYRQSSQYELWSFSPSQLASMREKTNAAARARITERLLSMPNPSNTASAPTSSANTPDPDGVSTPTLPEF
LTPAEELLLVTFYTAELLRAGDHADMSDEIKATAATFFKRFYITNSIMTYPPQEMLLVALFFGCKAEGAFPSISDFAKTF
GRERPEEILAGEFLLCQGIRFALDVKHPFRALRGAIMELSTLPDVEPARLVAAEQRAREILRFSPLITDAYFHFTPSQIM
LAALSLADRGLAERLIQDTFHYVAPQPSSGTDTPATSGVETPSGASASISLHKRTASPSSGSLEDKAAVIGSHVRDKVLG
TIEACRDMLSKELPERREHWNNKTVYKAQIQPIRKKLNKCRDPDRWNLVELQRIRREQASRKGFDSDDEGEGRTKGGSLE
DDAAVFGVPKKKKQLEDPFGPPLAG
;
A,D
2 'polypeptide(L)'
;MAASPLIAPPTDALQQSRPGSTSSPFKRQPQQPSQPPSSTAPSSSNANDTPQLGSRPPNITIANVTSAPFSSRPAITPDP
VEQMNEAEKRKYIKGKKLGEGTYANVYLGHSRDDPNFKVAIKKIKVQAQYKDGMAPDAVRELKYLRELRGHPNIIGLISV
FSSKDQNLNLVLEYLPLGDLEMLIRDVERVRYGAADIKAWMGMLTRAVWWCHENFILHRDIKPNNLLIAADGEVKLADFG
LARSFADPGRRMTANVITRWYRPPELLFGARHYGGAVDIWSVGMVFAELIIRSPFLPGNTEMEQITLICKHIGTPTEENW
PGVSKLPEWWDPMEEPIPVWGKDAYMARFGAVGSEGVDLLWRTLQLDPKKRITAREMLEHRWWRTDPKPTRKEDLPKKSG
GEDKMGADLKRRPGMVEDENGPRGSKVARKLDFGQLK
;
B,E
3 'polypeptide(L)' GPYDPFGGMEFVPSRYRVREELNHPSLDKYRIDQQHITGGYSFLDYISRAMFEAFAGLAVFIEDEKEAG C,F
#
# COMPACT_ATOMS: atom_id res chain seq x y z
N ILE A 5 -4.66 12.95 43.86
CA ILE A 5 -5.14 12.49 42.57
C ILE A 5 -4.27 11.34 42.07
N ALA A 6 -4.29 10.23 42.82
CA ALA A 6 -3.50 9.06 42.45
C ALA A 6 -4.05 8.41 41.18
N SER A 7 -3.14 7.91 40.34
CA SER A 7 -3.57 7.29 39.09
C SER A 7 -4.27 5.96 39.34
N GLU A 8 -3.85 5.21 40.37
CA GLU A 8 -4.54 3.96 40.70
C GLU A 8 -5.92 4.22 41.28
N ASP A 9 -6.13 5.38 41.92
CA ASP A 9 -7.45 5.73 42.41
C ASP A 9 -8.39 6.11 41.27
N ALA A 10 -7.87 6.84 40.28
CA ALA A 10 -8.69 7.23 39.14
C ALA A 10 -9.19 6.00 38.39
N ARG A 11 -8.31 5.02 38.17
CA ARG A 11 -8.72 3.81 37.46
C ARG A 11 -9.73 3.01 38.25
N TYR A 12 -9.66 3.04 39.58
CA TYR A 12 -10.64 2.33 40.38
C TYR A 12 -12.03 2.94 40.22
N ARG A 13 -12.12 4.27 40.21
CA ARG A 13 -13.41 4.94 40.13
C ARG A 13 -14.13 4.68 38.81
N GLN A 14 -13.49 4.05 37.83
CA GLN A 14 -14.15 3.71 36.59
C GLN A 14 -14.81 2.34 36.64
N SER A 15 -14.65 1.60 37.73
CA SER A 15 -15.21 0.26 37.83
C SER A 15 -16.71 0.35 38.12
N SER A 16 -17.42 -0.72 37.74
CA SER A 16 -18.84 -0.80 38.06
C SER A 16 -19.05 -0.86 39.56
N GLN A 17 -18.10 -1.43 40.29
CA GLN A 17 -18.23 -1.52 41.74
C GLN A 17 -18.34 -0.13 42.38
N TYR A 18 -17.72 0.88 41.78
CA TYR A 18 -17.75 2.22 42.35
C TYR A 18 -18.94 3.03 41.86
N GLU A 19 -19.17 3.06 40.54
CA GLU A 19 -20.23 3.90 40.02
C GLU A 19 -21.61 3.33 40.31
N LEU A 20 -21.73 2.02 40.47
CA LEU A 20 -23.01 1.35 40.60
C LEU A 20 -23.27 0.76 41.97
N TRP A 21 -22.25 0.22 42.64
CA TRP A 21 -22.44 -0.50 43.88
C TRP A 21 -21.52 0.04 44.97
N SER A 22 -21.40 1.36 45.04
CA SER A 22 -20.70 2.03 46.13
C SER A 22 -21.53 3.25 46.53
N PHE A 23 -21.98 3.27 47.78
CA PHE A 23 -22.83 4.34 48.28
C PHE A 23 -22.41 4.70 49.70
N SER A 24 -23.04 5.74 50.23
CA SER A 24 -22.89 6.09 51.64
C SER A 24 -23.89 5.29 52.48
N PRO A 25 -23.58 5.07 53.75
CA PRO A 25 -24.54 4.34 54.60
C PRO A 25 -25.93 4.93 54.58
N SER A 26 -26.05 6.25 54.46
CA SER A 26 -27.37 6.86 54.37
C SER A 26 -28.05 6.51 53.06
N GLN A 27 -27.30 6.49 51.96
CA GLN A 27 -27.86 6.09 50.68
C GLN A 27 -28.26 4.62 50.70
N LEU A 28 -27.46 3.77 51.34
CA LEU A 28 -27.77 2.34 51.38
C LEU A 28 -29.08 2.08 52.13
N ALA A 29 -29.28 2.74 53.27
CA ALA A 29 -30.50 2.53 54.03
C ALA A 29 -31.72 2.99 53.24
N SER A 30 -31.65 4.17 52.63
CA SER A 30 -32.80 4.69 51.89
C SER A 30 -33.19 3.76 50.76
N MET A 31 -32.22 3.22 50.03
CA MET A 31 -32.52 2.25 48.98
C MET A 31 -33.23 1.02 49.55
N ARG A 32 -32.67 0.44 50.61
CA ARG A 32 -33.24 -0.78 51.19
C ARG A 32 -34.64 -0.51 51.74
N GLU A 33 -34.85 0.65 52.36
CA GLU A 33 -36.16 0.98 52.90
C GLU A 33 -37.17 1.22 51.79
N LYS A 34 -36.76 1.93 50.73
CA LYS A 34 -37.65 2.18 49.60
C LYS A 34 -37.94 0.90 48.82
N THR A 35 -36.97 -0.01 48.76
CA THR A 35 -37.21 -1.29 48.09
C THR A 35 -38.23 -2.14 48.85
N ASN A 36 -38.12 -2.13 50.18
CA ASN A 36 -39.09 -2.82 51.04
C ASN A 36 -40.46 -2.16 50.97
N ALA A 37 -40.50 -0.83 51.04
CA ALA A 37 -41.77 -0.11 51.01
C ALA A 37 -42.48 -0.31 49.67
N ALA A 38 -41.73 -0.22 48.57
CA ALA A 38 -42.33 -0.44 47.25
C ALA A 38 -42.84 -1.87 47.13
N ALA A 39 -42.06 -2.85 47.60
CA ALA A 39 -42.52 -4.23 47.60
C ALA A 39 -43.77 -4.40 48.44
N ARG A 40 -43.82 -3.71 49.58
CA ARG A 40 -45.00 -3.77 50.44
C ARG A 40 -46.23 -3.28 49.68
N ALA A 41 -46.08 -2.16 48.96
CA ALA A 41 -47.19 -1.60 48.19
C ALA A 41 -47.59 -2.50 47.04
N ARG A 42 -46.61 -3.11 46.37
CA ARG A 42 -46.91 -3.94 45.21
C ARG A 42 -47.64 -5.21 45.61
N ILE A 43 -47.20 -5.86 46.69
CA ILE A 43 -47.87 -7.08 47.15
C ILE A 43 -49.26 -6.76 47.68
N THR A 44 -49.39 -5.62 48.36
CA THR A 44 -50.69 -5.23 48.91
C THR A 44 -51.72 -5.03 47.80
N GLU A 45 -51.33 -4.32 46.74
CA GLU A 45 -52.25 -4.10 45.63
C GLU A 45 -52.72 -5.42 45.02
N ARG A 46 -51.80 -6.37 44.84
CA ARG A 46 -52.16 -7.65 44.23
C ARG A 46 -53.14 -8.42 45.09
N LEU A 47 -52.95 -8.40 46.42
CA LEU A 47 -53.76 -9.24 47.30
C LEU A 47 -55.24 -8.90 47.20
N LEU A 48 -55.58 -7.61 47.05
CA LEU A 48 -56.98 -7.23 47.02
C LEU A 48 -57.74 -7.93 45.88
N SER A 49 -57.05 -8.27 44.80
CA SER A 49 -57.70 -8.94 43.68
C SER A 49 -57.52 -10.45 43.76
N PRO A 75 -60.98 -8.91 53.82
CA PRO A 75 -59.76 -8.53 53.11
C PRO A 75 -58.61 -8.16 54.05
N THR A 76 -58.17 -9.14 54.86
CA THR A 76 -57.18 -8.88 55.90
C THR A 76 -55.78 -9.08 55.35
N LEU A 77 -55.00 -8.00 55.31
CA LEU A 77 -53.63 -8.05 54.83
C LEU A 77 -52.72 -8.66 55.90
N PRO A 78 -51.61 -9.26 55.50
CA PRO A 78 -50.68 -9.85 56.47
C PRO A 78 -49.66 -8.82 56.97
N GLU A 79 -48.87 -9.26 57.95
CA GLU A 79 -47.78 -8.45 58.49
C GLU A 79 -46.56 -8.58 57.59
N PHE A 80 -46.12 -7.47 57.01
CA PHE A 80 -44.96 -7.48 56.13
C PHE A 80 -43.68 -7.32 56.94
N LEU A 81 -42.58 -7.85 56.40
CA LEU A 81 -41.31 -7.79 57.08
C LEU A 81 -40.82 -6.36 57.23
N THR A 82 -40.15 -6.09 58.36
CA THR A 82 -39.52 -4.79 58.58
C THR A 82 -38.21 -4.72 57.81
N PRO A 83 -37.81 -3.53 57.33
CA PRO A 83 -36.51 -3.42 56.65
C PRO A 83 -35.36 -4.05 57.43
N ALA A 84 -35.36 -3.92 58.75
CA ALA A 84 -34.32 -4.55 59.57
C ALA A 84 -34.47 -6.07 59.56
N GLU A 85 -35.70 -6.57 59.67
CA GLU A 85 -35.92 -8.01 59.57
C GLU A 85 -35.60 -8.52 58.17
N GLU A 86 -35.81 -7.69 57.15
CA GLU A 86 -35.42 -8.06 55.79
C GLU A 86 -33.91 -8.18 55.70
N LEU A 87 -33.19 -7.19 56.23
CA LEU A 87 -31.74 -7.21 56.22
C LEU A 87 -31.19 -8.34 57.08
N LEU A 88 -31.92 -8.73 58.12
CA LEU A 88 -31.45 -9.80 59.00
C LEU A 88 -31.43 -11.13 58.27
N LEU A 89 -32.44 -11.42 57.46
CA LEU A 89 -32.45 -12.67 56.71
C LEU A 89 -31.37 -12.69 55.65
N VAL A 90 -31.10 -11.54 55.02
CA VAL A 90 -30.01 -11.47 54.05
C VAL A 90 -28.68 -11.83 54.71
N THR A 91 -28.45 -11.32 55.92
CA THR A 91 -27.22 -11.64 56.62
C THR A 91 -27.16 -13.12 56.99
N PHE A 92 -28.29 -13.68 57.43
CA PHE A 92 -28.32 -15.09 57.80
C PHE A 92 -28.02 -15.97 56.58
N TYR A 93 -28.65 -15.67 55.44
CA TYR A 93 -28.47 -16.48 54.25
C TYR A 93 -27.15 -16.20 53.55
N THR A 94 -26.54 -15.03 53.77
CA THR A 94 -25.19 -14.81 53.27
C THR A 94 -24.19 -15.70 54.00
N ALA A 95 -24.41 -15.91 55.30
CA ALA A 95 -23.54 -16.83 56.04
C ALA A 95 -23.78 -18.27 55.61
N GLU A 96 -25.04 -18.64 55.36
CA GLU A 96 -25.34 -19.98 54.86
C GLU A 96 -24.74 -20.18 53.48
N LEU A 97 -24.78 -19.14 52.63
CA LEU A 97 -24.16 -19.21 51.32
C LEU A 97 -22.68 -19.51 51.44
N LEU A 98 -21.98 -18.81 52.33
CA LEU A 98 -20.55 -19.05 52.52
C LEU A 98 -20.30 -20.46 53.03
N ARG A 99 -21.08 -20.90 54.02
CA ARG A 99 -20.96 -22.27 54.50
C ARG A 99 -21.12 -23.27 53.36
N ALA A 100 -22.12 -23.03 52.50
CA ALA A 100 -22.33 -23.92 51.36
C ALA A 100 -21.12 -23.91 50.44
N GLY A 101 -20.52 -22.74 50.23
CA GLY A 101 -19.30 -22.68 49.43
C GLY A 101 -18.16 -23.43 50.06
N ASP A 102 -18.00 -23.32 51.38
CA ASP A 102 -16.93 -24.04 52.07
C ASP A 102 -17.06 -25.55 51.89
N HIS A 103 -18.28 -26.08 52.03
CA HIS A 103 -18.46 -27.52 51.92
C HIS A 103 -18.19 -28.00 50.49
N ALA A 104 -18.41 -27.16 49.49
CA ALA A 104 -18.16 -27.50 48.11
C ALA A 104 -16.73 -27.18 47.68
N ASP A 105 -15.88 -26.76 48.62
CA ASP A 105 -14.47 -26.49 48.33
C ASP A 105 -14.31 -25.53 47.17
N MET A 106 -15.12 -24.48 47.15
CA MET A 106 -15.00 -23.46 46.11
C MET A 106 -13.89 -22.47 46.48
N SER A 107 -13.34 -21.83 45.45
CA SER A 107 -12.28 -20.86 45.67
C SER A 107 -12.80 -19.65 46.44
N ASP A 108 -11.87 -18.98 47.14
CA ASP A 108 -12.25 -17.80 47.91
C ASP A 108 -12.83 -16.72 47.03
N GLU A 109 -12.28 -16.55 45.82
CA GLU A 109 -12.80 -15.51 44.92
C GLU A 109 -14.21 -15.83 44.47
N ILE A 110 -14.54 -17.12 44.29
CA ILE A 110 -15.90 -17.48 43.92
C ILE A 110 -16.86 -17.18 45.07
N LYS A 111 -16.52 -17.65 46.28
CA LYS A 111 -17.35 -17.38 47.44
C LYS A 111 -17.66 -15.89 47.58
N ALA A 112 -16.61 -15.07 47.53
CA ALA A 112 -16.79 -13.64 47.74
C ALA A 112 -17.65 -13.03 46.64
N THR A 113 -17.49 -13.49 45.39
CA THR A 113 -18.30 -12.97 44.30
C THR A 113 -19.75 -13.42 44.43
N ALA A 114 -19.97 -14.69 44.76
CA ALA A 114 -21.33 -15.19 44.94
C ALA A 114 -22.03 -14.44 46.07
N ALA A 115 -21.34 -14.27 47.20
CA ALA A 115 -21.93 -13.54 48.32
C ALA A 115 -22.26 -12.11 47.93
N THR A 116 -21.36 -11.45 47.21
CA THR A 116 -21.60 -10.06 46.81
C THR A 116 -22.79 -9.96 45.86
N PHE A 117 -22.88 -10.87 44.89
CA PHE A 117 -24.08 -10.91 44.04
C PHE A 117 -25.34 -11.07 44.87
N PHE A 118 -25.28 -11.91 45.92
CA PHE A 118 -26.45 -12.11 46.76
C PHE A 118 -26.83 -10.80 47.47
N LYS A 119 -25.85 -10.13 48.06
CA LYS A 119 -26.13 -8.87 48.75
C LYS A 119 -26.62 -7.80 47.78
N ARG A 120 -26.02 -7.76 46.58
CA ARG A 120 -26.44 -6.77 45.59
C ARG A 120 -27.83 -7.08 45.06
N PHE A 121 -28.18 -8.35 44.94
CA PHE A 121 -29.50 -8.70 44.42
C PHE A 121 -30.60 -8.19 45.33
N TYR A 122 -30.41 -8.32 46.65
CA TYR A 122 -31.45 -8.03 47.63
C TYR A 122 -31.37 -6.60 48.17
N ILE A 123 -30.68 -5.70 47.49
CA ILE A 123 -30.76 -4.29 47.77
C ILE A 123 -31.58 -3.59 46.69
N THR A 124 -31.55 -4.12 45.47
CA THR A 124 -32.47 -3.69 44.44
C THR A 124 -33.79 -4.44 44.49
N ASN A 125 -33.81 -5.61 45.13
CA ASN A 125 -35.00 -6.43 45.25
C ASN A 125 -35.23 -6.76 46.72
N SER A 126 -36.49 -6.95 47.07
CA SER A 126 -36.87 -7.27 48.45
C SER A 126 -36.95 -8.77 48.65
N ILE A 127 -36.70 -9.20 49.89
CA ILE A 127 -36.79 -10.61 50.24
C ILE A 127 -38.22 -11.12 50.10
N MET A 128 -39.21 -10.24 50.20
CA MET A 128 -40.60 -10.63 50.06
C MET A 128 -41.01 -10.85 48.60
N THR A 129 -40.13 -10.55 47.65
CA THR A 129 -40.42 -10.71 46.23
C THR A 129 -39.87 -12.01 45.65
N TYR A 130 -38.61 -12.32 45.92
CA TYR A 130 -37.96 -13.52 45.40
C TYR A 130 -37.36 -14.34 46.55
N PRO A 131 -37.39 -15.67 46.43
CA PRO A 131 -37.05 -16.52 47.59
C PRO A 131 -35.56 -16.54 47.86
N PRO A 132 -35.12 -16.07 49.04
CA PRO A 132 -33.68 -16.11 49.35
C PRO A 132 -33.12 -17.51 49.45
N GLN A 133 -33.94 -18.50 49.80
CA GLN A 133 -33.44 -19.88 49.86
C GLN A 133 -32.96 -20.34 48.50
N GLU A 134 -33.60 -19.88 47.43
CA GLU A 134 -33.23 -20.26 46.07
C GLU A 134 -32.14 -19.35 45.51
N MET A 135 -32.29 -18.03 45.66
CA MET A 135 -31.27 -17.11 45.17
C MET A 135 -29.90 -17.40 45.78
N LEU A 136 -29.86 -18.06 46.94
CA LEU A 136 -28.58 -18.44 47.53
C LEU A 136 -27.81 -19.36 46.58
N LEU A 137 -28.48 -20.38 46.06
CA LEU A 137 -27.82 -21.30 45.13
C LEU A 137 -27.50 -20.61 43.81
N VAL A 138 -28.39 -19.72 43.35
CA VAL A 138 -28.15 -19.03 42.08
C VAL A 138 -26.90 -18.16 42.17
N ALA A 139 -26.72 -17.47 43.29
CA ALA A 139 -25.56 -16.60 43.45
C ALA A 139 -24.26 -17.39 43.44
N LEU A 140 -24.28 -18.63 43.95
CA LEU A 140 -23.09 -19.48 43.88
C LEU A 140 -22.85 -19.97 42.46
N PHE A 141 -23.91 -20.37 41.76
CA PHE A 141 -23.75 -20.86 40.40
C PHE A 141 -23.28 -19.74 39.46
N PHE A 142 -23.91 -18.58 39.55
CA PHE A 142 -23.50 -17.46 38.71
C PHE A 142 -22.16 -16.89 39.15
N GLY A 143 -21.83 -17.00 40.44
CA GLY A 143 -20.52 -16.57 40.89
C GLY A 143 -19.40 -17.36 40.26
N CYS A 144 -19.61 -18.66 40.08
CA CYS A 144 -18.63 -19.48 39.37
C CYS A 144 -18.38 -18.93 37.97
N LYS A 145 -19.46 -18.75 37.20
CA LYS A 145 -19.32 -18.24 35.84
C LYS A 145 -18.59 -16.90 35.82
N ALA A 146 -18.97 -16.00 36.72
CA ALA A 146 -18.33 -14.68 36.75
C ALA A 146 -16.84 -14.77 37.04
N GLU A 147 -16.37 -15.87 37.62
CA GLU A 147 -14.96 -16.06 37.94
C GLU A 147 -14.29 -17.08 37.03
N GLY A 148 -14.90 -17.38 35.89
CA GLY A 148 -14.28 -18.24 34.90
C GLY A 148 -14.54 -19.72 35.08
N ALA A 149 -15.39 -20.11 36.02
CA ALA A 149 -15.76 -21.51 36.24
C ALA A 149 -17.17 -21.73 35.72
N PHE A 150 -17.30 -22.51 34.65
CA PHE A 150 -18.58 -22.77 33.99
C PHE A 150 -18.89 -24.25 34.14
N PRO A 151 -19.41 -24.66 35.29
CA PRO A 151 -19.73 -26.08 35.51
C PRO A 151 -21.05 -26.46 34.86
N SER A 152 -21.27 -27.77 34.78
CA SER A 152 -22.54 -28.29 34.28
C SER A 152 -23.58 -28.17 35.39
N ILE A 153 -24.76 -27.65 35.04
CA ILE A 153 -25.79 -27.41 36.05
C ILE A 153 -26.15 -28.71 36.75
N SER A 154 -26.09 -29.85 36.02
CA SER A 154 -26.38 -31.13 36.65
C SER A 154 -25.36 -31.46 37.73
N ASP A 155 -24.08 -31.20 37.46
CA ASP A 155 -23.05 -31.46 38.46
C ASP A 155 -23.16 -30.47 39.62
N PHE A 156 -23.49 -29.22 39.32
CA PHE A 156 -23.67 -28.23 40.39
C PHE A 156 -24.81 -28.63 41.32
N ALA A 157 -25.92 -29.11 40.75
CA ALA A 157 -27.04 -29.55 41.57
C ALA A 157 -26.69 -30.77 42.40
N LYS A 158 -25.86 -31.67 41.86
CA LYS A 158 -25.41 -32.83 42.62
C LYS A 158 -24.76 -32.41 43.92
N THR A 159 -23.78 -31.50 43.84
CA THR A 159 -23.00 -31.15 45.03
C THR A 159 -23.86 -30.59 46.14
N PHE A 160 -24.99 -29.97 45.80
CA PHE A 160 -25.90 -29.40 46.79
C PHE A 160 -27.16 -30.25 46.98
N GLY A 161 -27.10 -31.52 46.57
CA GLY A 161 -28.24 -32.40 46.81
C GLY A 161 -29.54 -31.89 46.25
N ARG A 162 -29.49 -31.20 45.11
CA ARG A 162 -30.67 -30.66 44.46
C ARG A 162 -31.09 -31.61 43.33
N GLU A 163 -32.31 -32.14 43.41
CA GLU A 163 -32.71 -33.18 42.46
C GLU A 163 -33.01 -32.59 41.09
N ARG A 164 -33.69 -31.45 41.02
CA ARG A 164 -34.06 -30.84 39.74
C ARG A 164 -33.20 -29.61 39.49
N PRO A 165 -32.29 -29.64 38.51
CA PRO A 165 -31.43 -28.46 38.28
C PRO A 165 -32.17 -27.26 37.72
N GLU A 166 -33.31 -27.46 37.04
CA GLU A 166 -34.03 -26.32 36.47
C GLU A 166 -34.46 -25.32 37.54
N GLU A 167 -34.57 -25.75 38.80
CA GLU A 167 -34.94 -24.82 39.86
C GLU A 167 -33.89 -23.75 40.06
N ILE A 168 -32.63 -24.06 39.74
CA ILE A 168 -31.54 -23.09 39.90
C ILE A 168 -31.42 -22.18 38.69
N LEU A 169 -31.59 -22.73 37.48
CA LEU A 169 -31.46 -21.92 36.28
C LEU A 169 -32.53 -20.84 36.20
N ALA A 170 -33.71 -21.10 36.77
CA ALA A 170 -34.82 -20.15 36.66
C ALA A 170 -34.46 -18.78 37.22
N GLY A 171 -33.51 -18.71 38.13
CA GLY A 171 -33.15 -17.44 38.75
C GLY A 171 -31.88 -16.83 38.20
N GLU A 172 -31.19 -17.55 37.30
CA GLU A 172 -29.91 -17.06 36.81
C GLU A 172 -30.05 -15.70 36.14
N PHE A 173 -30.91 -15.60 35.12
CA PHE A 173 -31.07 -14.33 34.43
C PHE A 173 -31.69 -13.28 35.34
N LEU A 174 -32.59 -13.70 36.23
CA LEU A 174 -33.14 -12.76 37.21
C LEU A 174 -32.04 -12.14 38.05
N LEU A 175 -31.11 -12.96 38.55
CA LEU A 175 -29.99 -12.43 39.31
C LEU A 175 -29.17 -11.46 38.46
N CYS A 176 -28.94 -11.79 37.19
CA CYS A 176 -28.13 -10.93 36.34
C CYS A 176 -28.71 -9.53 36.28
N GLN A 177 -30.04 -9.41 36.12
CA GLN A 177 -30.67 -8.10 36.14
C GLN A 177 -30.53 -7.45 37.51
N GLY A 178 -30.70 -8.21 38.58
CA GLY A 178 -30.67 -7.63 39.91
C GLY A 178 -29.35 -6.94 40.22
N ILE A 179 -28.24 -7.55 39.81
CA ILE A 179 -26.91 -6.98 40.06
C ILE A 179 -26.58 -5.98 38.97
N ARG A 180 -27.56 -5.68 38.11
CA ARG A 180 -27.43 -4.63 37.11
C ARG A 180 -26.31 -4.94 36.12
N PHE A 181 -26.15 -6.23 35.80
CA PHE A 181 -25.22 -6.67 34.77
C PHE A 181 -23.77 -6.33 35.08
N ALA A 182 -23.46 -6.05 36.35
CA ALA A 182 -22.10 -5.76 36.78
C ALA A 182 -21.48 -7.05 37.30
N LEU A 183 -20.64 -7.67 36.49
CA LEU A 183 -20.04 -8.96 36.82
C LEU A 183 -18.62 -8.87 37.36
N ASP A 184 -17.98 -7.69 37.25
CA ASP A 184 -16.60 -7.51 37.70
C ASP A 184 -16.62 -7.03 39.15
N VAL A 185 -16.37 -7.95 40.09
CA VAL A 185 -16.32 -7.65 41.51
C VAL A 185 -14.88 -7.73 41.98
N LYS A 186 -14.48 -6.77 42.81
CA LYS A 186 -13.10 -6.61 43.23
C LYS A 186 -12.98 -7.05 44.68
N HIS A 187 -12.07 -7.97 44.94
CA HIS A 187 -11.88 -8.54 46.25
C HIS A 187 -10.52 -8.16 46.84
N PRO A 188 -10.38 -8.19 48.16
CA PRO A 188 -9.10 -7.79 48.79
C PRO A 188 -8.16 -8.95 49.10
N PHE A 189 -8.47 -10.18 48.67
CA PHE A 189 -7.59 -11.31 48.98
C PHE A 189 -6.22 -11.13 48.34
N ARG A 190 -6.19 -10.89 47.03
CA ARG A 190 -4.92 -10.67 46.35
C ARG A 190 -4.24 -9.40 46.83
N ALA A 191 -5.02 -8.37 47.17
CA ALA A 191 -4.45 -7.17 47.76
C ALA A 191 -3.69 -7.47 49.04
N LEU A 192 -4.18 -8.43 49.83
CA LEU A 192 -3.49 -8.78 51.08
C LEU A 192 -2.10 -9.34 50.81
N ARG A 193 -2.00 -10.31 49.90
CA ARG A 193 -0.70 -10.90 49.59
C ARG A 193 0.23 -9.86 48.98
N GLY A 194 -0.32 -8.86 48.29
CA GLY A 194 0.50 -7.77 47.79
C GLY A 194 1.04 -6.89 48.92
N ALA A 195 0.20 -6.64 49.93
CA ALA A 195 0.63 -5.81 51.05
C ALA A 195 1.70 -6.49 51.89
N ILE A 196 1.69 -7.82 51.96
CA ILE A 196 2.69 -8.54 52.73
C ILE A 196 4.07 -8.38 52.10
N MET A 197 4.15 -8.42 50.76
CA MET A 197 5.44 -8.29 50.10
C MET A 197 6.06 -6.92 50.37
N GLU A 198 5.26 -5.86 50.33
CA GLU A 198 5.79 -4.54 50.65
C GLU A 198 6.37 -4.50 52.06
N LEU A 199 5.73 -5.22 53.00
CA LEU A 199 6.25 -5.28 54.36
C LEU A 199 7.50 -6.14 54.44
N SER A 200 7.58 -7.20 53.64
CA SER A 200 8.73 -8.08 53.67
C SER A 200 10.03 -7.35 53.33
N THR A 201 9.93 -6.20 52.67
CA THR A 201 11.12 -5.42 52.32
C THR A 201 11.71 -4.69 53.52
N LEU A 202 10.92 -4.49 54.57
CA LEU A 202 11.44 -3.84 55.77
C LEU A 202 12.33 -4.80 56.55
N PRO A 203 13.53 -4.38 56.98
CA PRO A 203 14.42 -5.30 57.70
C PRO A 203 14.06 -5.49 59.17
N ASP A 204 13.41 -4.50 59.77
CA ASP A 204 13.07 -4.60 61.18
C ASP A 204 11.91 -5.57 61.43
N VAL A 205 11.00 -5.71 60.47
CA VAL A 205 9.85 -6.59 60.66
C VAL A 205 10.32 -8.04 60.68
N GLU A 206 9.62 -8.86 61.49
CA GLU A 206 9.96 -10.27 61.67
C GLU A 206 9.11 -11.14 60.75
N PRO A 207 9.70 -12.14 60.08
CA PRO A 207 8.89 -12.99 59.19
C PRO A 207 7.79 -13.75 59.92
N ALA A 208 8.10 -14.35 61.07
CA ALA A 208 7.09 -15.10 61.81
C ALA A 208 5.92 -14.21 62.19
N ARG A 209 6.19 -12.95 62.55
CA ARG A 209 5.12 -12.01 62.82
C ARG A 209 4.30 -11.74 61.56
N LEU A 210 4.97 -11.61 60.41
CA LEU A 210 4.26 -11.35 59.16
C LEU A 210 3.34 -12.50 58.80
N VAL A 211 3.81 -13.73 58.95
CA VAL A 211 3.00 -14.90 58.61
C VAL A 211 1.73 -14.91 59.45
N ALA A 212 1.87 -14.73 60.76
CA ALA A 212 0.69 -14.74 61.63
C ALA A 212 -0.30 -13.66 61.24
N ALA A 213 0.17 -12.46 60.92
CA ALA A 213 -0.72 -11.38 60.52
C ALA A 213 -1.48 -11.75 59.25
N GLU A 214 -0.77 -12.27 58.25
CA GLU A 214 -1.42 -12.64 56.99
C GLU A 214 -2.44 -13.75 57.19
N GLN A 215 -2.08 -14.78 57.97
CA GLN A 215 -3.00 -15.88 58.21
C GLN A 215 -4.31 -15.38 58.79
N ARG A 216 -4.24 -14.55 59.83
CA ARG A 216 -5.46 -14.07 60.47
C ARG A 216 -6.21 -13.12 59.55
N ALA A 217 -5.51 -12.14 58.97
CA ALA A 217 -6.17 -11.18 58.09
C ALA A 217 -6.92 -11.89 56.96
N ARG A 218 -6.42 -13.03 56.50
CA ARG A 218 -7.12 -13.75 55.45
C ARG A 218 -8.44 -14.33 55.95
N GLU A 219 -8.44 -14.92 57.14
CA GLU A 219 -9.68 -15.43 57.71
C GLU A 219 -10.69 -14.31 57.94
N ILE A 220 -10.20 -13.13 58.36
CA ILE A 220 -11.08 -11.99 58.54
C ILE A 220 -11.70 -11.60 57.21
N LEU A 221 -10.87 -11.48 56.16
CA LEU A 221 -11.38 -11.10 54.85
C LEU A 221 -12.37 -12.13 54.33
N ARG A 222 -12.18 -13.40 54.69
CA ARG A 222 -13.05 -14.48 54.21
C ARG A 222 -14.44 -14.43 54.80
N PHE A 223 -14.69 -13.61 55.83
CA PHE A 223 -16.00 -13.63 56.47
C PHE A 223 -16.49 -12.22 56.80
N SER A 224 -15.67 -11.44 57.50
CA SER A 224 -16.13 -10.17 58.05
C SER A 224 -16.68 -9.21 57.00
N PRO A 225 -15.99 -8.92 55.89
CA PRO A 225 -16.51 -7.93 54.95
C PRO A 225 -17.56 -8.48 54.00
N LEU A 226 -17.78 -9.80 53.98
CA LEU A 226 -18.82 -10.40 53.15
C LEU A 226 -20.16 -10.44 53.87
N ILE A 227 -20.15 -10.49 55.20
CA ILE A 227 -21.39 -10.51 55.97
C ILE A 227 -21.86 -9.11 56.34
N THR A 228 -20.98 -8.12 56.30
CA THR A 228 -21.29 -6.73 56.59
C THR A 228 -21.30 -5.93 55.29
N ASP A 229 -21.60 -4.63 55.41
CA ASP A 229 -21.67 -3.74 54.26
C ASP A 229 -20.32 -3.14 53.90
N ALA A 230 -19.22 -3.86 54.14
CA ALA A 230 -17.90 -3.28 53.91
C ALA A 230 -17.69 -2.90 52.45
N TYR A 231 -18.10 -3.78 51.52
CA TYR A 231 -17.84 -3.53 50.10
C TYR A 231 -18.51 -2.25 49.62
N PHE A 232 -19.66 -1.90 50.20
CA PHE A 232 -20.43 -0.76 49.70
C PHE A 232 -19.83 0.59 50.10
N HIS A 233 -19.03 0.63 51.17
CA HIS A 233 -18.51 1.88 51.69
C HIS A 233 -17.00 2.00 51.63
N PHE A 234 -16.28 0.93 51.30
CA PHE A 234 -14.83 0.94 51.34
C PHE A 234 -14.27 0.20 50.14
N THR A 235 -13.07 0.56 49.77
CA THR A 235 -12.32 0.02 48.65
C THR A 235 -11.57 -1.24 49.07
N PRO A 236 -11.35 -2.20 48.16
CA PRO A 236 -10.58 -3.39 48.54
C PRO A 236 -9.28 -3.08 49.25
N SER A 237 -8.56 -2.05 48.85
CA SER A 237 -7.37 -1.65 49.59
C SER A 237 -7.74 -1.20 51.00
N GLN A 238 -8.80 -0.42 51.12
CA GLN A 238 -9.23 0.04 52.44
C GLN A 238 -9.68 -1.14 53.31
N ILE A 239 -10.50 -2.03 52.75
CA ILE A 239 -10.93 -3.21 53.49
C ILE A 239 -9.73 -4.09 53.84
N MET A 240 -8.83 -4.28 52.87
CA MET A 240 -7.67 -5.13 53.09
C MET A 240 -6.83 -4.61 54.25
N LEU A 241 -6.53 -3.31 54.25
CA LEU A 241 -5.75 -2.73 55.35
C LEU A 241 -6.50 -2.84 56.68
N ALA A 242 -7.84 -2.78 56.64
CA ALA A 242 -8.60 -2.89 57.88
C ALA A 242 -8.50 -4.29 58.48
N ALA A 243 -8.62 -5.32 57.65
CA ALA A 243 -8.47 -6.68 58.15
C ALA A 243 -7.08 -6.92 58.69
N LEU A 244 -6.06 -6.35 58.04
CA LEU A 244 -4.70 -6.45 58.55
C LEU A 244 -4.54 -5.64 59.82
N SER A 245 -5.19 -4.47 59.89
CA SER A 245 -5.12 -3.66 61.10
C SER A 245 -5.70 -4.41 62.29
N LEU A 246 -6.74 -5.21 62.07
CA LEU A 246 -7.30 -6.02 63.14
C LEU A 246 -6.37 -7.16 63.53
N ALA A 247 -5.64 -7.72 62.56
CA ALA A 247 -4.72 -8.82 62.85
C ALA A 247 -3.44 -8.31 63.51
N ASP A 248 -2.93 -7.16 63.05
CA ASP A 248 -1.69 -6.61 63.61
C ASP A 248 -1.69 -5.12 63.28
N ARG A 249 -2.21 -4.31 64.21
CA ARG A 249 -2.31 -2.87 63.98
C ARG A 249 -0.96 -2.24 63.68
N GLY A 250 0.12 -2.77 64.26
CA GLY A 250 1.43 -2.21 64.01
C GLY A 250 1.83 -2.27 62.55
N LEU A 251 1.59 -3.42 61.91
CA LEU A 251 1.95 -3.57 60.50
C LEU A 251 1.11 -2.65 59.62
N ALA A 252 -0.19 -2.54 59.91
CA ALA A 252 -1.06 -1.70 59.08
C ALA A 252 -0.65 -0.24 59.17
N GLU A 253 -0.40 0.26 60.39
CA GLU A 253 0.04 1.64 60.54
C GLU A 253 1.40 1.84 59.88
N ARG A 254 2.29 0.85 59.98
CA ARG A 254 3.60 0.97 59.35
C ARG A 254 3.48 1.18 57.86
N LEU A 255 2.65 0.36 57.20
CA LEU A 255 2.54 0.42 55.75
C LEU A 255 2.00 1.77 55.29
N ILE A 256 0.99 2.31 56.01
CA ILE A 256 0.41 3.59 55.63
C ILE A 256 1.41 4.72 55.87
N GLN A 257 2.13 4.68 56.99
CA GLN A 257 3.09 5.74 57.27
C GLN A 257 4.19 5.79 56.21
N ASP A 258 4.67 4.61 55.78
CA ASP A 258 5.81 4.57 54.86
C ASP A 258 5.45 5.21 53.51
N THR A 259 4.31 4.83 52.94
CA THR A 259 3.98 5.31 51.60
C THR A 259 3.76 6.82 51.57
N PHE A 260 3.15 7.37 52.63
CA PHE A 260 2.92 8.82 52.68
C PHE A 260 4.15 9.57 53.15
N HIS A 261 5.06 8.91 53.87
CA HIS A 261 6.34 9.54 54.22
C HIS A 261 7.15 9.83 52.97
N TYR A 262 7.18 8.90 52.01
CA TYR A 262 7.96 9.07 50.80
C TYR A 262 7.05 9.13 49.58
N SER A 312 0.69 13.85 55.02
CA SER A 312 -0.10 15.00 54.63
C SER A 312 -1.52 14.89 55.20
N HIS A 313 -2.38 15.83 54.82
CA HIS A 313 -3.77 15.78 55.27
C HIS A 313 -4.46 14.52 54.78
N VAL A 314 -4.13 14.07 53.56
CA VAL A 314 -4.76 12.86 53.02
C VAL A 314 -4.39 11.64 53.84
N ARG A 315 -3.17 11.59 54.39
CA ARG A 315 -2.79 10.46 55.23
C ARG A 315 -3.74 10.33 56.41
N ASP A 316 -4.05 11.44 57.08
CA ASP A 316 -4.96 11.39 58.21
C ASP A 316 -6.37 11.00 57.78
N LYS A 317 -6.80 11.44 56.60
CA LYS A 317 -8.13 11.06 56.12
C LYS A 317 -8.20 9.59 55.73
N VAL A 318 -7.10 9.03 55.22
CA VAL A 318 -7.08 7.60 54.93
C VAL A 318 -7.11 6.80 56.22
N LEU A 319 -6.27 7.17 57.19
CA LEU A 319 -6.26 6.48 58.47
C LEU A 319 -7.63 6.52 59.12
N GLY A 320 -8.31 7.68 59.05
CA GLY A 320 -9.66 7.75 59.60
C GLY A 320 -10.63 6.85 58.87
N THR A 321 -10.45 6.70 57.55
CA THR A 321 -11.33 5.82 56.78
C THR A 321 -11.10 4.36 57.14
N ILE A 322 -9.83 3.95 57.27
CA ILE A 322 -9.55 2.57 57.66
C ILE A 322 -10.10 2.28 59.05
N GLU A 323 -10.00 3.25 59.96
CA GLU A 323 -10.52 3.06 61.30
C GLU A 323 -12.03 2.89 61.29
N ALA A 324 -12.72 3.63 60.42
CA ALA A 324 -14.15 3.45 60.26
C ALA A 324 -14.46 2.05 59.73
N CYS A 325 -13.67 1.58 58.75
CA CYS A 325 -13.84 0.22 58.26
C CYS A 325 -13.44 -0.81 59.32
N ARG A 326 -12.39 -0.51 60.08
CA ARG A 326 -11.95 -1.42 61.13
C ARG A 326 -13.06 -1.68 62.13
N ASP A 327 -13.85 -0.65 62.45
CA ASP A 327 -14.94 -0.80 63.41
C ASP A 327 -16.11 -1.57 62.81
N MET A 328 -16.40 -1.33 61.53
CA MET A 328 -17.49 -2.06 60.88
C MET A 328 -17.20 -3.56 60.83
N LEU A 329 -15.94 -3.92 60.52
CA LEU A 329 -15.59 -5.33 60.42
C LEU A 329 -15.62 -6.01 61.78
N SER A 330 -15.22 -5.32 62.84
CA SER A 330 -15.11 -5.94 64.15
C SER A 330 -16.43 -6.51 64.64
N LYS A 331 -17.56 -5.99 64.17
CA LYS A 331 -18.86 -6.43 64.65
C LYS A 331 -19.26 -7.82 64.12
N GLU A 332 -18.53 -8.36 63.15
CA GLU A 332 -18.84 -9.68 62.59
C GLU A 332 -17.54 -10.40 62.26
N LEU A 333 -16.75 -10.70 63.28
CA LEU A 333 -15.47 -11.35 63.11
C LEU A 333 -15.68 -12.82 62.77
N PRO A 334 -14.62 -13.50 62.32
CA PRO A 334 -14.77 -14.92 61.94
C PRO A 334 -15.35 -15.80 63.04
N GLU A 335 -15.18 -15.44 64.30
CA GLU A 335 -15.73 -16.26 65.38
C GLU A 335 -17.25 -16.33 65.31
N ARG A 336 -17.89 -15.33 64.69
CA ARG A 336 -19.34 -15.31 64.56
C ARG A 336 -19.87 -16.36 63.59
N ARG A 337 -18.99 -17.13 62.94
CA ARG A 337 -19.45 -18.19 62.05
C ARG A 337 -20.39 -19.13 62.77
N GLU A 338 -20.10 -19.42 64.04
CA GLU A 338 -20.95 -20.32 64.83
C GLU A 338 -22.24 -19.66 65.28
N HIS A 339 -22.27 -18.32 65.37
CA HIS A 339 -23.49 -17.64 65.77
C HIS A 339 -24.60 -17.81 64.74
N TRP A 340 -24.25 -17.69 63.45
CA TRP A 340 -25.24 -17.79 62.39
C TRP A 340 -25.56 -19.24 62.02
N ASN A 341 -24.83 -20.21 62.57
CA ASN A 341 -25.15 -21.62 62.39
C ASN A 341 -25.71 -22.25 63.67
N ASN A 342 -25.93 -21.44 64.71
CA ASN A 342 -26.43 -21.95 65.97
C ASN A 342 -27.90 -22.32 65.85
N LYS A 343 -28.26 -23.48 66.39
CA LYS A 343 -29.64 -23.92 66.34
C LYS A 343 -30.54 -23.07 67.22
N THR A 344 -30.01 -22.55 68.34
CA THR A 344 -30.81 -21.71 69.22
C THR A 344 -31.00 -20.32 68.64
N VAL A 345 -29.96 -19.75 68.03
CA VAL A 345 -30.11 -18.45 67.36
C VAL A 345 -31.12 -18.56 66.23
N TYR A 346 -31.07 -19.66 65.49
CA TYR A 346 -32.02 -19.85 64.40
C TYR A 346 -33.45 -19.89 64.93
N LYS A 347 -33.71 -20.79 65.87
CA LYS A 347 -35.08 -20.98 66.37
C LYS A 347 -35.62 -19.71 67.01
N ALA A 348 -34.75 -18.92 67.65
CA ALA A 348 -35.20 -17.75 68.39
C ALA A 348 -35.28 -16.48 67.54
N GLN A 349 -34.31 -16.26 66.66
CA GLN A 349 -34.22 -15.01 65.92
C GLN A 349 -34.61 -15.13 64.45
N ILE A 350 -34.34 -16.27 63.82
CA ILE A 350 -34.57 -16.41 62.38
C ILE A 350 -35.92 -17.03 62.09
N GLN A 351 -36.26 -18.14 62.76
CA GLN A 351 -37.49 -18.84 62.43
C GLN A 351 -38.72 -17.94 62.52
N PRO A 352 -38.91 -17.15 63.58
CA PRO A 352 -40.06 -16.23 63.58
C PRO A 352 -40.15 -15.39 62.32
N ILE A 353 -39.02 -14.93 61.78
CA ILE A 353 -39.05 -14.07 60.60
C ILE A 353 -39.48 -14.87 59.38
N ARG A 354 -38.96 -16.08 59.22
CA ARG A 354 -39.35 -16.90 58.09
C ARG A 354 -40.85 -17.19 58.09
N LYS A 355 -41.47 -17.33 59.27
CA LYS A 355 -42.91 -17.53 59.31
C LYS A 355 -43.67 -16.27 58.93
N LYS A 356 -43.18 -15.10 59.36
CA LYS A 356 -43.80 -13.86 58.95
C LYS A 356 -43.68 -13.67 57.44
N LEU A 357 -42.56 -14.11 56.86
CA LEU A 357 -42.36 -13.99 55.43
C LEU A 357 -43.21 -14.98 54.65
N ASN A 358 -43.56 -16.11 55.27
CA ASN A 358 -44.29 -17.16 54.57
C ASN A 358 -45.73 -16.79 54.26
N LYS A 359 -46.27 -15.76 54.91
CA LYS A 359 -47.66 -15.38 54.73
C LYS A 359 -47.84 -14.03 54.04
N CYS A 360 -46.76 -13.31 53.77
CA CYS A 360 -46.85 -12.02 53.07
C CYS A 360 -46.00 -11.99 51.80
N ARG A 361 -45.50 -13.13 51.36
CA ARG A 361 -44.64 -13.18 50.17
C ARG A 361 -45.46 -12.96 48.90
N ASP A 362 -44.76 -12.59 47.84
CA ASP A 362 -45.39 -12.43 46.53
C ASP A 362 -45.88 -13.77 46.03
N PRO A 363 -47.16 -13.92 45.68
CA PRO A 363 -47.65 -15.24 45.27
C PRO A 363 -47.21 -15.67 43.87
N ASP A 364 -46.96 -14.73 42.96
CA ASP A 364 -46.65 -15.08 41.58
C ASP A 364 -45.15 -15.27 41.35
N ARG A 365 -44.31 -14.48 42.01
CA ARG A 365 -42.88 -14.52 41.75
C ARG A 365 -42.11 -15.49 42.63
N TRP A 366 -42.72 -16.00 43.71
CA TRP A 366 -41.95 -16.86 44.62
C TRP A 366 -41.50 -18.14 43.91
N ASN A 367 -42.35 -18.70 43.06
CA ASN A 367 -42.02 -19.91 42.31
C ASN A 367 -41.28 -19.49 41.05
N LEU A 368 -39.95 -19.62 41.09
CA LEU A 368 -39.12 -19.18 39.96
C LEU A 368 -39.41 -19.99 38.71
N VAL A 369 -39.57 -21.31 38.86
CA VAL A 369 -39.82 -22.16 37.70
C VAL A 369 -41.12 -21.75 37.01
N GLU A 370 -42.14 -21.39 37.80
CA GLU A 370 -43.39 -20.93 37.20
C GLU A 370 -43.24 -19.53 36.62
N LEU A 371 -42.58 -18.63 37.36
CA LEU A 371 -42.30 -17.30 36.82
C LEU A 371 -41.63 -17.39 35.46
N GLN A 372 -40.65 -18.30 35.32
CA GLN A 372 -39.98 -18.47 34.04
C GLN A 372 -40.93 -19.06 33.00
N ARG A 373 -41.79 -19.99 33.41
CA ARG A 373 -42.68 -20.64 32.46
C ARG A 373 -43.62 -19.64 31.79
N ILE A 374 -44.24 -18.78 32.59
CA ILE A 374 -45.23 -17.86 32.04
C ILE A 374 -44.56 -16.76 31.23
N ARG A 375 -43.32 -16.39 31.57
CA ARG A 375 -42.64 -15.35 30.81
C ARG A 375 -42.10 -15.87 29.49
N ARG A 376 -41.79 -17.17 29.40
CA ARG A 376 -41.44 -17.75 28.11
C ARG A 376 -42.66 -17.90 27.22
N GLU A 377 -43.78 -18.37 27.80
CA GLU A 377 -45.00 -18.51 27.02
C GLU A 377 -45.59 -17.17 26.64
N GLN A 378 -45.40 -16.14 27.46
CA GLN A 378 -45.87 -14.80 27.10
C GLN A 378 -45.09 -14.24 25.92
N ALA A 379 -43.80 -14.57 25.79
CA ALA A 379 -43.01 -14.07 24.68
C ALA A 379 -43.26 -14.85 23.40
N SER A 380 -43.56 -16.14 23.51
CA SER A 380 -43.84 -16.95 22.34
C SER A 380 -45.26 -16.70 21.82
N ARG A 381 -46.25 -17.03 22.64
CA ARG A 381 -47.65 -16.87 22.28
C ARG A 381 -48.11 -15.49 22.75
N LYS A 382 -48.43 -14.61 21.81
CA LYS A 382 -48.85 -13.26 22.16
C LYS A 382 -50.32 -13.24 22.59
N GLY A 383 -51.22 -13.63 21.71
CA GLY A 383 -52.64 -13.69 22.02
C GLY A 383 -53.23 -15.06 21.71
N PHE A 384 -52.37 -16.00 21.31
CA PHE A 384 -52.81 -17.34 20.96
C PHE A 384 -52.81 -18.23 22.19
N ASP A 385 -53.94 -18.90 22.43
CA ASP A 385 -54.07 -19.75 23.62
C ASP A 385 -55.19 -20.75 23.38
N SER A 386 -55.01 -21.96 23.93
CA SER A 386 -56.04 -22.99 23.88
C SER A 386 -56.19 -23.73 25.20
N ASP A 387 -55.65 -23.19 26.29
CA ASP A 387 -55.72 -23.82 27.60
C ASP A 387 -56.40 -22.94 28.66
N ASP A 388 -56.89 -21.77 28.29
CA ASP A 388 -57.47 -20.83 29.24
C ASP A 388 -58.94 -21.16 29.47
N GLU A 389 -59.31 -21.30 30.75
CA GLU A 389 -60.68 -21.60 31.13
C GLU A 389 -61.36 -20.43 31.84
N GLY A 390 -60.70 -19.27 31.88
CA GLY A 390 -61.28 -18.10 32.52
C GLY A 390 -60.42 -17.55 33.64
N PRO B 78 -44.02 -4.40 36.64
CA PRO B 78 -44.30 -3.60 37.84
C PRO B 78 -43.09 -3.47 38.78
N ASP B 79 -42.06 -4.27 38.55
CA ASP B 79 -40.90 -4.25 39.42
C ASP B 79 -40.11 -2.96 39.21
N PRO B 80 -39.54 -2.37 40.26
CA PRO B 80 -38.73 -1.16 40.06
C PRO B 80 -37.55 -1.36 39.13
N VAL B 81 -36.86 -2.50 39.24
CA VAL B 81 -35.76 -2.78 38.33
C VAL B 81 -36.28 -3.05 36.91
N GLU B 82 -37.48 -3.62 36.80
CA GLU B 82 -38.00 -3.94 35.48
C GLU B 82 -38.34 -2.68 34.70
N GLN B 83 -38.97 -1.69 35.35
CA GLN B 83 -39.25 -0.43 34.66
C GLN B 83 -37.97 0.35 34.39
N MET B 84 -36.96 0.21 35.25
CA MET B 84 -35.68 0.86 34.98
C MET B 84 -35.04 0.28 33.73
N ASN B 85 -35.15 -1.04 33.53
CA ASN B 85 -34.62 -1.64 32.30
C ASN B 85 -35.39 -1.14 31.09
N GLU B 86 -36.71 -0.97 31.21
CA GLU B 86 -37.48 -0.46 30.09
C GLU B 86 -37.10 0.99 29.79
N ALA B 87 -36.83 1.77 30.83
CA ALA B 87 -36.37 3.14 30.64
C ALA B 87 -35.05 3.18 29.88
N GLU B 88 -34.18 2.20 30.13
CA GLU B 88 -32.90 2.16 29.42
C GLU B 88 -33.07 1.67 27.99
N LYS B 89 -33.99 0.72 27.76
CA LYS B 89 -34.27 0.28 26.40
C LYS B 89 -34.87 1.41 25.56
N ARG B 90 -35.61 2.33 26.21
CA ARG B 90 -36.17 3.46 25.49
C ARG B 90 -35.11 4.44 25.02
N LYS B 91 -33.90 4.39 25.60
CA LYS B 91 -32.85 5.32 25.23
C LYS B 91 -32.35 5.10 23.81
N TYR B 92 -32.53 3.90 23.26
CA TYR B 92 -32.00 3.54 21.96
C TYR B 92 -33.12 2.97 21.10
N ILE B 93 -33.25 3.50 19.88
CA ILE B 93 -34.31 3.11 18.96
C ILE B 93 -33.75 2.06 18.01
N LYS B 94 -34.40 0.91 17.93
CA LYS B 94 -33.92 -0.18 17.11
C LYS B 94 -34.31 0.05 15.65
N GLY B 95 -33.40 -0.30 14.74
CA GLY B 95 -33.59 -0.08 13.32
C GLY B 95 -33.38 -1.35 12.52
N LYS B 96 -32.68 -1.20 11.39
CA LYS B 96 -32.45 -2.31 10.48
C LYS B 96 -31.74 -3.47 11.17
N LYS B 97 -32.01 -4.68 10.69
CA LYS B 97 -31.34 -5.88 11.17
C LYS B 97 -30.07 -6.07 10.34
N LEU B 98 -28.92 -5.72 10.92
CA LEU B 98 -27.66 -5.82 10.19
C LEU B 98 -27.12 -7.24 10.17
N GLY B 99 -27.53 -8.08 11.12
CA GLY B 99 -26.99 -9.43 11.21
C GLY B 99 -27.99 -10.34 11.89
N GLU B 100 -27.97 -11.61 11.48
CA GLU B 100 -28.84 -12.63 12.06
C GLU B 100 -27.96 -13.78 12.52
N GLY B 101 -28.45 -14.53 13.50
CA GLY B 101 -27.70 -15.66 14.01
C GLY B 101 -28.41 -16.29 15.19
N THR B 102 -28.06 -17.56 15.43
CA THR B 102 -28.65 -18.30 16.53
C THR B 102 -28.15 -17.78 17.88
N TYR B 103 -26.90 -17.35 17.95
CA TYR B 103 -26.35 -16.83 19.20
C TYR B 103 -26.82 -15.40 19.46
N ALA B 104 -26.79 -14.55 18.45
CA ALA B 104 -27.15 -13.14 18.62
C ALA B 104 -27.70 -12.59 17.32
N ASN B 105 -28.48 -11.51 17.46
CA ASN B 105 -28.97 -10.74 16.33
C ASN B 105 -28.54 -9.29 16.51
N VAL B 106 -27.99 -8.70 15.46
CA VAL B 106 -27.47 -7.33 15.49
C VAL B 106 -28.44 -6.42 14.77
N TYR B 107 -28.75 -5.28 15.39
CA TYR B 107 -29.65 -4.30 14.82
C TYR B 107 -29.00 -2.93 14.85
N LEU B 108 -29.24 -2.14 13.81
CA LEU B 108 -28.83 -0.74 13.84
C LEU B 108 -29.74 0.06 14.76
N GLY B 109 -29.15 0.99 15.50
CA GLY B 109 -29.93 1.81 16.42
C GLY B 109 -29.31 3.18 16.59
N HIS B 110 -30.04 4.04 17.29
CA HIS B 110 -29.59 5.41 17.51
C HIS B 110 -30.30 5.98 18.73
N SER B 111 -29.59 6.84 19.45
CA SER B 111 -30.14 7.46 20.65
C SER B 111 -31.40 8.25 20.31
N ARG B 112 -32.38 8.21 21.22
CA ARG B 112 -33.58 8.99 21.02
C ARG B 112 -33.31 10.49 21.19
N ASP B 113 -32.38 10.85 22.07
CA ASP B 113 -32.05 12.25 22.29
C ASP B 113 -31.17 12.83 21.19
N ASP B 114 -30.49 12.00 20.42
CA ASP B 114 -29.62 12.46 19.33
C ASP B 114 -29.66 11.44 18.21
N PRO B 115 -30.70 11.48 17.36
CA PRO B 115 -30.81 10.47 16.30
C PRO B 115 -29.61 10.40 15.37
N ASN B 116 -28.73 11.40 15.37
CA ASN B 116 -27.51 11.32 14.59
C ASN B 116 -26.46 10.42 15.25
N PHE B 117 -26.58 10.20 16.56
CA PHE B 117 -25.70 9.28 17.28
C PHE B 117 -26.20 7.86 17.01
N LYS B 118 -25.48 7.13 16.18
CA LYS B 118 -25.87 5.76 15.83
C LYS B 118 -25.27 4.77 16.81
N VAL B 119 -25.82 3.56 16.80
CA VAL B 119 -25.47 2.53 17.77
C VAL B 119 -25.84 1.17 17.17
N ALA B 120 -25.18 0.12 17.65
CA ALA B 120 -25.48 -1.25 17.25
C ALA B 120 -25.97 -2.00 18.48
N ILE B 121 -27.09 -2.70 18.33
CA ILE B 121 -27.72 -3.42 19.43
C ILE B 121 -27.62 -4.90 19.12
N LYS B 122 -26.80 -5.61 19.89
CA LYS B 122 -26.67 -7.05 19.76
C LYS B 122 -27.66 -7.71 20.71
N LYS B 123 -28.63 -8.42 20.15
CA LYS B 123 -29.65 -9.09 20.93
C LYS B 123 -29.19 -10.53 21.11
N ILE B 124 -28.66 -10.83 22.29
CA ILE B 124 -28.15 -12.16 22.59
C ILE B 124 -29.34 -13.03 22.97
N LYS B 125 -29.53 -14.13 22.24
CA LYS B 125 -30.62 -15.04 22.53
C LYS B 125 -30.17 -15.89 23.71
N VAL B 126 -30.59 -15.47 24.92
CA VAL B 126 -30.18 -16.15 26.15
C VAL B 126 -30.40 -17.64 26.05
N GLN B 127 -31.37 -18.07 25.25
CA GLN B 127 -31.62 -19.49 25.02
C GLN B 127 -31.14 -19.79 23.61
N ALA B 128 -29.93 -20.36 23.51
CA ALA B 128 -29.30 -20.69 22.23
C ALA B 128 -28.78 -22.12 22.27
N GLN B 129 -29.70 -23.07 22.44
CA GLN B 129 -29.44 -24.51 22.43
C GLN B 129 -28.49 -24.94 23.54
N TYR B 130 -28.37 -24.14 24.60
CA TYR B 130 -27.47 -24.40 25.73
C TYR B 130 -28.28 -24.83 26.94
N LYS B 131 -28.02 -26.04 27.44
CA LYS B 131 -28.78 -26.59 28.54
C LYS B 131 -28.21 -26.24 29.91
N ASP B 132 -27.11 -25.49 29.97
CA ASP B 132 -26.47 -25.12 31.24
C ASP B 132 -26.65 -23.65 31.59
N GLY B 133 -27.75 -23.04 31.13
CA GLY B 133 -28.01 -21.65 31.48
C GLY B 133 -27.30 -20.68 30.56
N MET B 134 -26.94 -19.53 31.12
CA MET B 134 -26.29 -18.48 30.33
C MET B 134 -24.97 -18.97 29.76
N ALA B 135 -24.76 -18.69 28.47
CA ALA B 135 -23.58 -19.19 27.78
C ALA B 135 -22.33 -18.44 28.24
N PRO B 136 -21.17 -19.12 28.26
CA PRO B 136 -19.95 -18.46 28.75
C PRO B 136 -19.54 -17.27 27.90
N ASP B 137 -19.74 -17.33 26.58
CA ASP B 137 -19.39 -16.19 25.74
C ASP B 137 -20.21 -14.96 26.11
N ALA B 138 -21.44 -15.16 26.60
CA ALA B 138 -22.26 -14.03 27.02
C ALA B 138 -21.74 -13.46 28.35
N VAL B 139 -21.45 -14.33 29.31
CA VAL B 139 -20.97 -13.88 30.61
C VAL B 139 -19.64 -13.15 30.45
N ARG B 140 -18.74 -13.70 29.63
CA ARG B 140 -17.42 -13.11 29.47
C ARG B 140 -17.50 -11.73 28.82
N GLU B 141 -18.27 -11.62 27.74
CA GLU B 141 -18.41 -10.32 27.08
C GLU B 141 -18.97 -9.28 28.04
N LEU B 142 -20.01 -9.66 28.80
CA LEU B 142 -20.63 -8.71 29.72
C LEU B 142 -19.64 -8.22 30.76
N LYS B 143 -18.76 -9.12 31.24
CA LYS B 143 -17.81 -8.75 32.29
C LYS B 143 -16.66 -7.91 31.74
N TYR B 144 -15.99 -8.41 30.70
CA TYR B 144 -14.72 -7.81 30.30
C TYR B 144 -14.89 -6.59 29.42
N LEU B 145 -15.94 -6.53 28.60
CA LEU B 145 -16.18 -5.33 27.81
C LEU B 145 -16.43 -4.13 28.72
N ARG B 146 -17.10 -4.34 29.86
CA ARG B 146 -17.27 -3.26 30.82
C ARG B 146 -15.95 -2.94 31.51
N GLU B 147 -15.14 -3.97 31.78
CA GLU B 147 -13.87 -3.76 32.47
C GLU B 147 -12.90 -2.95 31.62
N LEU B 148 -12.84 -3.24 30.33
CA LEU B 148 -11.91 -2.60 29.41
C LEU B 148 -12.45 -1.31 28.81
N ARG B 149 -13.69 -0.94 29.10
CA ARG B 149 -14.29 0.23 28.52
C ARG B 149 -13.41 1.46 28.73
N GLY B 150 -13.32 2.28 27.68
CA GLY B 150 -12.56 3.52 27.71
C GLY B 150 -11.41 3.57 26.73
N HIS B 151 -10.98 2.44 26.17
CA HIS B 151 -9.83 2.53 25.29
C HIS B 151 -10.28 2.66 23.84
N PRO B 152 -9.58 3.44 23.02
CA PRO B 152 -10.08 3.70 21.65
C PRO B 152 -10.02 2.50 20.73
N ASN B 153 -9.22 1.49 21.04
CA ASN B 153 -9.07 0.31 20.20
C ASN B 153 -9.76 -0.92 20.77
N ILE B 154 -10.70 -0.73 21.70
CA ILE B 154 -11.54 -1.80 22.21
C ILE B 154 -12.98 -1.40 21.99
N ILE B 155 -13.78 -2.31 21.42
CA ILE B 155 -15.17 -1.99 21.11
C ILE B 155 -15.87 -1.54 22.39
N GLY B 156 -16.53 -0.38 22.32
CA GLY B 156 -17.13 0.21 23.49
C GLY B 156 -18.52 -0.36 23.76
N LEU B 157 -18.72 -0.82 24.99
CA LEU B 157 -20.04 -1.26 25.45
C LEU B 157 -20.76 -0.04 26.02
N ILE B 158 -21.71 0.50 25.24
CA ILE B 158 -22.36 1.74 25.64
C ILE B 158 -23.35 1.49 26.78
N SER B 159 -24.12 0.41 26.70
CA SER B 159 -25.15 0.16 27.70
C SER B 159 -25.57 -1.31 27.61
N VAL B 160 -26.28 -1.76 28.64
CA VAL B 160 -26.83 -3.11 28.71
C VAL B 160 -28.23 -3.03 29.30
N PHE B 161 -29.18 -3.73 28.69
CA PHE B 161 -30.53 -3.79 29.22
C PHE B 161 -31.14 -5.14 28.85
N SER B 162 -32.14 -5.54 29.62
CA SER B 162 -32.84 -6.79 29.41
C SER B 162 -34.11 -6.54 28.60
N SER B 163 -34.43 -7.47 27.72
CA SER B 163 -35.56 -7.34 26.81
C SER B 163 -36.84 -7.87 27.45
N LYS B 164 -37.98 -7.54 26.83
CA LYS B 164 -39.26 -8.02 27.33
C LYS B 164 -39.32 -9.55 27.31
N ASP B 165 -38.67 -10.18 26.32
CA ASP B 165 -38.65 -11.64 26.20
C ASP B 165 -37.52 -12.27 27.00
N GLN B 166 -37.04 -11.59 28.05
CA GLN B 166 -35.98 -12.12 28.92
C GLN B 166 -34.72 -12.45 28.12
N ASN B 167 -34.41 -11.61 27.14
CA ASN B 167 -33.18 -11.72 26.37
C ASN B 167 -32.22 -10.61 26.75
N LEU B 168 -30.94 -10.85 26.48
CA LEU B 168 -29.88 -9.91 26.82
C LEU B 168 -29.55 -9.05 25.61
N ASN B 169 -29.40 -7.75 25.83
CA ASN B 169 -29.12 -6.80 24.77
C ASN B 169 -27.88 -6.00 25.11
N LEU B 170 -26.97 -5.90 24.14
CA LEU B 170 -25.74 -5.13 24.29
C LEU B 170 -25.77 -3.96 23.32
N VAL B 171 -25.73 -2.74 23.86
CA VAL B 171 -25.64 -1.54 23.05
C VAL B 171 -24.16 -1.25 22.85
N LEU B 172 -23.68 -1.43 21.62
CA LEU B 172 -22.26 -1.40 21.32
C LEU B 172 -21.94 -0.28 20.34
N GLU B 173 -20.66 0.06 20.26
CA GLU B 173 -20.17 1.00 19.28
C GLU B 173 -20.59 0.55 17.88
N TYR B 174 -21.02 1.51 17.06
CA TYR B 174 -21.38 1.22 15.68
C TYR B 174 -20.13 1.30 14.81
N LEU B 175 -19.75 0.16 14.22
CA LEU B 175 -18.53 0.03 13.43
C LEU B 175 -18.91 -0.40 12.01
N PRO B 176 -19.22 0.54 11.13
CA PRO B 176 -19.81 0.16 9.83
C PRO B 176 -18.81 -0.31 8.78
N LEU B 177 -17.52 -0.08 8.95
CA LEU B 177 -16.54 -0.37 7.91
C LEU B 177 -16.04 -1.82 7.94
N GLY B 178 -16.73 -2.70 8.65
CA GLY B 178 -16.39 -4.11 8.60
C GLY B 178 -15.25 -4.49 9.51
N ASP B 179 -14.41 -5.42 9.06
CA ASP B 179 -13.28 -5.91 9.84
C ASP B 179 -12.06 -6.02 8.94
N LEU B 180 -10.94 -6.46 9.53
CA LEU B 180 -9.69 -6.54 8.79
C LEU B 180 -9.58 -7.78 7.93
N GLU B 181 -10.34 -8.84 8.22
CA GLU B 181 -10.28 -10.04 7.40
C GLU B 181 -10.78 -9.74 5.99
N MET B 182 -11.92 -9.07 5.89
CA MET B 182 -12.52 -8.82 4.58
C MET B 182 -11.65 -7.88 3.75
N LEU B 183 -10.93 -6.96 4.38
CA LEU B 183 -9.97 -6.15 3.64
C LEU B 183 -8.84 -7.03 3.10
N ILE B 184 -8.28 -7.89 3.96
CA ILE B 184 -7.20 -8.77 3.54
C ILE B 184 -7.66 -9.70 2.43
N ARG B 185 -8.88 -10.24 2.54
CA ARG B 185 -9.35 -11.18 1.53
C ARG B 185 -9.66 -10.48 0.21
N ASP B 186 -9.98 -9.19 0.25
CA ASP B 186 -10.40 -8.46 -0.96
C ASP B 186 -9.15 -8.07 -1.76
N VAL B 187 -8.53 -9.09 -2.35
CA VAL B 187 -7.30 -8.88 -3.09
C VAL B 187 -7.55 -8.17 -4.41
N GLU B 188 -8.77 -8.25 -4.95
CA GLU B 188 -9.02 -7.67 -6.25
C GLU B 188 -9.23 -6.16 -6.19
N ARG B 189 -9.83 -5.64 -5.12
CA ARG B 189 -10.22 -4.25 -5.05
C ARG B 189 -9.52 -3.44 -3.97
N VAL B 190 -9.09 -4.04 -2.88
CA VAL B 190 -8.51 -3.32 -1.75
C VAL B 190 -6.99 -3.34 -1.86
N ARG B 191 -6.38 -2.15 -1.86
CA ARG B 191 -4.94 -1.99 -1.96
C ARG B 191 -4.43 -1.33 -0.69
N TYR B 192 -3.47 -1.97 -0.03
CA TYR B 192 -2.84 -1.39 1.16
C TYR B 192 -1.35 -1.73 1.16
N GLY B 193 -0.57 -0.86 1.81
CA GLY B 193 0.87 -0.98 1.82
C GLY B 193 1.46 -1.11 3.20
N ALA B 194 2.79 -0.99 3.30
CA ALA B 194 3.45 -1.19 4.59
C ALA B 194 3.03 -0.14 5.61
N ALA B 195 2.88 1.11 5.18
CA ALA B 195 2.49 2.15 6.13
C ALA B 195 1.11 1.90 6.70
N ASP B 196 0.23 1.25 5.93
CA ASP B 196 -1.08 0.90 6.46
C ASP B 196 -1.00 -0.27 7.43
N ILE B 197 -0.15 -1.25 7.13
CA ILE B 197 0.06 -2.34 8.07
C ILE B 197 0.54 -1.80 9.41
N LYS B 198 1.49 -0.85 9.36
CA LYS B 198 2.02 -0.28 10.60
C LYS B 198 0.93 0.45 11.37
N ALA B 199 0.00 1.10 10.67
CA ALA B 199 -1.08 1.79 11.35
C ALA B 199 -2.04 0.81 12.02
N TRP B 200 -2.42 -0.26 11.31
CA TRP B 200 -3.30 -1.27 11.89
C TRP B 200 -2.62 -1.96 13.06
N MET B 201 -1.40 -2.44 12.86
CA MET B 201 -0.69 -3.14 13.92
C MET B 201 -0.54 -2.27 15.17
N GLY B 202 -0.34 -0.96 14.98
CA GLY B 202 -0.29 -0.07 16.12
C GLY B 202 -1.58 -0.09 16.92
N MET B 203 -2.72 -0.12 16.23
CA MET B 203 -4.00 -0.20 16.91
C MET B 203 -4.15 -1.53 17.65
N LEU B 204 -3.90 -2.64 16.95
CA LEU B 204 -4.01 -3.95 17.57
C LEU B 204 -3.09 -4.07 18.77
N THR B 205 -1.84 -3.62 18.64
CA THR B 205 -0.89 -3.75 19.75
C THR B 205 -1.35 -2.95 20.95
N ARG B 206 -1.91 -1.76 20.73
CA ARG B 206 -2.44 -0.99 21.86
C ARG B 206 -3.63 -1.71 22.50
N ALA B 207 -4.47 -2.36 21.69
CA ALA B 207 -5.60 -3.07 22.25
C ALA B 207 -5.14 -4.22 23.14
N VAL B 208 -4.23 -5.05 22.65
CA VAL B 208 -3.74 -6.16 23.46
C VAL B 208 -2.95 -5.65 24.64
N TRP B 209 -2.20 -4.55 24.46
CA TRP B 209 -1.51 -3.95 25.60
C TRP B 209 -2.51 -3.53 26.67
N TRP B 210 -3.62 -2.91 26.26
CA TRP B 210 -4.62 -2.47 27.24
C TRP B 210 -5.29 -3.65 27.92
N CYS B 211 -5.54 -4.74 27.17
CA CYS B 211 -6.09 -5.94 27.79
C CYS B 211 -5.17 -6.44 28.89
N HIS B 212 -3.89 -6.61 28.57
CA HIS B 212 -2.95 -7.13 29.56
C HIS B 212 -2.70 -6.13 30.67
N GLU B 213 -2.73 -4.83 30.35
CA GLU B 213 -2.60 -3.82 31.40
C GLU B 213 -3.69 -3.98 32.45
N ASN B 214 -4.85 -4.51 32.06
CA ASN B 214 -5.95 -4.77 32.97
C ASN B 214 -6.09 -6.25 33.31
N PHE B 215 -5.03 -7.03 33.11
CA PHE B 215 -4.98 -8.42 33.53
C PHE B 215 -6.12 -9.23 32.91
N ILE B 216 -6.26 -9.11 31.60
CA ILE B 216 -7.29 -9.81 30.84
C ILE B 216 -6.62 -10.43 29.62
N LEU B 217 -6.87 -11.71 29.40
CA LEU B 217 -6.42 -12.41 28.20
C LEU B 217 -7.59 -12.49 27.22
N HIS B 218 -7.34 -12.17 25.95
CA HIS B 218 -8.39 -12.22 24.95
C HIS B 218 -8.59 -13.65 24.42
N ARG B 219 -7.50 -14.30 24.03
CA ARG B 219 -7.50 -15.72 23.68
C ARG B 219 -8.39 -16.04 22.48
N ASP B 220 -8.52 -15.09 21.55
CA ASP B 220 -9.13 -15.37 20.26
C ASP B 220 -8.87 -14.26 19.26
N ILE B 221 -7.64 -13.77 19.20
CA ILE B 221 -7.30 -12.69 18.28
C ILE B 221 -7.12 -13.25 16.88
N LYS B 222 -7.83 -12.66 15.93
CA LYS B 222 -7.74 -13.03 14.52
C LYS B 222 -8.32 -11.88 13.71
N PRO B 223 -8.09 -11.86 12.40
CA PRO B 223 -8.53 -10.69 11.60
C PRO B 223 -10.02 -10.40 11.70
N ASN B 224 -10.88 -11.42 11.59
CA ASN B 224 -12.31 -11.15 11.57
C ASN B 224 -12.87 -10.73 12.91
N ASN B 225 -12.07 -10.74 13.98
CA ASN B 225 -12.46 -10.17 15.26
C ASN B 225 -11.91 -8.76 15.45
N LEU B 226 -11.38 -8.16 14.40
CA LEU B 226 -10.87 -6.78 14.43
C LEU B 226 -11.81 -5.91 13.60
N LEU B 227 -12.77 -5.27 14.27
CA LEU B 227 -13.75 -4.44 13.60
C LEU B 227 -13.21 -3.02 13.40
N ILE B 228 -13.78 -2.32 12.43
CA ILE B 228 -13.28 -1.02 11.99
C ILE B 228 -14.36 0.02 12.16
N ALA B 229 -14.01 1.14 12.81
CA ALA B 229 -14.95 2.22 13.03
C ALA B 229 -15.09 3.09 11.78
N ALA B 230 -16.05 4.02 11.83
CA ALA B 230 -16.31 4.90 10.69
C ALA B 230 -15.10 5.80 10.40
N ASP B 231 -14.35 6.18 11.41
CA ASP B 231 -13.21 7.06 11.21
C ASP B 231 -11.94 6.30 10.80
N GLY B 232 -11.98 4.98 10.79
CA GLY B 232 -10.85 4.16 10.42
C GLY B 232 -10.12 3.51 11.58
N GLU B 233 -10.50 3.84 12.82
CA GLU B 233 -9.86 3.24 13.99
C GLU B 233 -10.33 1.79 14.14
N VAL B 234 -9.38 0.89 14.33
CA VAL B 234 -9.68 -0.55 14.47
C VAL B 234 -9.93 -0.87 15.93
N LYS B 235 -10.95 -1.68 16.18
CA LYS B 235 -11.38 -2.04 17.53
C LYS B 235 -11.37 -3.56 17.68
N LEU B 236 -10.80 -4.04 18.78
CA LEU B 236 -10.89 -5.45 19.14
C LEU B 236 -12.27 -5.75 19.74
N ALA B 237 -12.92 -6.81 19.27
CA ALA B 237 -14.36 -6.95 19.51
C ALA B 237 -14.73 -8.23 20.26
N ASP B 238 -14.43 -9.41 19.74
CA ASP B 238 -15.02 -10.64 20.29
C ASP B 238 -14.25 -11.05 21.53
N PHE B 239 -14.92 -11.00 22.69
CA PHE B 239 -14.32 -11.35 23.97
C PHE B 239 -14.95 -12.61 24.57
N GLY B 240 -15.60 -13.43 23.75
CA GLY B 240 -16.30 -14.60 24.24
C GLY B 240 -15.41 -15.67 24.84
N LEU B 241 -14.10 -15.58 24.64
CA LEU B 241 -13.15 -16.54 25.20
C LEU B 241 -12.21 -15.90 26.20
N ALA B 242 -12.43 -14.64 26.55
CA ALA B 242 -11.49 -13.92 27.42
C ALA B 242 -11.52 -14.50 28.83
N ARG B 243 -10.45 -14.19 29.57
CA ARG B 243 -10.36 -14.61 30.97
C ARG B 243 -9.35 -13.73 31.68
N SER B 244 -9.62 -13.49 32.96
CA SER B 244 -8.70 -12.72 33.79
C SER B 244 -7.44 -13.54 34.07
N PHE B 245 -6.33 -12.84 34.30
CA PHE B 245 -5.08 -13.50 34.63
C PHE B 245 -5.27 -14.45 35.80
N ALA B 246 -4.98 -15.73 35.57
CA ALA B 246 -5.12 -16.73 36.62
C ALA B 246 -3.99 -16.60 37.64
N ASP B 247 -4.28 -17.01 38.87
CA ASP B 247 -3.26 -17.02 39.90
C ASP B 247 -2.34 -18.21 39.73
N PRO B 248 -1.18 -18.20 40.39
CA PRO B 248 -0.27 -19.36 40.29
C PRO B 248 -0.93 -20.61 40.85
N GLY B 249 -0.84 -21.69 40.07
CA GLY B 249 -1.47 -22.95 40.42
C GLY B 249 -2.89 -23.10 39.91
N ARG B 250 -3.48 -22.03 39.37
CA ARG B 250 -4.83 -22.07 38.85
C ARG B 250 -4.77 -22.50 37.40
N ARG B 251 -5.32 -23.68 37.10
CA ARG B 251 -5.20 -24.26 35.77
C ARG B 251 -6.12 -23.54 34.80
N MET B 252 -5.66 -23.39 33.56
CA MET B 252 -6.46 -22.78 32.50
C MET B 252 -6.66 -23.80 31.39
N THR B 253 -7.61 -23.49 30.50
CA THR B 253 -7.91 -24.37 29.38
C THR B 253 -6.86 -24.20 28.28
N ALA B 254 -6.49 -25.31 27.67
CA ALA B 254 -5.60 -25.30 26.51
C ALA B 254 -6.35 -25.15 25.20
N ASN B 255 -7.67 -25.23 25.23
CA ASN B 255 -8.49 -25.16 24.03
C ASN B 255 -9.06 -23.75 23.88
N VAL B 256 -8.18 -22.82 23.52
CA VAL B 256 -8.55 -21.44 23.22
C VAL B 256 -7.74 -20.98 22.02
N ILE B 257 -8.17 -19.86 21.45
CA ILE B 257 -7.53 -19.28 20.26
C ILE B 257 -7.76 -20.19 19.06
N THR B 258 -8.22 -19.61 17.96
CA THR B 258 -8.39 -20.37 16.73
C THR B 258 -7.06 -21.04 16.36
N ARG B 259 -7.17 -22.26 15.80
CA ARG B 259 -5.99 -23.08 15.57
C ARG B 259 -4.88 -22.30 14.87
N TRP B 260 -5.20 -21.68 13.73
CA TRP B 260 -4.19 -21.02 12.92
C TRP B 260 -3.40 -19.97 13.70
N TYR B 261 -3.94 -19.47 14.81
CA TYR B 261 -3.29 -18.45 15.62
C TYR B 261 -2.92 -18.96 17.00
N ARG B 262 -3.06 -20.26 17.25
CA ARG B 262 -2.80 -20.83 18.57
C ARG B 262 -1.29 -20.95 18.79
N PRO B 263 -0.77 -20.51 19.93
CA PRO B 263 0.68 -20.63 20.17
C PRO B 263 1.07 -22.07 20.44
N PRO B 264 2.36 -22.40 20.33
CA PRO B 264 2.76 -23.80 20.55
C PRO B 264 2.49 -24.30 21.96
N GLU B 265 2.67 -23.45 22.98
CA GLU B 265 2.46 -23.91 24.35
C GLU B 265 1.01 -24.35 24.56
N LEU B 266 0.06 -23.71 23.89
CA LEU B 266 -1.33 -24.13 23.99
C LEU B 266 -1.59 -25.38 23.16
N LEU B 267 -0.94 -25.48 21.99
CA LEU B 267 -1.03 -26.71 21.21
C LEU B 267 -0.53 -27.90 22.02
N PHE B 268 0.42 -27.67 22.92
CA PHE B 268 0.96 -28.72 23.77
C PHE B 268 0.17 -28.91 25.06
N GLY B 269 -0.99 -28.27 25.18
CA GLY B 269 -1.84 -28.50 26.32
C GLY B 269 -1.44 -27.76 27.58
N ALA B 270 -0.71 -26.65 27.46
CA ALA B 270 -0.25 -25.93 28.63
C ALA B 270 -1.43 -25.41 29.44
N ARG B 271 -1.33 -25.53 30.77
CA ARG B 271 -2.38 -25.12 31.68
C ARG B 271 -2.02 -23.89 32.51
N HIS B 272 -0.76 -23.46 32.49
CA HIS B 272 -0.30 -22.31 33.27
C HIS B 272 0.48 -21.40 32.33
N TYR B 273 -0.25 -20.55 31.60
CA TYR B 273 0.33 -19.64 30.62
C TYR B 273 0.01 -18.20 30.98
N GLY B 274 0.45 -17.28 30.14
CA GLY B 274 0.27 -15.86 30.38
C GLY B 274 0.00 -15.06 29.13
N GLY B 275 0.32 -13.77 29.16
CA GLY B 275 0.02 -12.90 28.03
C GLY B 275 0.68 -13.35 26.74
N ALA B 276 1.79 -14.07 26.84
CA ALA B 276 2.52 -14.46 25.63
C ALA B 276 1.62 -15.19 24.63
N VAL B 277 0.58 -15.86 25.12
CA VAL B 277 -0.31 -16.60 24.21
C VAL B 277 -0.99 -15.64 23.26
N ASP B 278 -1.35 -14.44 23.73
CA ASP B 278 -1.99 -13.46 22.85
C ASP B 278 -0.99 -12.81 21.89
N ILE B 279 0.24 -12.57 22.34
CA ILE B 279 1.24 -11.97 21.48
C ILE B 279 1.49 -12.84 20.26
N TRP B 280 1.50 -14.17 20.44
CA TRP B 280 1.68 -15.06 19.31
C TRP B 280 0.61 -14.86 18.26
N SER B 281 -0.65 -14.79 18.69
CA SER B 281 -1.74 -14.55 17.73
C SER B 281 -1.52 -13.23 17.00
N VAL B 282 -1.06 -12.20 17.70
CA VAL B 282 -0.74 -10.94 17.03
C VAL B 282 0.33 -11.17 15.97
N GLY B 283 1.35 -11.96 16.31
CA GLY B 283 2.39 -12.27 15.34
C GLY B 283 1.82 -12.92 14.09
N MET B 284 0.80 -13.77 14.25
CA MET B 284 0.18 -14.40 13.09
C MET B 284 -0.69 -13.42 12.31
N VAL B 285 -1.35 -12.49 13.00
CA VAL B 285 -2.07 -11.43 12.30
C VAL B 285 -1.10 -10.51 11.58
N PHE B 286 0.02 -10.18 12.23
CA PHE B 286 1.05 -9.40 11.56
C PHE B 286 1.53 -10.11 10.30
N ALA B 287 1.87 -11.39 10.42
CA ALA B 287 2.35 -12.14 9.27
C ALA B 287 1.27 -12.25 8.20
N GLU B 288 0.03 -12.49 8.61
CA GLU B 288 -1.06 -12.60 7.64
C GLU B 288 -1.27 -11.29 6.88
N LEU B 289 -1.06 -10.15 7.54
CA LEU B 289 -1.20 -8.87 6.85
C LEU B 289 -0.15 -8.71 5.75
N ILE B 290 1.06 -9.19 6.01
CA ILE B 290 2.16 -8.97 5.07
C ILE B 290 1.98 -9.78 3.80
N ILE B 291 1.58 -11.06 3.95
CA ILE B 291 1.40 -11.93 2.80
C ILE B 291 -0.07 -12.04 2.36
N ARG B 292 -0.98 -11.36 3.05
CA ARG B 292 -2.41 -11.36 2.69
C ARG B 292 -2.94 -12.79 2.57
N SER B 293 -2.44 -13.68 3.41
CA SER B 293 -2.98 -15.02 3.55
C SER B 293 -2.51 -15.59 4.89
N PRO B 294 -3.25 -16.54 5.46
CA PRO B 294 -2.83 -17.10 6.75
C PRO B 294 -1.42 -17.69 6.67
N PHE B 295 -0.61 -17.40 7.68
CA PHE B 295 0.77 -17.87 7.68
C PHE B 295 0.81 -19.40 7.81
N LEU B 296 0.20 -19.93 8.87
CA LEU B 296 0.18 -21.37 9.16
C LEU B 296 -1.28 -21.80 9.28
N PRO B 297 -1.94 -22.12 8.16
CA PRO B 297 -3.35 -22.56 8.22
C PRO B 297 -3.48 -24.08 8.31
N GLY B 298 -3.13 -24.61 9.48
CA GLY B 298 -3.25 -26.04 9.70
C GLY B 298 -4.70 -26.45 9.88
N ASN B 299 -5.04 -27.62 9.36
CA ASN B 299 -6.38 -28.16 9.49
C ASN B 299 -6.57 -29.04 10.72
N THR B 300 -5.47 -29.46 11.36
CA THR B 300 -5.53 -30.23 12.59
C THR B 300 -4.40 -29.77 13.50
N GLU B 301 -4.49 -30.16 14.78
CA GLU B 301 -3.46 -29.75 15.73
C GLU B 301 -2.10 -30.34 15.36
N MET B 302 -2.08 -31.54 14.78
CA MET B 302 -0.82 -32.10 14.31
C MET B 302 -0.31 -31.33 13.10
N GLU B 303 -1.21 -30.88 12.23
CA GLU B 303 -0.79 -30.03 11.11
C GLU B 303 -0.29 -28.69 11.62
N GLN B 304 -0.98 -28.11 12.60
CA GLN B 304 -0.51 -26.84 13.16
C GLN B 304 0.86 -27.00 13.81
N ILE B 305 1.06 -28.10 14.55
CA ILE B 305 2.36 -28.36 15.15
C ILE B 305 3.41 -28.54 14.07
N THR B 306 3.11 -29.35 13.05
CA THR B 306 4.06 -29.56 11.97
C THR B 306 4.37 -28.26 11.25
N LEU B 307 3.34 -27.42 11.04
CA LEU B 307 3.56 -26.17 10.33
C LEU B 307 4.48 -25.24 11.11
N ILE B 308 4.27 -25.14 12.41
CA ILE B 308 5.15 -24.29 13.22
C ILE B 308 6.58 -24.84 13.18
N CYS B 309 6.73 -26.16 13.23
CA CYS B 309 8.06 -26.75 13.10
C CYS B 309 8.68 -26.42 11.75
N LYS B 310 7.87 -26.43 10.69
CA LYS B 310 8.41 -26.22 9.35
C LYS B 310 8.81 -24.76 9.15
N HIS B 311 7.94 -23.82 9.54
CA HIS B 311 8.12 -22.43 9.19
C HIS B 311 8.74 -21.58 10.28
N ILE B 312 8.71 -22.02 11.54
CA ILE B 312 9.32 -21.28 12.64
C ILE B 312 10.51 -22.03 13.22
N GLY B 313 10.35 -23.31 13.48
CA GLY B 313 11.42 -24.13 14.04
C GLY B 313 10.86 -25.19 14.97
N THR B 314 11.58 -26.29 15.08
CA THR B 314 11.16 -27.39 15.95
C THR B 314 11.46 -27.02 17.39
N PRO B 315 10.45 -26.92 18.28
CA PRO B 315 10.75 -26.70 19.70
C PRO B 315 11.43 -27.91 20.30
N THR B 316 12.50 -27.66 21.07
CA THR B 316 13.27 -28.72 21.70
C THR B 316 13.63 -28.31 23.12
N GLU B 317 14.12 -29.29 23.89
CA GLU B 317 14.59 -29.01 25.24
C GLU B 317 15.73 -27.99 25.26
N GLU B 318 16.43 -27.80 24.14
CA GLU B 318 17.53 -26.86 24.09
C GLU B 318 17.03 -25.42 24.05
N ASN B 319 16.08 -25.14 23.16
CA ASN B 319 15.54 -23.79 23.01
C ASN B 319 14.34 -23.53 23.90
N TRP B 320 13.80 -24.56 24.57
CA TRP B 320 12.58 -24.44 25.35
C TRP B 320 12.58 -25.51 26.43
N PRO B 321 13.35 -25.31 27.50
CA PRO B 321 13.47 -26.34 28.54
C PRO B 321 12.11 -26.74 29.08
N GLY B 322 11.90 -28.05 29.20
CA GLY B 322 10.67 -28.59 29.72
C GLY B 322 9.55 -28.71 28.72
N VAL B 323 9.78 -28.33 27.46
CA VAL B 323 8.71 -28.36 26.48
C VAL B 323 8.16 -29.78 26.31
N SER B 324 9.05 -30.77 26.27
CA SER B 324 8.63 -32.15 26.10
C SER B 324 7.83 -32.69 27.29
N LYS B 325 7.72 -31.91 28.36
CA LYS B 325 6.97 -32.32 29.55
C LYS B 325 5.56 -31.73 29.58
N LEU B 326 5.14 -31.07 28.50
CA LEU B 326 3.80 -30.48 28.48
C LEU B 326 2.74 -31.56 28.40
N PRO B 327 1.53 -31.30 28.93
CA PRO B 327 0.52 -32.36 29.01
C PRO B 327 0.21 -33.04 27.69
N GLU B 328 0.30 -32.32 26.57
CA GLU B 328 -0.04 -32.85 25.26
C GLU B 328 1.05 -32.54 24.25
N TRP B 329 2.30 -32.60 24.70
CA TRP B 329 3.42 -32.40 23.78
C TRP B 329 3.41 -33.46 22.69
N TRP B 330 3.60 -33.03 21.45
CA TRP B 330 3.66 -33.94 20.32
C TRP B 330 4.64 -33.40 19.29
N ASP B 331 5.34 -34.31 18.62
CA ASP B 331 6.32 -33.97 17.61
C ASP B 331 6.12 -34.90 16.42
N PRO B 332 6.21 -34.39 15.19
CA PRO B 332 5.98 -35.26 14.02
C PRO B 332 7.04 -36.33 13.83
N MET B 333 8.11 -36.32 14.63
CA MET B 333 9.18 -37.32 14.53
C MET B 333 9.83 -37.29 13.16
N GLU B 334 10.08 -36.09 12.64
CA GLU B 334 10.89 -35.88 11.45
C GLU B 334 12.20 -35.23 11.85
N GLU B 335 13.10 -35.09 10.89
CA GLU B 335 14.36 -34.44 11.16
C GLU B 335 14.10 -33.03 11.69
N PRO B 336 14.55 -32.70 12.90
CA PRO B 336 14.21 -31.40 13.47
C PRO B 336 14.73 -30.25 12.61
N ILE B 337 13.96 -29.18 12.56
CA ILE B 337 14.28 -28.00 11.76
C ILE B 337 14.84 -26.93 12.68
N PRO B 338 16.08 -26.47 12.50
CA PRO B 338 16.61 -25.42 13.38
C PRO B 338 15.76 -24.16 13.29
N VAL B 339 15.66 -23.46 14.43
CA VAL B 339 14.84 -22.26 14.49
C VAL B 339 15.38 -21.21 13.54
N TRP B 340 14.50 -20.67 12.70
CA TRP B 340 14.90 -19.64 11.74
C TRP B 340 15.14 -18.31 12.46
N GLY B 341 16.20 -17.61 12.05
CA GLY B 341 16.52 -16.31 12.59
C GLY B 341 15.85 -15.19 11.83
N LYS B 342 16.13 -13.95 12.27
CA LYS B 342 15.52 -12.78 11.65
C LYS B 342 15.76 -12.75 10.15
N ASP B 343 16.99 -13.06 9.72
CA ASP B 343 17.29 -12.98 8.30
C ASP B 343 16.37 -13.88 7.47
N ALA B 344 16.07 -15.07 7.99
CA ALA B 344 15.26 -16.01 7.23
C ALA B 344 13.88 -15.46 6.94
N TYR B 345 13.36 -14.59 7.81
CA TYR B 345 12.04 -14.02 7.60
C TYR B 345 12.05 -12.89 6.60
N MET B 346 13.22 -12.31 6.31
CA MET B 346 13.28 -11.13 5.45
C MET B 346 12.75 -11.44 4.06
N ALA B 347 13.02 -12.65 3.56
CA ALA B 347 12.69 -12.97 2.17
C ALA B 347 11.19 -12.91 1.93
N ARG B 348 10.39 -13.46 2.85
CA ARG B 348 8.95 -13.53 2.65
C ARG B 348 8.23 -12.32 3.25
N PHE B 349 8.69 -11.83 4.40
CA PHE B 349 8.02 -10.76 5.11
C PHE B 349 8.78 -9.43 5.03
N GLY B 350 9.71 -9.32 4.08
CA GLY B 350 10.53 -8.12 3.97
C GLY B 350 9.77 -6.85 3.62
N ALA B 351 8.46 -6.97 3.32
CA ALA B 351 7.69 -5.79 2.94
C ALA B 351 7.73 -4.72 4.03
N VAL B 352 7.80 -5.13 5.31
CA VAL B 352 7.83 -4.17 6.40
C VAL B 352 9.24 -3.75 6.80
N GLY B 353 10.26 -4.27 6.13
CA GLY B 353 11.63 -3.87 6.39
C GLY B 353 12.26 -4.64 7.52
N SER B 354 13.55 -4.37 7.74
CA SER B 354 14.30 -5.08 8.75
C SER B 354 13.67 -4.90 10.13
N GLU B 355 13.37 -3.65 10.51
CA GLU B 355 12.81 -3.40 11.82
C GLU B 355 11.44 -4.04 11.97
N GLY B 356 10.65 -4.09 10.89
CA GLY B 356 9.37 -4.75 10.97
C GLY B 356 9.52 -6.25 11.15
N VAL B 357 10.42 -6.87 10.40
CA VAL B 357 10.64 -8.31 10.55
C VAL B 357 11.29 -8.60 11.90
N ASP B 358 12.02 -7.63 12.46
CA ASP B 358 12.53 -7.79 13.81
C ASP B 358 11.38 -7.97 14.80
N LEU B 359 10.37 -7.11 14.70
CA LEU B 359 9.20 -7.24 15.57
C LEU B 359 8.46 -8.54 15.33
N LEU B 360 8.23 -8.88 14.06
CA LEU B 360 7.53 -10.13 13.75
C LEU B 360 8.23 -11.32 14.38
N TRP B 361 9.56 -11.37 14.26
CA TRP B 361 10.32 -12.51 14.77
C TRP B 361 10.25 -12.60 16.28
N ARG B 362 10.20 -11.46 16.97
CA ARG B 362 10.12 -11.49 18.43
C ARG B 362 8.76 -11.98 18.91
N THR B 363 7.70 -11.72 18.14
CA THR B 363 6.37 -12.18 18.53
C THR B 363 6.19 -13.68 18.30
N LEU B 364 7.02 -14.31 17.48
CA LEU B 364 6.90 -15.72 17.15
C LEU B 364 8.04 -16.53 17.74
N GLN B 365 8.43 -16.21 18.97
CA GLN B 365 9.37 -17.03 19.71
C GLN B 365 8.67 -18.26 20.27
N LEU B 366 9.27 -19.42 20.09
CA LEU B 366 8.64 -20.67 20.52
C LEU B 366 8.42 -20.67 22.03
N ASP B 367 9.47 -20.42 22.79
CA ASP B 367 9.34 -20.39 24.24
C ASP B 367 8.64 -19.10 24.65
N PRO B 368 7.45 -19.17 25.25
CA PRO B 368 6.73 -17.92 25.59
C PRO B 368 7.50 -17.02 26.54
N LYS B 369 8.46 -17.56 27.29
CA LYS B 369 9.22 -16.74 28.22
C LYS B 369 10.09 -15.72 27.49
N LYS B 370 10.63 -16.08 26.33
CA LYS B 370 11.44 -15.17 25.53
C LYS B 370 10.63 -14.46 24.45
N ARG B 371 9.32 -14.66 24.41
CA ARG B 371 8.45 -13.93 23.50
C ARG B 371 8.26 -12.50 23.99
N ILE B 372 8.24 -11.55 23.06
CA ILE B 372 8.10 -10.15 23.45
C ILE B 372 6.74 -9.94 24.07
N THR B 373 6.66 -8.95 24.97
CA THR B 373 5.41 -8.59 25.62
C THR B 373 4.74 -7.43 24.87
N ALA B 374 3.48 -7.18 25.21
CA ALA B 374 2.75 -6.11 24.54
C ALA B 374 3.36 -4.75 24.83
N ARG B 375 3.76 -4.50 26.08
CA ARG B 375 4.40 -3.23 26.40
C ARG B 375 5.71 -3.09 25.65
N GLU B 376 6.56 -4.13 25.69
CA GLU B 376 7.79 -4.09 24.92
C GLU B 376 7.49 -3.83 23.44
N MET B 377 6.39 -4.41 22.95
CA MET B 377 6.04 -4.25 21.54
C MET B 377 5.82 -2.79 21.20
N LEU B 378 5.17 -2.04 22.09
CA LEU B 378 4.85 -0.65 21.80
C LEU B 378 6.07 0.25 21.78
N GLU B 379 7.15 -0.12 22.47
CA GLU B 379 8.36 0.69 22.48
C GLU B 379 9.37 0.26 21.42
N HIS B 380 9.02 -0.70 20.56
CA HIS B 380 9.92 -1.14 19.52
C HIS B 380 10.21 -0.03 18.53
N ARG B 381 11.32 -0.19 17.79
CA ARG B 381 11.74 0.84 16.84
C ARG B 381 10.89 0.87 15.59
N TRP B 382 10.17 -0.21 15.27
CA TRP B 382 9.44 -0.26 14.01
C TRP B 382 8.47 0.90 13.88
N TRP B 383 7.86 1.33 14.99
CA TRP B 383 6.85 2.37 14.92
C TRP B 383 7.47 3.71 14.56
N ARG B 384 8.63 4.03 15.13
CA ARG B 384 9.31 5.29 14.86
C ARG B 384 10.28 5.22 13.69
N THR B 385 10.42 4.07 13.04
CA THR B 385 11.18 3.95 11.82
C THR B 385 10.31 4.29 10.62
N ASP B 386 10.89 4.96 9.63
CA ASP B 386 10.14 5.31 8.44
C ASP B 386 9.79 4.06 7.64
N PRO B 387 8.66 4.06 6.91
CA PRO B 387 7.72 5.18 6.79
C PRO B 387 6.75 5.29 7.96
N LYS B 388 6.39 6.51 8.33
CA LYS B 388 5.45 6.70 9.42
C LYS B 388 4.12 6.04 9.09
N PRO B 389 3.36 5.62 10.10
CA PRO B 389 2.10 4.92 9.83
C PRO B 389 1.06 5.85 9.22
N THR B 390 0.14 5.23 8.47
CA THR B 390 -0.90 5.99 7.80
C THR B 390 -1.90 6.53 8.81
N ARG B 391 -2.42 7.72 8.51
CA ARG B 391 -3.47 8.29 9.34
C ARG B 391 -4.77 7.52 9.13
N LYS B 392 -5.48 7.26 10.22
CA LYS B 392 -6.67 6.42 10.15
C LYS B 392 -7.68 6.96 9.14
N GLU B 393 -7.73 8.28 8.96
CA GLU B 393 -8.65 8.85 7.97
C GLU B 393 -8.25 8.49 6.55
N ASP B 394 -7.00 8.11 6.32
CA ASP B 394 -6.51 7.75 4.99
C ASP B 394 -6.40 6.25 4.78
N LEU B 395 -6.81 5.44 5.75
CA LEU B 395 -6.69 4.00 5.61
C LEU B 395 -7.66 3.48 4.55
N PRO B 396 -7.36 2.33 3.95
CA PRO B 396 -8.29 1.78 2.96
C PRO B 396 -9.64 1.43 3.57
N LYS B 397 -10.70 1.69 2.81
CA LYS B 397 -12.06 1.34 3.17
C LYS B 397 -12.50 0.12 2.37
N LYS B 398 -13.46 -0.62 2.91
CA LYS B 398 -14.03 -1.73 2.17
C LYS B 398 -14.74 -1.20 0.93
N SER B 399 -14.80 -2.03 -0.11
CA SER B 399 -15.44 -1.61 -1.36
C SER B 399 -16.93 -1.43 -1.15
N ASP C 4 4.24 9.47 21.67
CA ASP C 4 3.80 8.65 22.81
C ASP C 4 3.24 7.32 22.31
N PRO C 5 3.91 6.20 22.63
CA PRO C 5 3.47 4.91 22.08
C PRO C 5 2.22 4.36 22.74
N PHE C 6 1.94 4.74 23.99
CA PHE C 6 0.79 4.20 24.71
C PHE C 6 -0.48 5.03 24.52
N GLY C 7 -0.51 5.93 23.54
CA GLY C 7 -1.71 6.71 23.30
C GLY C 7 -2.21 7.47 24.49
N GLY C 8 -1.30 7.95 25.35
CA GLY C 8 -1.70 8.69 26.53
C GLY C 8 -2.46 7.89 27.55
N MET C 9 -2.36 6.56 27.51
CA MET C 9 -3.05 5.70 28.45
C MET C 9 -2.10 4.97 29.40
N GLU C 10 -0.81 5.26 29.33
CA GLU C 10 0.16 4.55 30.17
C GLU C 10 -0.21 4.72 31.64
N PHE C 11 -0.26 3.59 32.36
CA PHE C 11 -0.55 3.59 33.78
C PHE C 11 0.76 3.64 34.55
N VAL C 12 0.95 4.71 35.33
CA VAL C 12 2.13 4.87 36.17
C VAL C 12 1.68 5.02 37.62
N PRO C 13 1.85 4.01 38.46
CA PRO C 13 1.37 4.12 39.85
C PRO C 13 2.02 5.28 40.57
N SER C 14 1.27 5.85 41.52
CA SER C 14 1.70 7.05 42.24
C SER C 14 2.25 6.75 43.62
N ARG C 15 1.59 5.90 44.39
CA ARG C 15 1.95 5.65 45.78
C ARG C 15 2.75 4.37 45.98
N TYR C 16 3.02 3.62 44.90
CA TYR C 16 3.75 2.37 45.03
C TYR C 16 4.58 2.14 43.78
N ARG C 17 5.52 1.21 43.90
CA ARG C 17 6.41 0.83 42.81
C ARG C 17 6.70 -0.66 42.89
N VAL C 18 6.55 -1.35 41.77
CA VAL C 18 6.74 -2.80 41.70
C VAL C 18 8.21 -3.03 41.36
N ARG C 19 8.99 -3.39 42.36
CA ARG C 19 10.43 -3.60 42.20
C ARG C 19 10.76 -5.09 42.24
N GLU C 20 12.00 -5.39 41.83
CA GLU C 20 12.42 -6.78 41.63
C GLU C 20 12.47 -7.56 42.93
N GLU C 21 12.67 -6.89 44.07
CA GLU C 21 12.85 -7.58 45.33
C GLU C 21 11.56 -8.14 45.90
N LEU C 22 10.40 -7.77 45.36
CA LEU C 22 9.14 -8.27 45.88
C LEU C 22 8.99 -9.76 45.59
N ASN C 23 8.66 -10.53 46.63
CA ASN C 23 8.37 -11.94 46.47
C ASN C 23 7.69 -12.44 47.74
N HIS C 24 7.02 -13.59 47.62
CA HIS C 24 6.26 -14.18 48.71
C HIS C 24 6.57 -15.68 48.72
N PRO C 25 6.85 -16.27 49.88
CA PRO C 25 7.28 -17.68 49.88
C PRO C 25 6.26 -18.63 49.26
N SER C 26 4.98 -18.26 49.29
CA SER C 26 3.96 -19.09 48.64
C SER C 26 4.22 -19.21 47.13
N LEU C 27 4.88 -18.21 46.55
CA LEU C 27 5.20 -18.28 45.12
C LEU C 27 6.33 -19.28 44.85
N ASP C 28 7.26 -19.41 45.79
CA ASP C 28 8.44 -20.25 45.57
C ASP C 28 8.06 -21.65 45.10
N LYS C 29 6.94 -22.18 45.56
CA LYS C 29 6.56 -23.54 45.18
C LYS C 29 6.34 -23.63 43.67
N TYR C 30 5.73 -22.60 43.09
CA TYR C 30 5.35 -22.62 41.68
C TYR C 30 6.48 -22.18 40.76
N ARG C 31 7.34 -21.25 41.20
CA ARG C 31 8.43 -20.79 40.36
C ARG C 31 9.29 -21.96 39.88
N ILE C 32 9.37 -23.03 40.68
CA ILE C 32 10.14 -24.21 40.31
C ILE C 32 9.25 -25.33 39.79
N ASP C 33 7.97 -25.06 39.59
CA ASP C 33 7.09 -26.03 38.95
C ASP C 33 7.39 -26.06 37.46
N GLN C 34 7.68 -27.25 36.93
CA GLN C 34 8.04 -27.37 35.52
C GLN C 34 6.96 -26.79 34.62
N GLN C 35 5.69 -27.05 34.95
CA GLN C 35 4.61 -26.62 34.07
C GLN C 35 4.46 -25.10 34.06
N HIS C 36 4.76 -24.44 35.18
CA HIS C 36 4.62 -22.98 35.22
C HIS C 36 5.71 -22.29 34.44
N ILE C 37 6.95 -22.76 34.56
CA ILE C 37 8.06 -22.12 33.86
C ILE C 37 8.03 -22.48 32.38
N THR C 38 8.01 -23.76 32.06
CA THR C 38 8.03 -24.18 30.66
C THR C 38 6.77 -23.76 29.91
N GLY C 39 5.69 -23.45 30.63
CA GLY C 39 4.45 -23.02 30.02
C GLY C 39 4.31 -21.53 29.85
N GLY C 40 5.17 -20.75 30.48
CA GLY C 40 5.16 -19.31 30.30
C GLY C 40 4.29 -18.55 31.27
N TYR C 41 4.11 -19.05 32.49
CA TYR C 41 3.36 -18.30 33.49
C TYR C 41 4.21 -17.15 34.00
N SER C 42 3.64 -15.95 34.03
CA SER C 42 4.34 -14.75 34.46
C SER C 42 4.05 -14.48 35.92
N PHE C 43 5.07 -14.65 36.77
CA PHE C 43 4.93 -14.27 38.17
C PHE C 43 5.03 -12.77 38.36
N LEU C 44 5.74 -12.08 37.46
CA LEU C 44 5.83 -10.63 37.55
C LEU C 44 4.45 -10.01 37.40
N ASP C 45 3.63 -10.56 36.50
CA ASP C 45 2.28 -10.04 36.31
C ASP C 45 1.42 -10.22 37.56
N TYR C 46 1.59 -11.36 38.25
CA TYR C 46 0.84 -11.58 39.49
C TYR C 46 1.23 -10.57 40.56
N ILE C 47 2.54 -10.38 40.76
CA ILE C 47 3.00 -9.39 41.73
C ILE C 47 2.47 -8.01 41.38
N SER C 48 2.53 -7.66 40.09
CA SER C 48 2.00 -6.38 39.65
C SER C 48 0.49 -6.31 39.88
N ARG C 49 -0.21 -7.43 39.73
CA ARG C 49 -1.65 -7.46 39.95
C ARG C 49 -2.00 -7.26 41.42
N ALA C 50 -1.24 -7.89 42.31
CA ALA C 50 -1.49 -7.75 43.74
C ALA C 50 -1.20 -6.33 44.21
N MET C 51 -0.05 -5.77 43.81
CA MET C 51 0.33 -4.45 44.29
C MET C 51 -0.67 -3.39 43.85
N PHE C 52 -1.19 -3.50 42.62
CA PHE C 52 -2.20 -2.55 42.17
C PHE C 52 -3.44 -2.60 43.04
N GLU C 53 -3.99 -3.81 43.23
CA GLU C 53 -5.21 -3.94 44.02
C GLU C 53 -4.98 -3.56 45.47
N ALA C 54 -3.75 -3.69 45.96
CA ALA C 54 -3.45 -3.31 47.34
C ALA C 54 -3.50 -1.81 47.54
N PHE C 55 -3.24 -1.03 46.49
CA PHE C 55 -3.24 0.42 46.58
C PHE C 55 -4.33 1.08 45.73
N ALA C 56 -5.00 0.34 44.86
CA ALA C 56 -6.02 0.93 44.00
C ALA C 56 -7.17 1.46 44.84
N GLY C 57 -7.37 2.78 44.81
CA GLY C 57 -8.44 3.40 45.56
C GLY C 57 -8.16 3.55 47.03
N LEU C 58 -6.89 3.72 47.41
CA LEU C 58 -6.56 3.89 48.82
C LEU C 58 -7.12 5.21 49.35
N ALA C 59 -7.13 6.25 48.51
CA ALA C 59 -7.66 7.56 48.89
C ALA C 59 -9.01 7.81 48.22
N VAL C 60 -9.73 6.75 47.88
CA VAL C 60 -11.08 6.85 47.34
C VAL C 60 -12.04 6.75 48.53
N PHE C 61 -12.59 7.90 48.94
CA PHE C 61 -13.49 7.97 50.08
C PHE C 61 -14.91 7.86 49.55
N ILE C 62 -15.47 6.65 49.61
CA ILE C 62 -16.74 6.40 48.93
C ILE C 62 -17.86 7.24 49.56
N GLU C 63 -17.91 7.28 50.89
CA GLU C 63 -19.00 7.99 51.55
C GLU C 63 -18.99 9.47 51.22
N ASP C 64 -17.85 10.13 51.41
CA ASP C 64 -17.78 11.57 51.17
C ASP C 64 -17.96 11.90 49.68
N GLU C 65 -17.37 11.10 48.80
CA GLU C 65 -17.43 11.40 47.37
C GLU C 65 -18.86 11.26 46.84
N LYS C 66 -19.58 10.23 47.29
CA LYS C 66 -20.92 9.99 46.76
C LYS C 66 -21.96 10.95 47.32
N GLU C 67 -21.80 11.36 48.59
CA GLU C 67 -22.72 12.33 49.18
C GLU C 67 -22.51 13.73 48.63
N ALA C 68 -21.32 14.01 48.07
CA ALA C 68 -21.04 15.33 47.51
C ALA C 68 -21.70 15.56 46.16
N GLY C 69 -22.23 14.52 45.53
CA GLY C 69 -22.87 14.66 44.24
C GLY C 69 -24.37 14.91 44.35
N THR D 4 17.50 35.33 -20.60
CA THR D 4 18.93 35.24 -20.91
C THR D 4 19.17 34.44 -22.20
N ILE D 5 18.49 33.30 -22.32
CA ILE D 5 18.64 32.40 -23.47
C ILE D 5 17.28 31.81 -23.78
N ALA D 6 16.94 31.75 -25.06
CA ALA D 6 15.65 31.18 -25.47
C ALA D 6 15.63 29.68 -25.19
N SER D 7 14.46 29.19 -24.76
CA SER D 7 14.34 27.76 -24.44
C SER D 7 14.39 26.89 -25.69
N GLU D 8 13.86 27.39 -26.81
CA GLU D 8 13.92 26.62 -28.05
C GLU D 8 15.34 26.54 -28.59
N ASP D 9 16.18 27.53 -28.28
CA ASP D 9 17.59 27.45 -28.65
C ASP D 9 18.33 26.46 -27.76
N ALA D 10 18.01 26.45 -26.47
CA ALA D 10 18.66 25.52 -25.55
C ALA D 10 18.36 24.08 -25.91
N ARG D 11 17.11 23.78 -26.26
CA ARG D 11 16.76 22.40 -26.60
C ARG D 11 17.47 21.94 -27.87
N TYR D 12 17.68 22.85 -28.82
CA TYR D 12 18.36 22.45 -30.06
C TYR D 12 19.82 22.08 -29.78
N ARG D 13 20.50 22.85 -28.92
CA ARG D 13 21.90 22.57 -28.65
C ARG D 13 22.10 21.22 -27.96
N GLN D 14 21.01 20.56 -27.55
CA GLN D 14 21.09 19.23 -26.95
C GLN D 14 21.00 18.10 -27.97
N SER D 15 20.71 18.40 -29.24
CA SER D 15 20.56 17.38 -30.26
C SER D 15 21.92 16.88 -30.74
N SER D 16 21.92 15.65 -31.28
CA SER D 16 23.14 15.11 -31.87
C SER D 16 23.58 15.93 -33.07
N GLN D 17 22.64 16.52 -33.80
CA GLN D 17 22.99 17.32 -34.97
C GLN D 17 23.89 18.48 -34.59
N TYR D 18 23.74 19.02 -33.38
CA TYR D 18 24.51 20.18 -32.95
C TYR D 18 25.83 19.79 -32.29
N GLU D 19 25.79 18.86 -31.32
CA GLU D 19 27.00 18.54 -30.59
C GLU D 19 27.97 17.73 -31.45
N LEU D 20 27.47 16.99 -32.43
CA LEU D 20 28.28 16.06 -33.21
C LEU D 20 28.50 16.48 -34.65
N TRP D 21 27.50 17.09 -35.29
CA TRP D 21 27.56 17.37 -36.71
C TRP D 21 27.27 18.84 -37.00
N SER D 22 27.82 19.73 -36.18
CA SER D 22 27.77 21.16 -36.42
C SER D 22 29.14 21.74 -36.09
N PHE D 23 29.78 22.36 -37.08
CA PHE D 23 31.12 22.90 -36.91
C PHE D 23 31.22 24.24 -37.62
N SER D 24 32.35 24.90 -37.43
CA SER D 24 32.69 26.08 -38.20
C SER D 24 33.35 25.68 -39.52
N PRO D 25 33.28 26.53 -40.53
CA PRO D 25 33.94 26.18 -41.80
C PRO D 25 35.40 25.81 -41.65
N SER D 26 36.11 26.42 -40.70
CA SER D 26 37.50 26.05 -40.47
C SER D 26 37.59 24.65 -39.86
N GLN D 27 36.72 24.32 -38.91
CA GLN D 27 36.71 22.99 -38.33
C GLN D 27 36.32 21.95 -39.38
N LEU D 28 35.36 22.28 -40.24
CA LEU D 28 34.94 21.33 -41.27
C LEU D 28 36.08 21.04 -42.25
N ALA D 29 36.79 22.09 -42.69
CA ALA D 29 37.88 21.91 -43.63
C ALA D 29 39.00 21.07 -43.02
N SER D 30 39.42 21.41 -41.79
CA SER D 30 40.52 20.68 -41.16
C SER D 30 40.21 19.19 -41.06
N MET D 31 38.97 18.85 -40.68
CA MET D 31 38.58 17.44 -40.61
C MET D 31 38.71 16.79 -41.98
N ARG D 32 38.18 17.44 -43.02
CA ARG D 32 38.21 16.87 -44.35
C ARG D 32 39.64 16.69 -44.84
N GLU D 33 40.51 17.65 -44.52
CA GLU D 33 41.91 17.52 -44.92
C GLU D 33 42.61 16.41 -44.15
N LYS D 34 42.36 16.34 -42.84
CA LYS D 34 42.98 15.29 -42.03
C LYS D 34 42.42 13.92 -42.40
N THR D 35 41.14 13.85 -42.76
CA THR D 35 40.58 12.60 -43.25
C THR D 35 41.18 12.19 -44.58
N ASN D 36 41.38 13.14 -45.49
CA ASN D 36 41.99 12.81 -46.77
C ASN D 36 43.45 12.43 -46.59
N ALA D 37 44.19 13.19 -45.77
CA ALA D 37 45.59 12.89 -45.55
C ALA D 37 45.76 11.53 -44.86
N ALA D 38 44.91 11.24 -43.87
CA ALA D 38 45.00 9.96 -43.17
C ALA D 38 44.75 8.79 -44.11
N ALA D 39 43.74 8.89 -44.97
CA ALA D 39 43.50 7.84 -45.96
C ALA D 39 44.71 7.67 -46.87
N ARG D 40 45.34 8.78 -47.27
CA ARG D 40 46.53 8.70 -48.11
C ARG D 40 47.66 7.94 -47.43
N ALA D 41 47.89 8.20 -46.14
CA ALA D 41 48.97 7.49 -45.45
C ALA D 41 48.67 6.01 -45.34
N ARG D 42 47.41 5.65 -45.07
CA ARG D 42 47.06 4.25 -44.91
C ARG D 42 47.17 3.50 -46.23
N ILE D 43 46.72 4.10 -47.33
CA ILE D 43 46.81 3.45 -48.62
C ILE D 43 48.26 3.33 -49.07
N THR D 44 49.06 4.37 -48.81
CA THR D 44 50.46 4.32 -49.18
C THR D 44 51.21 3.24 -48.41
N GLU D 45 51.00 3.17 -47.09
CA GLU D 45 51.62 2.13 -46.29
C GLU D 45 51.22 0.76 -46.80
N ARG D 46 49.93 0.59 -47.14
CA ARG D 46 49.46 -0.68 -47.69
C ARG D 46 50.12 -0.98 -49.02
N LEU D 47 50.22 0.02 -49.90
CA LEU D 47 50.76 -0.22 -51.24
C LEU D 47 52.21 -0.67 -51.18
N LEU D 48 53.01 -0.06 -50.29
CA LEU D 48 54.43 -0.41 -50.24
C LEU D 48 54.64 -1.88 -49.92
N SER D 49 53.74 -2.47 -49.15
CA SER D 49 53.86 -3.88 -48.79
C SER D 49 52.98 -4.74 -49.69
N PRO D 75 58.10 0.31 -57.32
CA PRO D 75 57.12 0.71 -56.30
C PRO D 75 56.59 2.13 -56.51
N THR D 76 55.91 2.34 -57.64
CA THR D 76 55.45 3.67 -58.02
C THR D 76 54.05 3.90 -57.45
N LEU D 77 53.93 4.85 -56.54
CA LEU D 77 52.64 5.17 -55.96
C LEU D 77 51.78 5.97 -56.95
N PRO D 78 50.46 5.90 -56.83
CA PRO D 78 49.58 6.63 -57.74
C PRO D 78 49.31 8.04 -57.24
N GLU D 79 48.62 8.80 -58.10
CA GLU D 79 48.19 10.15 -57.74
C GLU D 79 46.92 10.06 -56.91
N PHE D 80 46.99 10.53 -55.67
CA PHE D 80 45.85 10.49 -54.77
C PHE D 80 44.97 11.72 -54.96
N LEU D 81 43.68 11.56 -54.65
CA LEU D 81 42.73 12.65 -54.80
C LEU D 81 43.07 13.78 -53.83
N THR D 82 42.90 15.01 -54.29
CA THR D 82 43.02 16.15 -53.41
C THR D 82 41.71 16.34 -52.65
N PRO D 83 41.77 16.87 -51.42
CA PRO D 83 40.51 17.12 -50.69
C PRO D 83 39.48 17.88 -51.51
N ALA D 84 39.92 18.81 -52.37
CA ALA D 84 38.99 19.53 -53.23
C ALA D 84 38.37 18.60 -54.26
N GLU D 85 39.19 17.74 -54.88
CA GLU D 85 38.65 16.72 -55.78
C GLU D 85 37.80 15.71 -55.02
N GLU D 86 38.14 15.43 -53.77
CA GLU D 86 37.31 14.58 -52.94
C GLU D 86 35.94 15.21 -52.68
N LEU D 87 35.93 16.48 -52.28
CA LEU D 87 34.67 17.17 -52.03
C LEU D 87 33.87 17.34 -53.31
N LEU D 88 34.54 17.41 -54.46
CA LEU D 88 33.83 17.58 -55.72
C LEU D 88 33.00 16.33 -56.05
N LEU D 89 33.57 15.14 -55.83
CA LEU D 89 32.83 13.91 -56.10
C LEU D 89 31.69 13.72 -55.08
N VAL D 90 31.91 14.12 -53.83
CA VAL D 90 30.85 14.04 -52.84
C VAL D 90 29.67 14.91 -53.26
N THR D 91 29.95 16.10 -53.78
CA THR D 91 28.89 16.97 -54.25
C THR D 91 28.18 16.38 -55.46
N PHE D 92 28.94 15.80 -56.39
CA PHE D 92 28.34 15.21 -57.59
C PHE D 92 27.43 14.05 -57.23
N TYR D 93 27.89 13.16 -56.34
CA TYR D 93 27.11 11.99 -55.97
C TYR D 93 25.98 12.32 -55.00
N THR D 94 26.10 13.43 -54.26
CA THR D 94 24.97 13.88 -53.46
C THR D 94 23.82 14.32 -54.36
N ALA D 95 24.14 14.94 -55.50
CA ALA D 95 23.11 15.32 -56.45
C ALA D 95 22.50 14.09 -57.12
N GLU D 96 23.33 13.10 -57.43
CA GLU D 96 22.81 11.86 -58.02
C GLU D 96 21.91 11.14 -57.03
N LEU D 97 22.26 11.16 -55.75
CA LEU D 97 21.42 10.55 -54.73
C LEU D 97 20.04 11.18 -54.72
N LEU D 98 19.98 12.51 -54.74
CA LEU D 98 18.69 13.20 -54.78
C LEU D 98 17.92 12.84 -56.04
N ARG D 99 18.59 12.84 -57.19
CA ARG D 99 17.94 12.43 -58.44
C ARG D 99 17.34 11.04 -58.29
N ALA D 100 18.10 10.11 -57.71
CA ALA D 100 17.59 8.76 -57.50
C ALA D 100 16.40 8.77 -56.56
N GLY D 101 16.46 9.58 -55.50
CA GLY D 101 15.33 9.66 -54.59
C GLY D 101 14.07 10.15 -55.28
N ASP D 102 14.21 11.15 -56.15
CA ASP D 102 13.05 11.66 -56.88
C ASP D 102 12.40 10.55 -57.71
N HIS D 103 13.23 9.74 -58.36
CA HIS D 103 12.70 8.66 -59.20
C HIS D 103 11.96 7.62 -58.37
N ALA D 104 12.33 7.46 -57.10
CA ALA D 104 11.68 6.51 -56.21
C ALA D 104 10.50 7.11 -55.46
N ASP D 105 10.12 8.36 -55.77
CA ASP D 105 8.98 9.00 -55.13
C ASP D 105 9.10 8.95 -53.62
N MET D 106 10.30 9.20 -53.12
CA MET D 106 10.54 9.22 -51.69
C MET D 106 10.16 10.57 -51.10
N SER D 107 9.83 10.56 -49.81
CA SER D 107 9.46 11.79 -49.13
C SER D 107 10.64 12.73 -49.02
N ASP D 108 10.33 14.03 -48.91
CA ASP D 108 11.40 15.02 -48.78
C ASP D 108 12.25 14.75 -47.54
N GLU D 109 11.62 14.33 -46.45
CA GLU D 109 12.40 14.08 -45.24
C GLU D 109 13.35 12.91 -45.43
N ILE D 110 12.94 11.90 -46.20
CA ILE D 110 13.81 10.77 -46.47
C ILE D 110 14.99 11.20 -47.35
N LYS D 111 14.69 11.85 -48.48
CA LYS D 111 15.76 12.32 -49.35
C LYS D 111 16.78 13.14 -48.57
N ALA D 112 16.30 14.12 -47.81
CA ALA D 112 17.22 15.00 -47.08
C ALA D 112 18.01 14.22 -46.04
N THR D 113 17.39 13.23 -45.39
CA THR D 113 18.11 12.43 -44.41
C THR D 113 19.16 11.55 -45.07
N ALA D 114 18.81 10.91 -46.19
CA ALA D 114 19.77 10.09 -46.91
C ALA D 114 20.96 10.92 -47.36
N ALA D 115 20.71 12.10 -47.93
CA ALA D 115 21.79 12.96 -48.37
C ALA D 115 22.68 13.36 -47.19
N THR D 116 22.06 13.69 -46.05
CA THR D 116 22.84 14.09 -44.89
C THR D 116 23.72 12.95 -44.38
N PHE D 117 23.17 11.73 -44.32
CA PHE D 117 24.00 10.58 -43.98
C PHE D 117 25.16 10.44 -44.94
N PHE D 118 24.92 10.68 -46.24
CA PHE D 118 25.98 10.58 -47.23
C PHE D 118 27.06 11.63 -46.97
N LYS D 119 26.65 12.88 -46.76
CA LYS D 119 27.61 13.95 -46.50
C LYS D 119 28.32 13.73 -45.17
N ARG D 120 27.60 13.26 -44.15
CA ARG D 120 28.23 12.99 -42.85
C ARG D 120 29.16 11.80 -42.92
N PHE D 121 28.82 10.80 -43.75
CA PHE D 121 29.67 9.61 -43.86
C PHE D 121 31.04 9.97 -44.43
N TYR D 122 31.08 10.83 -45.44
CA TYR D 122 32.31 11.13 -46.16
C TYR D 122 33.05 12.34 -45.61
N ILE D 123 32.76 12.75 -44.37
CA ILE D 123 33.58 13.73 -43.68
C ILE D 123 34.42 13.02 -42.64
N THR D 124 33.89 11.93 -42.08
CA THR D 124 34.68 11.03 -41.26
C THR D 124 35.41 9.96 -42.07
N ASN D 125 34.99 9.74 -43.31
CA ASN D 125 35.59 8.74 -44.18
C ASN D 125 35.97 9.39 -45.51
N SER D 126 37.00 8.84 -46.13
CA SER D 126 37.51 9.38 -47.39
C SER D 126 36.88 8.66 -48.58
N ILE D 127 36.77 9.39 -49.69
CA ILE D 127 36.23 8.79 -50.91
C ILE D 127 37.12 7.69 -51.43
N MET D 128 38.42 7.73 -51.11
CA MET D 128 39.35 6.71 -51.55
C MET D 128 39.25 5.44 -50.71
N THR D 129 38.44 5.43 -49.66
CA THR D 129 38.30 4.28 -48.79
C THR D 129 37.08 3.43 -49.14
N TYR D 130 35.92 4.06 -49.32
CA TYR D 130 34.68 3.35 -49.63
C TYR D 130 34.04 3.94 -50.87
N PRO D 131 33.41 3.11 -51.70
CA PRO D 131 32.94 3.58 -53.02
C PRO D 131 31.70 4.44 -52.89
N PRO D 132 31.76 5.71 -53.34
CA PRO D 132 30.58 6.57 -53.22
C PRO D 132 29.39 6.07 -54.03
N GLN D 133 29.65 5.34 -55.12
CA GLN D 133 28.55 4.79 -55.90
C GLN D 133 27.71 3.80 -55.07
N GLU D 134 28.34 3.09 -54.15
CA GLU D 134 27.62 2.13 -53.31
C GLU D 134 27.03 2.80 -52.07
N MET D 135 27.84 3.59 -51.36
CA MET D 135 27.33 4.30 -50.19
C MET D 135 26.14 5.19 -50.55
N LEU D 136 26.01 5.57 -51.81
CA LEU D 136 24.86 6.35 -52.24
C LEU D 136 23.57 5.57 -51.99
N LEU D 137 23.52 4.31 -52.43
CA LEU D 137 22.33 3.51 -52.20
C LEU D 137 22.14 3.19 -50.73
N VAL D 138 23.24 2.94 -50.02
CA VAL D 138 23.15 2.62 -48.59
C VAL D 138 22.56 3.79 -47.82
N ALA D 139 22.97 5.01 -48.16
CA ALA D 139 22.46 6.19 -47.47
C ALA D 139 20.97 6.37 -47.73
N LEU D 140 20.49 5.99 -48.91
CA LEU D 140 19.05 6.06 -49.18
C LEU D 140 18.31 4.97 -48.41
N PHE D 141 18.85 3.75 -48.39
CA PHE D 141 18.17 2.66 -47.68
C PHE D 141 18.15 2.91 -46.19
N PHE D 142 19.30 3.30 -45.61
CA PHE D 142 19.34 3.58 -44.19
C PHE D 142 18.62 4.88 -43.87
N GLY D 143 18.60 5.84 -44.80
CA GLY D 143 17.83 7.05 -44.59
C GLY D 143 16.35 6.77 -44.45
N CYS D 144 15.84 5.81 -45.22
CA CYS D 144 14.45 5.38 -45.06
C CYS D 144 14.21 4.89 -43.65
N LYS D 145 15.03 3.95 -43.18
CA LYS D 145 14.85 3.41 -41.84
C LYS D 145 14.86 4.51 -40.79
N ALA D 146 15.81 5.45 -40.89
CA ALA D 146 15.91 6.51 -39.90
C ALA D 146 14.65 7.35 -39.83
N GLU D 147 13.82 7.34 -40.89
CA GLU D 147 12.60 8.13 -40.93
C GLU D 147 11.35 7.28 -40.80
N GLY D 148 11.47 6.06 -40.30
CA GLY D 148 10.33 5.23 -40.01
C GLY D 148 9.83 4.39 -41.16
N ALA D 149 10.53 4.36 -42.29
CA ALA D 149 10.18 3.55 -43.44
C ALA D 149 11.19 2.39 -43.52
N PHE D 150 10.71 1.17 -43.30
CA PHE D 150 11.55 -0.02 -43.27
C PHE D 150 11.15 -0.94 -44.41
N PRO D 151 11.61 -0.66 -45.62
CA PRO D 151 11.24 -1.48 -46.78
C PRO D 151 12.05 -2.77 -46.85
N SER D 152 11.60 -3.67 -47.71
CA SER D 152 12.31 -4.91 -47.97
C SER D 152 13.50 -4.64 -48.87
N ILE D 153 14.67 -5.17 -48.50
CA ILE D 153 15.87 -4.89 -49.28
C ILE D 153 15.69 -5.37 -50.71
N SER D 154 14.95 -6.46 -50.92
CA SER D 154 14.70 -6.93 -52.27
C SER D 154 13.88 -5.92 -53.06
N ASP D 155 12.85 -5.34 -52.45
CA ASP D 155 12.06 -4.33 -53.14
C ASP D 155 12.85 -3.04 -53.33
N PHE D 156 13.65 -2.65 -52.34
CA PHE D 156 14.48 -1.46 -52.47
C PHE D 156 15.49 -1.61 -53.61
N ALA D 157 16.13 -2.77 -53.70
CA ALA D 157 17.10 -2.99 -54.77
C ALA D 157 16.41 -3.08 -56.12
N LYS D 158 15.21 -3.68 -56.16
CA LYS D 158 14.47 -3.75 -57.42
C LYS D 158 14.27 -2.36 -58.01
N THR D 159 13.74 -1.43 -57.21
CA THR D 159 13.39 -0.12 -57.75
C THR D 159 14.60 0.59 -58.35
N PHE D 160 15.80 0.26 -57.87
CA PHE D 160 17.03 0.88 -58.37
C PHE D 160 17.79 -0.05 -59.31
N GLY D 161 17.12 -1.03 -59.90
CA GLY D 161 17.74 -1.90 -60.88
C GLY D 161 19.00 -2.58 -60.36
N ARG D 162 19.02 -2.92 -59.07
CA ARG D 162 20.14 -3.59 -58.45
C ARG D 162 19.81 -5.08 -58.33
N GLU D 163 20.62 -5.92 -58.97
CA GLU D 163 20.33 -7.34 -59.01
C GLU D 163 20.65 -8.02 -57.67
N ARG D 164 21.74 -7.61 -57.03
CA ARG D 164 22.19 -8.24 -55.79
C ARG D 164 21.84 -7.33 -54.62
N PRO D 165 20.87 -7.69 -53.77
CA PRO D 165 20.56 -6.84 -52.62
C PRO D 165 21.64 -6.86 -51.56
N GLU D 166 22.44 -7.93 -51.48
CA GLU D 166 23.50 -8.01 -50.49
C GLU D 166 24.53 -6.90 -50.65
N GLU D 167 24.65 -6.34 -51.85
CA GLU D 167 25.60 -5.25 -52.07
C GLU D 167 25.21 -4.01 -51.29
N ILE D 168 23.92 -3.83 -51.00
CA ILE D 168 23.48 -2.65 -50.27
C ILE D 168 23.59 -2.87 -48.77
N LEU D 169 23.25 -4.07 -48.29
CA LEU D 169 23.33 -4.33 -46.86
C LEU D 169 24.76 -4.28 -46.36
N ALA D 170 25.73 -4.62 -47.21
CA ALA D 170 27.11 -4.68 -46.77
C ALA D 170 27.59 -3.36 -46.20
N GLY D 171 26.99 -2.25 -46.60
CA GLY D 171 27.44 -0.95 -46.16
C GLY D 171 26.57 -0.34 -45.09
N GLU D 172 25.45 -0.98 -44.75
CA GLU D 172 24.52 -0.36 -43.81
C GLU D 172 25.19 -0.09 -42.48
N PHE D 173 25.75 -1.14 -41.86
CA PHE D 173 26.40 -0.94 -40.57
C PHE D 173 27.62 -0.04 -40.72
N LEU D 174 28.33 -0.16 -41.84
CA LEU D 174 29.45 0.73 -42.09
C LEU D 174 29.00 2.19 -42.08
N LEU D 175 27.90 2.48 -42.78
CA LEU D 175 27.36 3.83 -42.76
C LEU D 175 26.96 4.24 -41.35
N CYS D 176 26.36 3.31 -40.59
CA CYS D 176 25.91 3.64 -39.25
C CYS D 176 27.05 4.13 -38.37
N GLN D 177 28.20 3.44 -38.43
CA GLN D 177 29.36 3.88 -37.65
C GLN D 177 29.87 5.22 -38.16
N GLY D 178 29.90 5.39 -39.48
CA GLY D 178 30.45 6.60 -40.05
C GLY D 178 29.70 7.85 -39.60
N ILE D 179 28.38 7.77 -39.52
CA ILE D 179 27.56 8.90 -39.11
C ILE D 179 27.49 8.96 -37.58
N ARG D 180 28.28 8.12 -36.91
CA ARG D 180 28.42 8.16 -35.46
C ARG D 180 27.11 7.87 -34.74
N PHE D 181 26.28 6.99 -35.31
CA PHE D 181 25.08 6.47 -34.66
C PHE D 181 24.07 7.57 -34.34
N ALA D 182 24.20 8.74 -34.98
CA ALA D 182 23.27 9.85 -34.80
C ALA D 182 22.23 9.78 -35.90
N LEU D 183 21.04 9.29 -35.56
CA LEU D 183 19.99 9.06 -36.54
C LEU D 183 18.93 10.15 -36.57
N ASP D 184 18.92 11.05 -35.59
CA ASP D 184 17.92 12.13 -35.53
C ASP D 184 18.50 13.34 -36.24
N VAL D 185 18.09 13.55 -37.49
CA VAL D 185 18.53 14.68 -38.30
C VAL D 185 17.34 15.61 -38.51
N LYS D 186 17.60 16.91 -38.42
CA LYS D 186 16.57 17.93 -38.39
C LYS D 186 16.56 18.71 -39.69
N HIS D 187 15.39 18.78 -40.33
CA HIS D 187 15.21 19.42 -41.62
C HIS D 187 14.32 20.66 -41.50
N PRO D 188 14.42 21.60 -42.44
CA PRO D 188 13.63 22.84 -42.36
C PRO D 188 12.33 22.84 -43.16
N PHE D 189 11.92 21.71 -43.74
CA PHE D 189 10.70 21.69 -44.54
C PHE D 189 9.49 22.03 -43.69
N ARG D 190 9.31 21.31 -42.57
CA ARG D 190 8.18 21.61 -41.69
C ARG D 190 8.33 22.98 -41.06
N ALA D 191 9.57 23.41 -40.78
CA ALA D 191 9.80 24.76 -40.30
C ALA D 191 9.28 25.81 -41.28
N LEU D 192 9.39 25.53 -42.58
CA LEU D 192 8.91 26.48 -43.58
C LEU D 192 7.41 26.66 -43.48
N ARG D 193 6.66 25.56 -43.41
CA ARG D 193 5.21 25.67 -43.30
C ARG D 193 4.80 26.32 -41.99
N GLY D 194 5.61 26.19 -40.94
CA GLY D 194 5.32 26.87 -39.70
C GLY D 194 5.50 28.37 -39.82
N ALA D 195 6.54 28.80 -40.53
CA ALA D 195 6.77 30.23 -40.73
C ALA D 195 5.72 30.84 -41.64
N ILE D 196 5.19 30.06 -42.59
CA ILE D 196 4.13 30.56 -43.46
C ILE D 196 2.85 30.76 -42.65
N MET D 197 2.56 29.85 -41.72
CA MET D 197 1.36 29.98 -40.90
C MET D 197 1.44 31.24 -40.04
N GLU D 198 2.60 31.49 -39.43
CA GLU D 198 2.78 32.70 -38.64
C GLU D 198 2.60 33.95 -39.49
N LEU D 199 3.01 33.90 -40.76
CA LEU D 199 2.85 35.04 -41.65
C LEU D 199 1.40 35.21 -42.08
N SER D 200 0.66 34.11 -42.24
CA SER D 200 -0.73 34.18 -42.65
C SER D 200 -1.60 34.96 -41.67
N THR D 201 -1.15 35.12 -40.43
CA THR D 201 -1.92 35.87 -39.44
C THR D 201 -1.85 37.37 -39.67
N LEU D 202 -0.86 37.84 -40.40
CA LEU D 202 -0.77 39.26 -40.70
C LEU D 202 -1.80 39.63 -41.76
N PRO D 203 -2.58 40.70 -41.56
CA PRO D 203 -3.59 41.07 -42.58
C PRO D 203 -3.03 41.79 -43.79
N ASP D 204 -1.85 42.44 -43.68
CA ASP D 204 -1.33 43.14 -44.85
C ASP D 204 -0.79 42.19 -45.90
N VAL D 205 -0.23 41.04 -45.49
CA VAL D 205 0.34 40.11 -46.47
C VAL D 205 -0.79 39.46 -47.25
N GLU D 206 -0.55 39.24 -48.55
CA GLU D 206 -1.57 38.66 -49.40
C GLU D 206 -1.33 37.16 -49.57
N PRO D 207 -2.39 36.34 -49.55
CA PRO D 207 -2.17 34.88 -49.65
C PRO D 207 -1.41 34.46 -50.90
N ALA D 208 -1.75 35.02 -52.06
CA ALA D 208 -1.08 34.62 -53.30
C ALA D 208 0.42 34.85 -53.21
N ARG D 209 0.84 35.94 -52.56
CA ARG D 209 2.26 36.15 -52.34
C ARG D 209 2.85 35.08 -51.45
N LEU D 210 2.12 34.71 -50.39
CA LEU D 210 2.61 33.68 -49.47
C LEU D 210 2.76 32.34 -50.17
N VAL D 211 1.76 31.96 -50.98
CA VAL D 211 1.81 30.67 -51.67
C VAL D 211 3.05 30.60 -52.56
N ALA D 212 3.25 31.63 -53.38
CA ALA D 212 4.41 31.65 -54.27
C ALA D 212 5.71 31.58 -53.48
N ALA D 213 5.78 32.30 -52.36
CA ALA D 213 7.00 32.27 -51.55
C ALA D 213 7.27 30.88 -51.02
N GLU D 214 6.24 30.19 -50.51
CA GLU D 214 6.44 28.87 -49.96
C GLU D 214 6.91 27.88 -51.03
N GLN D 215 6.29 27.91 -52.21
CA GLN D 215 6.69 27.01 -53.28
C GLN D 215 8.17 27.17 -53.60
N ARG D 216 8.63 28.41 -53.75
CA ARG D 216 10.03 28.64 -54.12
C ARG D 216 10.96 28.23 -52.99
N ALA D 217 10.70 28.71 -51.76
CA ALA D 217 11.55 28.35 -50.64
C ALA D 217 11.63 26.83 -50.48
N ARG D 218 10.55 26.13 -50.76
CA ARG D 218 10.57 24.67 -50.66
C ARG D 218 11.47 24.06 -51.73
N GLU D 219 11.40 24.58 -52.96
CA GLU D 219 12.28 24.10 -54.02
C GLU D 219 13.74 24.36 -53.66
N ILE D 220 14.02 25.51 -53.03
CA ILE D 220 15.37 25.78 -52.55
C ILE D 220 15.77 24.74 -51.51
N LEU D 221 14.90 24.50 -50.54
CA LEU D 221 15.22 23.56 -49.46
C LEU D 221 15.43 22.15 -49.99
N ARG D 222 14.74 21.78 -51.07
CA ARG D 222 14.88 20.43 -51.62
C ARG D 222 16.21 20.18 -52.29
N PHE D 223 17.01 21.22 -52.53
CA PHE D 223 18.28 21.07 -53.24
C PHE D 223 19.41 21.90 -52.63
N SER D 224 19.16 23.19 -52.48
CA SER D 224 20.25 24.11 -52.13
C SER D 224 20.98 23.71 -50.86
N PRO D 225 20.31 23.46 -49.73
CA PRO D 225 21.05 23.15 -48.49
C PRO D 225 21.52 21.71 -48.39
N LEU D 226 21.08 20.83 -49.29
CA LEU D 226 21.53 19.45 -49.30
C LEU D 226 22.82 19.25 -50.08
N ILE D 227 23.08 20.11 -51.06
CA ILE D 227 24.30 20.01 -51.86
C ILE D 227 25.44 20.83 -51.26
N THR D 228 25.14 21.80 -50.41
CA THR D 228 26.15 22.64 -49.77
C THR D 228 26.29 22.25 -48.31
N ASP D 229 27.19 22.93 -47.61
CA ASP D 229 27.45 22.68 -46.19
C ASP D 229 26.50 23.45 -45.28
N ALA D 230 25.26 23.71 -45.73
CA ALA D 230 24.35 24.53 -44.94
C ALA D 230 24.07 23.89 -43.59
N TYR D 231 23.81 22.58 -43.57
CA TYR D 231 23.44 21.92 -42.32
C TYR D 231 24.56 22.02 -41.28
N PHE D 232 25.82 22.06 -41.72
CA PHE D 232 26.95 22.02 -40.80
C PHE D 232 27.19 23.35 -40.10
N HIS D 233 26.73 24.47 -40.67
CA HIS D 233 26.98 25.78 -40.11
C HIS D 233 25.74 26.53 -39.68
N PHE D 234 24.54 26.02 -39.99
CA PHE D 234 23.31 26.75 -39.72
C PHE D 234 22.25 25.80 -39.23
N THR D 235 21.31 26.35 -38.49
CA THR D 235 20.17 25.70 -37.86
C THR D 235 19.01 25.60 -38.84
N PRO D 236 18.17 24.57 -38.73
CA PRO D 236 17.00 24.49 -39.63
C PRO D 236 16.18 25.77 -39.72
N SER D 237 15.99 26.48 -38.60
CA SER D 237 15.28 27.74 -38.67
C SER D 237 16.06 28.76 -39.50
N GLN D 238 17.38 28.82 -39.30
CA GLN D 238 18.20 29.76 -40.05
C GLN D 238 18.19 29.44 -41.53
N ILE D 239 18.39 28.17 -41.88
CA ILE D 239 18.35 27.76 -43.28
C ILE D 239 16.97 28.03 -43.86
N MET D 240 15.91 27.71 -43.11
CA MET D 240 14.55 27.94 -43.59
C MET D 240 14.33 29.41 -43.91
N LEU D 241 14.70 30.29 -42.97
CA LEU D 241 14.57 31.72 -43.23
C LEU D 241 15.44 32.16 -44.40
N ALA D 242 16.59 31.52 -44.58
CA ALA D 242 17.47 31.88 -45.70
C ALA D 242 16.84 31.49 -47.02
N ALA D 243 16.26 30.29 -47.10
CA ALA D 243 15.57 29.88 -48.31
C ALA D 243 14.36 30.78 -48.58
N LEU D 244 13.67 31.18 -47.51
CA LEU D 244 12.56 32.12 -47.67
C LEU D 244 13.06 33.50 -48.08
N SER D 245 14.21 33.91 -47.54
CA SER D 245 14.76 35.20 -47.91
C SER D 245 15.09 35.26 -49.40
N LEU D 246 15.52 34.14 -49.98
CA LEU D 246 15.77 34.11 -51.41
C LEU D 246 14.49 34.14 -52.22
N ALA D 247 13.42 33.52 -51.70
CA ALA D 247 12.14 33.53 -52.41
C ALA D 247 11.43 34.88 -52.29
N ASP D 248 11.47 35.49 -51.11
CA ASP D 248 10.82 36.77 -50.89
C ASP D 248 11.48 37.42 -49.66
N ARG D 249 12.49 38.26 -49.91
CA ARG D 249 13.23 38.86 -48.80
C ARG D 249 12.30 39.63 -47.87
N GLY D 250 11.25 40.23 -48.41
CA GLY D 250 10.32 40.97 -47.56
C GLY D 250 9.68 40.12 -46.50
N LEU D 251 9.21 38.93 -46.87
CA LEU D 251 8.55 38.06 -45.90
C LEU D 251 9.53 37.59 -44.83
N ALA D 252 10.75 37.23 -45.23
CA ALA D 252 11.73 36.74 -44.26
C ALA D 252 12.09 37.84 -43.27
N GLU D 253 12.37 39.04 -43.77
CA GLU D 253 12.67 40.16 -42.87
C GLU D 253 11.49 40.50 -41.99
N ARG D 254 10.27 40.37 -42.52
CA ARG D 254 9.07 40.67 -41.73
C ARG D 254 9.00 39.76 -40.51
N LEU D 255 9.20 38.46 -40.69
CA LEU D 255 9.10 37.53 -39.57
C LEU D 255 10.17 37.81 -38.53
N ILE D 256 11.39 38.13 -38.97
CA ILE D 256 12.47 38.41 -38.02
C ILE D 256 12.17 39.68 -37.24
N GLN D 257 11.70 40.73 -37.92
CA GLN D 257 11.37 41.96 -37.22
C GLN D 257 10.21 41.77 -36.25
N ASP D 258 9.18 41.02 -36.66
CA ASP D 258 8.00 40.87 -35.83
C ASP D 258 8.35 40.16 -34.52
N THR D 259 9.05 39.02 -34.62
CA THR D 259 9.33 38.23 -33.42
C THR D 259 10.27 38.97 -32.48
N PHE D 260 11.22 39.72 -33.02
CA PHE D 260 12.18 40.47 -32.19
C PHE D 260 11.62 41.79 -31.67
N HIS D 261 10.58 42.35 -32.28
CA HIS D 261 9.95 43.53 -31.69
C HIS D 261 9.39 43.20 -30.31
N TYR D 262 8.69 42.08 -30.20
CA TYR D 262 8.16 41.58 -28.92
C TYR D 262 8.73 40.19 -28.63
N GLY D 311 19.12 42.93 -26.65
CA GLY D 311 18.06 42.38 -27.49
C GLY D 311 18.19 42.83 -28.92
N SER D 312 18.59 44.09 -29.13
CA SER D 312 18.79 44.58 -30.49
C SER D 312 20.02 43.94 -31.11
N HIS D 313 21.06 43.70 -30.32
CA HIS D 313 22.26 43.06 -30.85
C HIS D 313 21.95 41.67 -31.38
N VAL D 314 21.04 40.94 -30.72
CA VAL D 314 20.73 39.59 -31.16
C VAL D 314 20.03 39.62 -32.51
N ARG D 315 19.19 40.63 -32.74
CA ARG D 315 18.53 40.76 -34.03
C ARG D 315 19.55 40.97 -35.16
N ASP D 316 20.50 41.88 -34.95
CA ASP D 316 21.50 42.14 -35.98
C ASP D 316 22.41 40.95 -36.19
N LYS D 317 22.76 40.24 -35.10
CA LYS D 317 23.63 39.09 -35.23
C LYS D 317 22.89 37.92 -35.90
N VAL D 318 21.59 37.80 -35.66
CA VAL D 318 20.81 36.78 -36.35
C VAL D 318 20.66 37.13 -37.82
N LEU D 319 20.32 38.39 -38.11
CA LEU D 319 20.17 38.81 -39.50
C LEU D 319 21.44 38.56 -40.30
N GLY D 320 22.60 38.84 -39.70
CA GLY D 320 23.85 38.57 -40.39
C GLY D 320 24.06 37.09 -40.65
N THR D 321 23.61 36.25 -39.71
CA THR D 321 23.74 34.81 -39.91
C THR D 321 22.85 34.33 -41.05
N ILE D 322 21.61 34.82 -41.10
CA ILE D 322 20.72 34.43 -42.20
C ILE D 322 21.31 34.86 -43.53
N GLU D 323 21.92 36.05 -43.57
CA GLU D 323 22.52 36.54 -44.80
C GLU D 323 23.71 35.67 -45.22
N ALA D 324 24.50 35.21 -44.24
CA ALA D 324 25.61 34.32 -44.56
C ALA D 324 25.10 33.00 -45.16
N CYS D 325 24.03 32.46 -44.60
CA CYS D 325 23.42 31.26 -45.17
C CYS D 325 22.78 31.56 -46.52
N ARG D 326 22.18 32.76 -46.65
CA ARG D 326 21.57 33.14 -47.92
C ARG D 326 22.59 33.12 -49.05
N ASP D 327 23.82 33.55 -48.77
CA ASP D 327 24.84 33.56 -49.80
C ASP D 327 25.35 32.16 -50.08
N MET D 328 25.48 31.33 -49.05
CA MET D 328 25.92 29.95 -49.26
C MET D 328 24.92 29.20 -50.13
N LEU D 329 23.62 29.39 -49.87
CA LEU D 329 22.61 28.69 -50.65
C LEU D 329 22.57 29.20 -52.09
N SER D 330 22.75 30.50 -52.28
CA SER D 330 22.61 31.09 -53.62
C SER D 330 23.58 30.45 -54.61
N LYS D 331 24.71 29.93 -54.12
CA LYS D 331 25.71 29.35 -55.00
C LYS D 331 25.29 27.99 -55.56
N GLU D 332 24.22 27.39 -55.06
CA GLU D 332 23.75 26.10 -55.53
C GLU D 332 22.22 26.06 -55.51
N LEU D 333 21.62 26.91 -56.34
CA LEU D 333 20.16 27.01 -56.40
C LEU D 333 19.57 25.80 -57.13
N PRO D 334 18.26 25.60 -57.04
CA PRO D 334 17.64 24.45 -57.71
C PRO D 334 17.92 24.40 -59.20
N GLU D 335 18.17 25.55 -59.84
CA GLU D 335 18.46 25.55 -61.27
C GLU D 335 19.73 24.77 -61.58
N ARG D 336 20.64 24.64 -60.61
CA ARG D 336 21.87 23.90 -60.78
C ARG D 336 21.66 22.40 -60.88
N ARG D 337 20.43 21.91 -60.74
CA ARG D 337 20.18 20.49 -60.90
C ARG D 337 20.67 19.99 -62.26
N GLU D 338 20.50 20.80 -63.29
CA GLU D 338 20.94 20.41 -64.63
C GLU D 338 22.44 20.50 -64.80
N HIS D 339 23.12 21.33 -64.02
CA HIS D 339 24.58 21.42 -64.11
C HIS D 339 25.24 20.12 -63.66
N TRP D 340 24.74 19.54 -62.58
CA TRP D 340 25.31 18.30 -62.06
C TRP D 340 24.81 17.06 -62.78
N ASN D 341 23.84 17.20 -63.68
CA ASN D 341 23.40 16.11 -64.54
C ASN D 341 23.84 16.31 -65.98
N ASN D 342 24.63 17.34 -66.26
CA ASN D 342 25.08 17.60 -67.62
C ASN D 342 26.14 16.59 -68.03
N LYS D 343 25.99 16.04 -69.25
CA LYS D 343 26.96 15.07 -69.73
C LYS D 343 28.29 15.71 -70.07
N THR D 344 28.28 16.98 -70.48
CA THR D 344 29.52 17.66 -70.81
C THR D 344 30.29 18.02 -69.53
N VAL D 345 29.57 18.46 -68.50
CA VAL D 345 30.22 18.72 -67.21
C VAL D 345 30.83 17.44 -66.66
N TYR D 346 30.12 16.33 -66.81
CA TYR D 346 30.63 15.05 -66.33
C TYR D 346 31.92 14.65 -67.05
N LYS D 347 31.87 14.59 -68.38
CA LYS D 347 33.03 14.13 -69.14
C LYS D 347 34.24 15.02 -68.92
N ALA D 348 34.03 16.33 -68.76
CA ALA D 348 35.14 17.26 -68.68
C ALA D 348 35.63 17.49 -67.26
N GLN D 349 34.72 17.57 -66.29
CA GLN D 349 35.06 17.95 -64.93
C GLN D 349 35.02 16.80 -63.94
N ILE D 350 34.13 15.83 -64.11
CA ILE D 350 33.95 14.74 -63.16
C ILE D 350 34.73 13.51 -63.57
N GLN D 351 34.60 13.09 -64.82
CA GLN D 351 35.20 11.85 -65.28
C GLN D 351 36.70 11.76 -65.01
N PRO D 352 37.51 12.78 -65.29
CA PRO D 352 38.93 12.71 -64.94
C PRO D 352 39.17 12.31 -63.49
N ILE D 353 38.38 12.83 -62.55
CA ILE D 353 38.61 12.55 -61.14
C ILE D 353 38.26 11.10 -60.82
N ARG D 354 37.12 10.62 -61.31
CA ARG D 354 36.77 9.22 -61.10
C ARG D 354 37.82 8.31 -61.72
N LYS D 355 38.42 8.75 -62.83
CA LYS D 355 39.47 7.97 -63.47
C LYS D 355 40.74 7.97 -62.61
N LYS D 356 41.04 9.09 -61.97
CA LYS D 356 42.14 9.14 -61.02
C LYS D 356 41.86 8.25 -59.81
N LEU D 357 40.59 8.21 -59.38
CA LEU D 357 40.23 7.44 -58.20
C LEU D 357 40.31 5.94 -58.46
N ASN D 358 40.17 5.50 -59.71
CA ASN D 358 40.13 4.08 -60.01
C ASN D 358 41.49 3.41 -59.83
N LYS D 359 42.56 4.18 -59.76
CA LYS D 359 43.91 3.63 -59.64
C LYS D 359 44.56 3.91 -58.29
N CYS D 360 43.90 4.69 -57.43
CA CYS D 360 44.45 5.00 -56.10
C CYS D 360 43.49 4.60 -54.98
N ARG D 361 42.44 3.85 -55.29
CA ARG D 361 41.46 3.48 -54.28
C ARG D 361 42.04 2.43 -53.32
N ASP D 362 41.44 2.35 -52.15
CA ASP D 362 41.85 1.37 -51.15
C ASP D 362 41.57 -0.02 -51.68
N PRO D 363 42.57 -0.91 -51.73
CA PRO D 363 42.33 -2.24 -52.34
C PRO D 363 41.49 -3.17 -51.46
N ASP D 364 41.54 -3.03 -50.15
CA ASP D 364 40.86 -3.96 -49.27
C ASP D 364 39.44 -3.54 -48.94
N ARG D 365 39.20 -2.23 -48.78
CA ARG D 365 37.93 -1.73 -48.28
C ARG D 365 36.94 -1.37 -49.38
N TRP D 366 37.38 -1.29 -50.64
CA TRP D 366 36.50 -0.85 -51.72
C TRP D 366 35.36 -1.83 -51.96
N ASN D 367 35.63 -3.14 -51.88
CA ASN D 367 34.61 -4.15 -52.09
C ASN D 367 33.90 -4.40 -50.77
N LEU D 368 32.70 -3.84 -50.63
CA LEU D 368 31.98 -3.93 -49.37
C LEU D 368 31.59 -5.36 -49.04
N VAL D 369 31.15 -6.13 -50.05
CA VAL D 369 30.73 -7.50 -49.79
C VAL D 369 31.89 -8.32 -49.24
N GLU D 370 33.10 -8.10 -49.75
CA GLU D 370 34.27 -8.83 -49.26
C GLU D 370 34.69 -8.33 -47.89
N LEU D 371 34.71 -7.01 -47.69
CA LEU D 371 35.00 -6.47 -46.37
C LEU D 371 34.09 -7.09 -45.31
N GLN D 372 32.80 -7.22 -45.62
CA GLN D 372 31.88 -7.86 -44.68
C GLN D 372 32.21 -9.34 -44.53
N ARG D 373 32.57 -10.01 -45.63
CA ARG D 373 32.82 -11.45 -45.57
C ARG D 373 33.98 -11.77 -44.64
N ILE D 374 35.09 -11.04 -44.78
CA ILE D 374 36.27 -11.38 -43.99
C ILE D 374 36.08 -10.97 -42.53
N ARG D 375 35.27 -9.93 -42.28
CA ARG D 375 35.03 -9.53 -40.90
C ARG D 375 34.05 -10.45 -40.20
N ARG D 376 33.15 -11.09 -40.95
CA ARG D 376 32.29 -12.11 -40.34
C ARG D 376 33.07 -13.38 -40.06
N GLU D 377 33.92 -13.81 -41.00
CA GLU D 377 34.73 -15.00 -40.76
C GLU D 377 35.78 -14.76 -39.69
N GLN D 378 36.28 -13.52 -39.59
CA GLN D 378 37.21 -13.19 -38.51
C GLN D 378 36.54 -13.25 -37.16
N ALA D 379 35.24 -12.94 -37.09
CA ALA D 379 34.51 -12.97 -35.83
C ALA D 379 34.11 -14.38 -35.42
N SER D 380 33.91 -15.27 -36.39
CA SER D 380 33.49 -16.63 -36.09
C SER D 380 34.65 -17.48 -35.57
N ARG D 381 35.67 -17.70 -36.39
CA ARG D 381 36.79 -18.55 -36.03
C ARG D 381 37.89 -17.71 -35.40
N LYS D 382 38.17 -17.98 -34.12
CA LYS D 382 39.22 -17.27 -33.38
C LYS D 382 40.59 -17.87 -33.70
N GLY D 383 40.93 -17.87 -34.99
CA GLY D 383 42.20 -18.36 -35.46
C GLY D 383 42.17 -19.74 -36.08
N PHE D 384 40.99 -20.36 -36.20
CA PHE D 384 40.86 -21.67 -36.81
C PHE D 384 40.65 -21.50 -38.31
N ASP D 385 41.43 -22.21 -39.11
CA ASP D 385 41.35 -22.05 -40.56
C ASP D 385 41.87 -23.29 -41.26
N SER D 386 41.25 -23.58 -42.42
CA SER D 386 41.68 -24.69 -43.27
C SER D 386 41.70 -24.29 -44.74
N ASP D 387 41.69 -22.98 -45.04
CA ASP D 387 41.69 -22.49 -46.42
C ASP D 387 42.88 -21.62 -46.75
N ASP D 388 43.82 -21.42 -45.84
CA ASP D 388 44.95 -20.54 -46.06
C ASP D 388 46.07 -21.32 -46.75
N GLU D 389 46.59 -20.76 -47.85
CA GLU D 389 47.64 -21.40 -48.64
C GLU D 389 48.98 -20.68 -48.52
N GLY D 390 49.09 -19.69 -47.65
CA GLY D 390 50.34 -18.97 -47.47
C GLY D 390 50.20 -17.47 -47.70
N THR E 77 45.91 0.07 -41.31
CA THR E 77 44.68 -0.60 -41.74
C THR E 77 43.48 -0.15 -40.92
N PRO E 78 43.61 -0.10 -39.59
CA PRO E 78 42.47 0.31 -38.76
C PRO E 78 41.97 1.70 -39.14
N ASP E 79 40.68 1.79 -39.41
CA ASP E 79 40.09 3.06 -39.83
C ASP E 79 40.04 4.04 -38.66
N PRO E 80 40.16 5.35 -38.93
CA PRO E 80 40.06 6.32 -37.83
C PRO E 80 38.76 6.20 -37.05
N VAL E 81 37.65 5.90 -37.72
CA VAL E 81 36.39 5.70 -37.00
C VAL E 81 36.47 4.45 -36.13
N GLU E 82 37.20 3.43 -36.59
CA GLU E 82 37.28 2.18 -35.84
C GLU E 82 38.08 2.35 -34.56
N GLN E 83 39.20 3.08 -34.63
CA GLN E 83 39.97 3.34 -33.41
C GLN E 83 39.20 4.23 -32.45
N MET E 84 38.39 5.14 -32.99
CA MET E 84 37.54 5.96 -32.13
C MET E 84 36.49 5.11 -31.42
N ASN E 85 35.91 4.13 -32.13
CA ASN E 85 34.93 3.25 -31.51
C ASN E 85 35.58 2.37 -30.44
N GLU E 86 36.79 1.88 -30.69
CA GLU E 86 37.49 1.11 -29.66
C GLU E 86 37.86 1.97 -28.46
N ALA E 87 38.19 3.24 -28.69
CA ALA E 87 38.43 4.13 -27.57
C ALA E 87 37.18 4.27 -26.70
N GLU E 88 36.00 4.24 -27.33
CA GLU E 88 34.75 4.32 -26.58
C GLU E 88 34.43 2.99 -25.90
N LYS E 89 34.73 1.87 -26.57
CA LYS E 89 34.54 0.56 -25.94
C LYS E 89 35.47 0.39 -24.74
N ARG E 90 36.64 1.01 -24.78
CA ARG E 90 37.58 0.94 -23.67
C ARG E 90 37.07 1.68 -22.43
N LYS E 91 36.12 2.59 -22.60
CA LYS E 91 35.63 3.37 -21.46
C LYS E 91 34.84 2.53 -20.47
N TYR E 92 34.26 1.41 -20.89
CA TYR E 92 33.37 0.63 -20.06
C TYR E 92 33.81 -0.82 -20.05
N ILE E 93 33.90 -1.39 -18.84
CA ILE E 93 34.36 -2.75 -18.62
C ILE E 93 33.16 -3.67 -18.50
N LYS E 94 33.14 -4.72 -19.31
CA LYS E 94 32.02 -5.66 -19.31
C LYS E 94 32.17 -6.64 -18.16
N GLY E 95 31.05 -7.00 -17.54
CA GLY E 95 31.04 -7.88 -16.39
C GLY E 95 30.09 -9.04 -16.60
N LYS E 96 29.34 -9.38 -15.55
CA LYS E 96 28.43 -10.51 -15.60
C LYS E 96 27.42 -10.34 -16.74
N LYS E 97 26.98 -11.47 -17.29
CA LYS E 97 25.95 -11.48 -18.33
C LYS E 97 24.59 -11.51 -17.63
N LEU E 98 23.93 -10.35 -17.57
CA LEU E 98 22.65 -10.24 -16.89
C LEU E 98 21.47 -10.77 -17.71
N GLY E 99 21.61 -10.87 -19.02
CA GLY E 99 20.49 -11.26 -19.87
C GLY E 99 20.96 -11.93 -21.13
N GLU E 100 20.15 -12.87 -21.62
CA GLU E 100 20.44 -13.63 -22.83
C GLU E 100 19.28 -13.49 -23.81
N GLY E 101 19.59 -13.63 -25.09
CA GLY E 101 18.59 -13.54 -26.13
C GLY E 101 19.18 -13.59 -27.53
N THR E 102 18.36 -13.98 -28.51
CA THR E 102 18.83 -14.01 -29.89
C THR E 102 18.99 -12.60 -30.45
N TYR E 103 18.14 -11.66 -30.02
CA TYR E 103 18.22 -10.29 -30.50
C TYR E 103 19.33 -9.52 -29.80
N ALA E 104 19.46 -9.65 -28.48
CA ALA E 104 20.44 -8.88 -27.74
C ALA E 104 20.90 -9.65 -26.51
N ASN E 105 22.08 -9.28 -26.03
CA ASN E 105 22.63 -9.79 -24.78
C ASN E 105 22.98 -8.61 -23.89
N VAL E 106 22.57 -8.67 -22.62
CA VAL E 106 22.79 -7.60 -21.67
C VAL E 106 23.89 -8.03 -20.71
N TYR E 107 24.83 -7.13 -20.45
CA TYR E 107 25.95 -7.38 -19.55
C TYR E 107 26.04 -6.25 -18.54
N LEU E 108 26.42 -6.60 -17.31
CA LEU E 108 26.75 -5.58 -16.32
C LEU E 108 28.08 -4.96 -16.67
N GLY E 109 28.18 -3.64 -16.48
CA GLY E 109 29.41 -2.94 -16.77
C GLY E 109 29.58 -1.75 -15.83
N HIS E 110 30.76 -1.14 -15.93
CA HIS E 110 31.09 0.01 -15.10
C HIS E 110 32.22 0.78 -15.75
N SER E 111 32.21 2.10 -15.55
CA SER E 111 33.26 2.93 -16.11
C SER E 111 34.61 2.51 -15.56
N ARG E 112 35.63 2.53 -16.43
CA ARG E 112 36.97 2.19 -15.97
C ARG E 112 37.54 3.29 -15.08
N ASP E 113 37.18 4.55 -15.36
CA ASP E 113 37.67 5.68 -14.59
C ASP E 113 36.95 5.83 -13.26
N ASP E 114 35.75 5.25 -13.12
CA ASP E 114 34.98 5.31 -11.88
C ASP E 114 34.26 4.00 -11.72
N PRO E 115 34.94 2.95 -11.25
CA PRO E 115 34.31 1.62 -11.17
C PRO E 115 33.05 1.57 -10.31
N ASN E 116 32.78 2.59 -9.50
CA ASN E 116 31.54 2.62 -8.74
C ASN E 116 30.35 3.01 -9.61
N PHE E 117 30.58 3.68 -10.73
CA PHE E 117 29.52 4.02 -11.69
C PHE E 117 29.24 2.78 -12.54
N LYS E 118 28.11 2.14 -12.28
CA LYS E 118 27.72 0.93 -13.00
C LYS E 118 26.94 1.27 -14.26
N VAL E 119 26.82 0.28 -15.15
CA VAL E 119 26.24 0.49 -16.47
C VAL E 119 25.76 -0.86 -16.98
N ALA E 120 24.81 -0.83 -17.90
CA ALA E 120 24.30 -2.03 -18.57
C ALA E 120 24.60 -1.92 -20.06
N ILE E 121 25.16 -2.98 -20.64
CA ILE E 121 25.58 -3.00 -22.04
C ILE E 121 24.71 -4.00 -22.78
N LYS E 122 23.84 -3.51 -23.66
CA LYS E 122 23.02 -4.36 -24.52
C LYS E 122 23.74 -4.58 -25.84
N LYS E 123 24.12 -5.82 -26.11
CA LYS E 123 24.83 -6.20 -27.34
C LYS E 123 23.84 -6.81 -28.33
N ILE E 124 23.47 -6.04 -29.35
CA ILE E 124 22.51 -6.52 -30.35
C ILE E 124 23.24 -7.39 -31.37
N LYS E 125 22.90 -8.67 -31.42
CA LYS E 125 23.48 -9.61 -32.36
C LYS E 125 22.71 -9.61 -33.68
N VAL E 126 23.28 -10.28 -34.69
CA VAL E 126 22.68 -10.36 -36.02
C VAL E 126 21.23 -10.84 -35.90
N GLN E 127 20.41 -10.50 -36.88
CA GLN E 127 19.00 -10.90 -36.94
C GLN E 127 18.81 -11.92 -38.05
N ALA E 128 18.71 -13.20 -37.68
CA ALA E 128 18.53 -14.25 -38.67
C ALA E 128 17.12 -14.20 -39.26
N GLN E 129 16.12 -13.89 -38.44
CA GLN E 129 14.74 -13.79 -38.93
C GLN E 129 14.54 -12.63 -39.89
N TYR E 130 15.30 -11.54 -39.74
CA TYR E 130 15.11 -10.36 -40.59
C TYR E 130 16.25 -10.32 -41.59
N LYS E 131 15.92 -10.54 -42.86
CA LYS E 131 16.88 -10.58 -43.96
C LYS E 131 17.04 -9.22 -44.63
N ASP E 132 16.38 -8.18 -44.11
CA ASP E 132 16.40 -6.85 -44.71
C ASP E 132 17.33 -5.91 -43.96
N GLY E 133 18.41 -6.44 -43.40
CA GLY E 133 19.41 -5.64 -42.72
C GLY E 133 19.09 -5.36 -41.27
N MET E 134 19.51 -4.19 -40.79
CA MET E 134 19.34 -3.84 -39.38
C MET E 134 17.86 -3.83 -39.01
N ALA E 135 17.55 -4.43 -37.87
CA ALA E 135 16.15 -4.57 -37.46
C ALA E 135 15.57 -3.22 -37.05
N PRO E 136 14.27 -3.02 -37.28
CA PRO E 136 13.68 -1.71 -36.95
C PRO E 136 13.72 -1.36 -35.47
N ASP E 137 13.57 -2.35 -34.58
CA ASP E 137 13.66 -2.05 -33.15
C ASP E 137 15.03 -1.53 -32.78
N ALA E 138 16.07 -1.97 -33.48
CA ALA E 138 17.41 -1.46 -33.20
C ALA E 138 17.57 -0.03 -33.70
N VAL E 139 17.11 0.25 -34.91
CA VAL E 139 17.20 1.60 -35.46
C VAL E 139 16.38 2.57 -34.61
N ARG E 140 15.18 2.15 -34.19
CA ARG E 140 14.29 3.04 -33.46
C ARG E 140 14.88 3.42 -32.10
N GLU E 141 15.36 2.44 -31.35
CA GLU E 141 15.97 2.74 -30.06
C GLU E 141 17.15 3.69 -30.22
N LEU E 142 18.00 3.44 -31.21
CA LEU E 142 19.17 4.30 -31.40
C LEU E 142 18.75 5.75 -31.66
N LYS E 143 17.68 5.94 -32.42
CA LYS E 143 17.25 7.29 -32.76
C LYS E 143 16.55 7.95 -31.58
N TYR E 144 15.55 7.27 -31.01
CA TYR E 144 14.64 7.93 -30.09
C TYR E 144 15.19 7.97 -28.67
N LEU E 145 15.97 6.98 -28.27
CA LEU E 145 16.61 7.04 -26.95
C LEU E 145 17.56 8.22 -26.87
N ARG E 146 18.26 8.51 -27.96
CA ARG E 146 19.14 9.68 -28.00
C ARG E 146 18.33 10.97 -28.03
N GLU E 147 17.21 10.97 -28.73
CA GLU E 147 16.39 12.18 -28.82
C GLU E 147 15.79 12.52 -27.46
N LEU E 148 15.30 11.52 -26.74
CA LEU E 148 14.64 11.73 -25.47
C LEU E 148 15.58 11.73 -24.28
N ARG E 149 16.85 11.39 -24.47
CA ARG E 149 17.78 11.31 -23.35
C ARG E 149 17.81 12.65 -22.62
N GLY E 150 17.90 12.58 -21.29
CA GLY E 150 17.97 13.74 -20.43
C GLY E 150 16.84 13.85 -19.42
N HIS E 151 15.75 13.10 -19.59
CA HIS E 151 14.64 13.17 -18.67
C HIS E 151 14.76 12.08 -17.61
N PRO E 152 14.37 12.35 -16.35
CA PRO E 152 14.63 11.36 -15.29
C PRO E 152 13.80 10.09 -15.40
N ASN E 153 12.68 10.10 -16.13
CA ASN E 153 11.82 8.93 -16.25
C ASN E 153 11.92 8.26 -17.62
N ILE E 154 13.01 8.53 -18.35
CA ILE E 154 13.32 7.85 -19.60
C ILE E 154 14.70 7.22 -19.45
N ILE E 155 14.82 5.95 -19.81
CA ILE E 155 16.10 5.27 -19.67
C ILE E 155 17.16 6.04 -20.47
N GLY E 156 18.27 6.35 -19.81
CA GLY E 156 19.29 7.17 -20.43
C GLY E 156 20.23 6.33 -21.27
N LEU E 157 20.43 6.74 -22.52
CA LEU E 157 21.40 6.12 -23.41
C LEU E 157 22.73 6.82 -23.16
N ILE E 158 23.61 6.15 -22.42
CA ILE E 158 24.86 6.78 -22.00
C ILE E 158 25.84 6.88 -23.16
N SER E 159 25.94 5.83 -23.96
CA SER E 159 26.91 5.80 -25.06
C SER E 159 26.53 4.70 -26.03
N VAL E 160 27.13 4.76 -27.22
CA VAL E 160 26.95 3.74 -28.24
C VAL E 160 28.30 3.51 -28.92
N PHE E 161 28.65 2.24 -29.12
CA PHE E 161 29.87 1.88 -29.83
C PHE E 161 29.65 0.55 -30.54
N SER E 162 30.45 0.32 -31.57
CA SER E 162 30.38 -0.91 -32.36
C SER E 162 31.42 -1.90 -31.87
N SER E 163 31.05 -3.18 -31.89
CA SER E 163 31.91 -4.24 -31.40
C SER E 163 32.84 -4.73 -32.50
N LYS E 164 33.85 -5.50 -32.10
CA LYS E 164 34.79 -6.05 -33.07
C LYS E 164 34.09 -6.95 -34.09
N ASP E 165 33.02 -7.64 -33.67
CA ASP E 165 32.27 -8.52 -34.55
C ASP E 165 31.17 -7.79 -35.30
N GLN E 166 31.32 -6.47 -35.51
CA GLN E 166 30.34 -5.69 -36.25
C GLN E 166 28.96 -5.78 -35.61
N ASN E 167 28.93 -5.82 -34.28
CA ASN E 167 27.69 -5.83 -33.51
C ASN E 167 27.48 -4.48 -32.84
N LEU E 168 26.22 -4.20 -32.51
CA LEU E 168 25.83 -2.92 -31.92
C LEU E 168 25.76 -3.06 -30.40
N ASN E 169 26.33 -2.08 -29.70
CA ASN E 169 26.36 -2.07 -28.24
C ASN E 169 25.76 -0.75 -27.75
N LEU E 170 24.84 -0.86 -26.80
CA LEU E 170 24.20 0.30 -26.18
C LEU E 170 24.59 0.34 -24.71
N VAL E 171 25.23 1.43 -24.30
CA VAL E 171 25.56 1.65 -22.89
C VAL E 171 24.39 2.38 -22.26
N LEU E 172 23.65 1.68 -21.40
CA LEU E 172 22.38 2.16 -20.88
C LEU E 172 22.44 2.32 -19.36
N GLU E 173 21.46 3.06 -18.85
CA GLU E 173 21.29 3.18 -17.40
C GLU E 173 21.14 1.80 -16.76
N TYR E 174 21.81 1.61 -15.64
CA TYR E 174 21.69 0.38 -14.86
C TYR E 174 20.51 0.52 -13.90
N LEU E 175 19.49 -0.31 -14.10
CA LEU E 175 18.25 -0.25 -13.32
C LEU E 175 18.07 -1.60 -12.63
N PRO E 176 18.63 -1.78 -11.44
CA PRO E 176 18.70 -3.13 -10.85
C PRO E 176 17.43 -3.60 -10.15
N LEU E 177 16.46 -2.73 -9.87
CA LEU E 177 15.29 -3.12 -9.10
C LEU E 177 14.19 -3.73 -9.95
N GLY E 178 14.49 -4.13 -11.19
CA GLY E 178 13.52 -4.81 -12.01
C GLY E 178 12.56 -3.89 -12.72
N ASP E 179 11.30 -4.30 -12.84
CA ASP E 179 10.29 -3.53 -13.53
C ASP E 179 9.01 -3.54 -12.69
N LEU E 180 7.97 -2.88 -13.20
CA LEU E 180 6.72 -2.79 -12.46
C LEU E 180 5.85 -4.04 -12.60
N GLU E 181 6.06 -4.83 -13.66
CA GLU E 181 5.27 -6.05 -13.83
C GLU E 181 5.56 -7.03 -12.71
N MET E 182 6.84 -7.25 -12.39
CA MET E 182 7.19 -8.24 -11.38
C MET E 182 6.72 -7.80 -9.99
N LEU E 183 6.69 -6.49 -9.72
CA LEU E 183 6.13 -6.02 -8.46
C LEU E 183 4.63 -6.29 -8.40
N ILE E 184 3.91 -5.94 -9.47
CA ILE E 184 2.47 -6.16 -9.50
C ILE E 184 2.16 -7.64 -9.39
N ARG E 185 2.93 -8.48 -10.09
CA ARG E 185 2.67 -9.91 -10.07
C ARG E 185 3.02 -10.55 -8.72
N ASP E 186 3.96 -9.96 -7.97
CA ASP E 186 4.42 -10.53 -6.71
C ASP E 186 3.41 -10.18 -5.60
N VAL E 187 2.24 -10.82 -5.69
CA VAL E 187 1.17 -10.54 -4.75
C VAL E 187 1.44 -11.13 -3.38
N GLU E 188 2.32 -12.13 -3.29
CA GLU E 188 2.55 -12.81 -2.03
C GLU E 188 3.47 -12.02 -1.11
N ARG E 189 4.43 -11.28 -1.67
CA ARG E 189 5.44 -10.62 -0.85
C ARG E 189 5.43 -9.10 -0.98
N VAL E 190 4.98 -8.54 -2.11
CA VAL E 190 5.07 -7.11 -2.35
C VAL E 190 3.74 -6.46 -1.99
N ARG E 191 3.78 -5.48 -1.10
CA ARG E 191 2.60 -4.76 -0.63
C ARG E 191 2.73 -3.30 -1.04
N TYR E 192 1.73 -2.79 -1.76
CA TYR E 192 1.70 -1.38 -2.14
C TYR E 192 0.27 -0.87 -2.08
N GLY E 193 0.13 0.43 -1.85
CA GLY E 193 -1.16 1.06 -1.67
C GLY E 193 -1.42 2.17 -2.66
N ALA E 194 -2.46 2.97 -2.41
CA ALA E 194 -2.81 4.03 -3.34
C ALA E 194 -1.70 5.06 -3.44
N ALA E 195 -1.08 5.41 -2.32
CA ALA E 195 -0.01 6.40 -2.35
C ALA E 195 1.17 5.92 -3.19
N ASP E 196 1.39 4.60 -3.24
CA ASP E 196 2.45 4.06 -4.09
C ASP E 196 2.04 4.09 -5.55
N ILE E 197 0.78 3.76 -5.84
CA ILE E 197 0.28 3.86 -7.21
C ILE E 197 0.43 5.28 -7.72
N LYS E 198 0.05 6.26 -6.90
CA LYS E 198 0.11 7.66 -7.34
C LYS E 198 1.54 8.05 -7.67
N ALA E 199 2.51 7.52 -6.92
CA ALA E 199 3.91 7.85 -7.20
C ALA E 199 4.36 7.23 -8.52
N TRP E 200 4.01 5.97 -8.75
CA TRP E 200 4.37 5.33 -10.01
C TRP E 200 3.69 6.01 -11.18
N MET E 201 2.38 6.22 -11.09
CA MET E 201 1.64 6.85 -12.18
C MET E 201 2.19 8.24 -12.49
N GLY E 202 2.63 8.97 -11.45
CA GLY E 202 3.26 10.25 -11.71
C GLY E 202 4.50 10.11 -12.57
N MET E 203 5.32 9.09 -12.30
CA MET E 203 6.50 8.86 -13.11
C MET E 203 6.14 8.49 -14.54
N LEU E 204 5.26 7.51 -14.71
CA LEU E 204 4.85 7.09 -16.04
C LEU E 204 4.29 8.27 -16.82
N THR E 205 3.41 9.05 -16.20
CA THR E 205 2.79 10.17 -16.90
C THR E 205 3.81 11.22 -17.30
N ARG E 206 4.80 11.47 -16.43
CA ARG E 206 5.87 12.41 -16.80
C ARG E 206 6.70 11.85 -17.95
N ALA E 207 6.92 10.54 -17.97
CA ALA E 207 7.65 9.93 -19.08
C ALA E 207 6.90 10.09 -20.39
N VAL E 208 5.61 9.74 -20.39
CA VAL E 208 4.82 9.87 -21.61
C VAL E 208 4.64 11.32 -22.00
N TRP E 209 4.54 12.22 -21.01
CA TRP E 209 4.49 13.64 -21.34
C TRP E 209 5.75 14.07 -22.06
N TRP E 210 6.92 13.61 -21.60
CA TRP E 210 8.17 14.01 -22.24
C TRP E 210 8.27 13.45 -23.65
N CYS E 211 7.79 12.23 -23.87
CA CYS E 211 7.76 11.68 -25.22
C CYS E 211 6.94 12.56 -26.16
N HIS E 212 5.72 12.90 -25.75
CA HIS E 212 4.86 13.70 -26.60
C HIS E 212 5.36 15.13 -26.73
N GLU E 213 5.99 15.67 -25.69
CA GLU E 213 6.60 17.00 -25.79
C GLU E 213 7.62 17.05 -26.91
N ASN E 214 8.27 15.93 -27.22
CA ASN E 214 9.24 15.84 -28.30
C ASN E 214 8.69 15.12 -29.52
N PHE E 215 7.36 15.01 -29.64
CA PHE E 215 6.71 14.48 -30.84
C PHE E 215 7.18 13.06 -31.13
N ILE E 216 7.11 12.21 -30.10
CA ILE E 216 7.50 10.81 -30.21
C ILE E 216 6.41 9.98 -29.56
N LEU E 217 5.94 8.95 -30.27
CA LEU E 217 4.99 7.99 -29.74
C LEU E 217 5.75 6.75 -29.29
N HIS E 218 5.41 6.24 -28.11
CA HIS E 218 6.10 5.06 -27.60
C HIS E 218 5.55 3.79 -28.21
N ARG E 219 4.22 3.63 -28.23
CA ARG E 219 3.56 2.58 -28.99
C ARG E 219 3.91 1.17 -28.49
N ASP E 220 4.24 1.05 -27.20
CA ASP E 220 4.41 -0.26 -26.57
C ASP E 220 4.48 -0.10 -25.05
N ILE E 221 3.59 0.72 -24.50
CA ILE E 221 3.58 0.99 -23.07
C ILE E 221 2.95 -0.19 -22.34
N LYS E 222 3.65 -0.74 -21.36
CA LYS E 222 3.13 -1.82 -20.54
C LYS E 222 3.97 -1.91 -19.28
N PRO E 223 3.50 -2.63 -18.26
CA PRO E 223 4.26 -2.65 -16.99
C PRO E 223 5.69 -3.14 -17.14
N ASN E 224 5.91 -4.24 -17.87
CA ASN E 224 7.25 -4.82 -17.95
C ASN E 224 8.22 -3.99 -18.78
N ASN E 225 7.74 -2.92 -19.43
CA ASN E 225 8.61 -1.95 -20.08
C ASN E 225 8.83 -0.72 -19.20
N LEU E 226 8.43 -0.78 -17.93
CA LEU E 226 8.63 0.29 -16.96
C LEU E 226 9.66 -0.23 -15.95
N LEU E 227 10.92 0.08 -16.20
CA LEU E 227 12.00 -0.40 -15.35
C LEU E 227 12.20 0.53 -14.16
N ILE E 228 12.82 -0.01 -13.11
CA ILE E 228 12.94 0.66 -11.82
C ILE E 228 14.42 0.85 -11.50
N ALA E 229 14.78 2.09 -11.17
CA ALA E 229 16.16 2.41 -10.83
C ALA E 229 16.46 1.95 -9.41
N ALA E 230 17.74 2.05 -9.03
CA ALA E 230 18.14 1.63 -7.69
C ALA E 230 17.46 2.45 -6.61
N ASP E 231 17.18 3.72 -6.88
CA ASP E 231 16.52 4.60 -5.91
C ASP E 231 15.01 4.49 -5.94
N GLY E 232 14.43 3.74 -6.88
CA GLY E 232 13.00 3.58 -6.98
C GLY E 232 12.35 4.35 -8.10
N GLU E 233 13.09 5.18 -8.83
CA GLU E 233 12.52 5.93 -9.94
C GLU E 233 12.25 5.01 -11.12
N VAL E 234 11.05 5.10 -11.67
CA VAL E 234 10.63 4.25 -12.79
C VAL E 234 11.00 4.94 -14.09
N LYS E 235 11.51 4.17 -15.04
CA LYS E 235 11.97 4.68 -16.32
C LYS E 235 11.23 3.97 -17.45
N LEU E 236 10.71 4.74 -18.40
CA LEU E 236 10.15 4.16 -19.62
C LEU E 236 11.30 3.75 -20.53
N ALA E 237 11.27 2.50 -21.00
CA ALA E 237 12.47 1.89 -21.54
C ALA E 237 12.34 1.41 -22.98
N ASP E 238 11.41 0.51 -23.28
CA ASP E 238 11.44 -0.18 -24.57
C ASP E 238 10.89 0.74 -25.65
N PHE E 239 11.74 1.14 -26.60
CA PHE E 239 11.35 2.02 -27.69
C PHE E 239 11.39 1.33 -29.05
N GLY E 240 11.33 0.00 -29.07
CA GLY E 240 11.45 -0.72 -30.32
C GLY E 240 10.31 -0.52 -31.29
N LEU E 241 9.20 0.07 -30.84
CA LEU E 241 8.06 0.35 -31.72
C LEU E 241 7.76 1.83 -31.85
N ALA E 242 8.59 2.70 -31.27
CA ALA E 242 8.29 4.12 -31.27
C ALA E 242 8.46 4.73 -32.66
N ARG E 243 7.83 5.89 -32.85
CA ARG E 243 7.99 6.65 -34.09
C ARG E 243 7.56 8.09 -33.84
N SER E 244 8.18 9.00 -34.58
CA SER E 244 7.85 10.42 -34.46
C SER E 244 6.43 10.69 -34.97
N PHE E 245 5.83 11.76 -34.44
CA PHE E 245 4.51 12.18 -34.89
C PHE E 245 4.47 12.32 -36.41
N ALA E 246 3.58 11.56 -37.04
CA ALA E 246 3.46 11.62 -38.49
C ALA E 246 2.76 12.91 -38.92
N ASP E 247 3.09 13.36 -40.13
CA ASP E 247 2.44 14.53 -40.70
C ASP E 247 1.05 14.17 -41.20
N PRO E 248 0.22 15.17 -41.48
CA PRO E 248 -1.13 14.88 -41.99
C PRO E 248 -1.05 14.18 -43.34
N GLY E 249 -1.81 13.10 -43.48
CA GLY E 249 -1.80 12.31 -44.68
C GLY E 249 -0.75 11.21 -44.70
N ARG E 250 0.13 11.18 -43.69
CA ARG E 250 1.16 10.16 -43.59
C ARG E 250 0.62 8.99 -42.79
N ARG E 251 0.51 7.83 -43.44
CA ARG E 251 -0.08 6.66 -42.81
C ARG E 251 0.88 6.03 -41.79
N MET E 252 0.29 5.54 -40.70
CA MET E 252 1.01 4.82 -39.65
C MET E 252 0.47 3.41 -39.53
N THR E 253 1.21 2.57 -38.83
CA THR E 253 0.82 1.18 -38.65
C THR E 253 -0.25 1.06 -37.58
N ALA E 254 -1.21 0.17 -37.82
CA ALA E 254 -2.23 -0.14 -36.84
C ALA E 254 -1.84 -1.29 -35.91
N ASN E 255 -0.75 -1.99 -36.23
CA ASN E 255 -0.31 -3.15 -35.44
C ASN E 255 0.83 -2.72 -34.52
N VAL E 256 0.47 -1.97 -33.48
CA VAL E 256 1.41 -1.55 -32.44
C VAL E 256 0.71 -1.65 -31.08
N ILE E 257 1.52 -1.56 -30.04
CA ILE E 257 1.04 -1.64 -28.66
C ILE E 257 0.57 -3.06 -28.38
N THR E 258 1.00 -3.61 -27.24
CA THR E 258 0.55 -4.92 -26.83
C THR E 258 -0.96 -4.99 -26.80
N ARG E 259 -1.51 -6.14 -27.21
CA ARG E 259 -2.96 -6.27 -27.39
C ARG E 259 -3.72 -5.78 -26.17
N TRP E 260 -3.36 -6.29 -24.99
CA TRP E 260 -4.12 -5.97 -23.78
C TRP E 260 -4.19 -4.47 -23.51
N TYR E 261 -3.25 -3.70 -24.06
CA TYR E 261 -3.19 -2.26 -23.85
C TYR E 261 -3.46 -1.48 -25.13
N ARG E 262 -3.87 -2.14 -26.20
CA ARG E 262 -4.10 -1.46 -27.47
C ARG E 262 -5.43 -0.73 -27.44
N PRO E 263 -5.47 0.55 -27.83
CA PRO E 263 -6.72 1.31 -27.80
C PRO E 263 -7.66 0.86 -28.90
N PRO E 264 -8.94 1.24 -28.81
CA PRO E 264 -9.91 0.79 -29.83
C PRO E 264 -9.61 1.30 -31.24
N GLU E 265 -9.14 2.54 -31.38
CA GLU E 265 -8.91 3.05 -32.73
C GLU E 265 -7.85 2.24 -33.47
N LEU E 266 -6.87 1.70 -32.74
CA LEU E 266 -5.87 0.85 -33.37
C LEU E 266 -6.43 -0.55 -33.63
N LEU E 267 -7.26 -1.06 -32.73
CA LEU E 267 -7.95 -2.31 -33.00
C LEU E 267 -8.81 -2.21 -34.23
N PHE E 268 -9.33 -1.02 -34.52
CA PHE E 268 -10.13 -0.78 -35.71
C PHE E 268 -9.28 -0.41 -36.92
N GLY E 269 -7.96 -0.52 -36.82
CA GLY E 269 -7.09 -0.33 -37.96
C GLY E 269 -6.81 1.11 -38.33
N ALA E 270 -6.94 2.04 -37.37
CA ALA E 270 -6.72 3.45 -37.69
C ALA E 270 -5.27 3.68 -38.13
N ARG E 271 -5.12 4.48 -39.17
CA ARG E 271 -3.81 4.78 -39.74
C ARG E 271 -3.37 6.22 -39.49
N HIS E 272 -4.26 7.09 -38.99
CA HIS E 272 -3.94 8.49 -38.72
C HIS E 272 -4.40 8.78 -37.30
N TYR E 273 -3.54 8.46 -36.33
CA TYR E 273 -3.81 8.64 -34.92
C TYR E 273 -2.74 9.56 -34.31
N GLY E 274 -2.85 9.78 -33.00
CA GLY E 274 -1.94 10.68 -32.31
C GLY E 274 -1.54 10.21 -30.94
N GLY E 275 -1.18 11.15 -30.06
CA GLY E 275 -0.70 10.78 -28.75
C GLY E 275 -1.70 9.98 -27.93
N ALA E 276 -2.99 10.13 -28.22
CA ALA E 276 -4.01 9.47 -27.40
C ALA E 276 -3.77 7.97 -27.32
N VAL E 277 -3.11 7.37 -28.32
CA VAL E 277 -2.90 5.93 -28.29
C VAL E 277 -2.06 5.53 -27.09
N ASP E 278 -1.09 6.37 -26.70
CA ASP E 278 -0.27 6.05 -25.54
C ASP E 278 -1.05 6.24 -24.24
N ILE E 279 -1.90 7.27 -24.19
CA ILE E 279 -2.67 7.53 -22.97
C ILE E 279 -3.57 6.36 -22.63
N TRP E 280 -4.15 5.71 -23.65
CA TRP E 280 -4.98 4.54 -23.38
C TRP E 280 -4.17 3.45 -22.72
N SER E 281 -2.98 3.17 -23.24
CA SER E 281 -2.12 2.17 -22.60
C SER E 281 -1.81 2.56 -21.17
N VAL E 282 -1.57 3.86 -20.92
CA VAL E 282 -1.36 4.31 -19.55
C VAL E 282 -2.59 4.00 -18.70
N GLY E 283 -3.78 4.27 -19.24
CA GLY E 283 -5.00 3.96 -18.51
C GLY E 283 -5.08 2.50 -18.12
N MET E 284 -4.61 1.61 -19.00
CA MET E 284 -4.62 0.20 -18.69
C MET E 284 -3.57 -0.15 -17.65
N VAL E 285 -2.42 0.54 -17.67
CA VAL E 285 -1.43 0.36 -16.61
C VAL E 285 -1.99 0.87 -15.30
N PHE E 286 -2.69 2.01 -15.33
CA PHE E 286 -3.34 2.54 -14.13
C PHE E 286 -4.33 1.52 -13.58
N ALA E 287 -5.20 0.99 -14.43
CA ALA E 287 -6.18 0.01 -13.98
C ALA E 287 -5.50 -1.26 -13.49
N GLU E 288 -4.47 -1.73 -14.21
CA GLU E 288 -3.78 -2.93 -13.78
C GLU E 288 -3.11 -2.74 -12.42
N LEU E 289 -2.63 -1.54 -12.14
CA LEU E 289 -2.04 -1.28 -10.82
C LEU E 289 -3.08 -1.39 -9.71
N ILE E 290 -4.30 -0.91 -9.97
CA ILE E 290 -5.32 -0.85 -8.92
C ILE E 290 -5.84 -2.25 -8.58
N ILE E 291 -6.08 -3.08 -9.59
CA ILE E 291 -6.61 -4.42 -9.36
C ILE E 291 -5.53 -5.50 -9.37
N ARG E 292 -4.27 -5.12 -9.59
CA ARG E 292 -3.14 -6.06 -9.59
C ARG E 292 -3.35 -7.22 -10.56
N SER E 293 -4.01 -6.95 -11.68
CA SER E 293 -4.14 -7.92 -12.76
C SER E 293 -4.50 -7.15 -14.03
N PRO E 294 -4.22 -7.72 -15.20
CA PRO E 294 -4.55 -7.01 -16.44
C PRO E 294 -6.04 -6.71 -16.52
N PHE E 295 -6.35 -5.47 -16.91
CA PHE E 295 -7.75 -5.06 -16.96
C PHE E 295 -8.52 -5.83 -18.03
N LEU E 296 -8.04 -5.74 -19.28
CA LEU E 296 -8.68 -6.38 -20.43
C LEU E 296 -7.65 -7.28 -21.11
N PRO E 297 -7.50 -8.52 -20.63
CA PRO E 297 -6.52 -9.45 -21.24
C PRO E 297 -7.14 -10.34 -22.32
N GLY E 298 -7.43 -9.72 -23.46
CA GLY E 298 -7.95 -10.47 -24.58
C GLY E 298 -6.86 -11.30 -25.23
N ASN E 299 -7.22 -12.50 -25.68
CA ASN E 299 -6.30 -13.37 -26.37
C ASN E 299 -6.32 -13.19 -27.88
N THR E 300 -7.32 -12.51 -28.41
CA THR E 300 -7.39 -12.19 -29.84
C THR E 300 -7.94 -10.78 -29.99
N GLU E 301 -7.79 -10.24 -31.21
CA GLU E 301 -8.25 -8.88 -31.46
C GLU E 301 -9.76 -8.75 -31.30
N MET E 302 -10.51 -9.81 -31.63
CA MET E 302 -11.96 -9.76 -31.42
C MET E 302 -12.29 -9.79 -29.93
N GLU E 303 -11.54 -10.57 -29.14
CA GLU E 303 -11.77 -10.59 -27.71
C GLU E 303 -11.46 -9.24 -27.07
N GLN E 304 -10.39 -8.59 -27.54
CA GLN E 304 -10.05 -7.28 -26.99
C GLN E 304 -11.16 -6.27 -27.29
N ILE E 305 -11.74 -6.33 -28.49
CA ILE E 305 -12.85 -5.45 -28.82
C ILE E 305 -14.05 -5.76 -27.93
N THR E 306 -14.38 -7.04 -27.77
CA THR E 306 -15.52 -7.40 -26.92
C THR E 306 -15.30 -6.94 -25.49
N LEU E 307 -14.06 -7.05 -24.99
CA LEU E 307 -13.79 -6.64 -23.62
C LEU E 307 -14.00 -5.14 -23.45
N ILE E 308 -13.52 -4.34 -24.41
CA ILE E 308 -13.73 -2.90 -24.33
C ILE E 308 -15.21 -2.56 -24.36
N CYS E 309 -15.97 -3.25 -25.22
CA CYS E 309 -17.41 -3.05 -25.25
C CYS E 309 -18.05 -3.41 -23.92
N LYS E 310 -17.58 -4.50 -23.30
CA LYS E 310 -18.20 -4.98 -22.08
C LYS E 310 -17.87 -4.07 -20.90
N HIS E 311 -16.60 -3.71 -20.74
CA HIS E 311 -16.14 -3.07 -19.51
C HIS E 311 -16.01 -1.56 -19.62
N ILE E 312 -15.90 -1.02 -20.83
CA ILE E 312 -15.80 0.42 -21.04
C ILE E 312 -17.04 0.97 -21.74
N GLY E 313 -17.48 0.32 -22.79
CA GLY E 313 -18.66 0.72 -23.52
C GLY E 313 -18.53 0.41 -25.01
N THR E 314 -19.68 0.20 -25.65
CA THR E 314 -19.70 -0.10 -27.07
C THR E 314 -19.49 1.17 -27.87
N PRO E 315 -18.44 1.27 -28.69
CA PRO E 315 -18.27 2.46 -29.54
C PRO E 315 -19.39 2.53 -30.56
N THR E 316 -19.97 3.73 -30.71
CA THR E 316 -21.06 3.95 -31.64
C THR E 316 -20.85 5.27 -32.37
N GLU E 317 -21.63 5.47 -33.44
CA GLU E 317 -21.60 6.74 -34.14
C GLU E 317 -22.02 7.91 -33.26
N GLU E 318 -22.75 7.63 -32.17
CA GLU E 318 -23.21 8.70 -31.28
C GLU E 318 -22.05 9.21 -30.41
N ASN E 319 -21.32 8.30 -29.79
CA ASN E 319 -20.20 8.67 -28.91
C ASN E 319 -18.89 8.80 -29.65
N TRP E 320 -18.82 8.39 -30.92
CA TRP E 320 -17.56 8.36 -31.67
C TRP E 320 -17.89 8.47 -33.15
N PRO E 321 -18.22 9.67 -33.62
CA PRO E 321 -18.64 9.83 -35.02
C PRO E 321 -17.62 9.28 -35.99
N GLY E 322 -18.10 8.51 -36.96
CA GLY E 322 -17.25 7.93 -37.98
C GLY E 322 -16.51 6.68 -37.58
N VAL E 323 -16.74 6.17 -36.36
CA VAL E 323 -15.99 5.00 -35.90
C VAL E 323 -16.22 3.83 -36.83
N SER E 324 -17.46 3.61 -37.27
CA SER E 324 -17.78 2.49 -38.13
C SER E 324 -17.10 2.57 -39.49
N LYS E 325 -16.43 3.67 -39.80
CA LYS E 325 -15.73 3.83 -41.07
C LYS E 325 -14.25 3.52 -40.97
N LEU E 326 -13.77 3.03 -39.82
CA LEU E 326 -12.36 2.75 -39.68
C LEU E 326 -12.00 1.52 -40.52
N PRO E 327 -10.75 1.43 -40.99
CA PRO E 327 -10.39 0.38 -41.95
C PRO E 327 -10.74 -1.03 -41.53
N GLU E 328 -10.71 -1.34 -40.24
CA GLU E 328 -10.96 -2.70 -39.75
C GLU E 328 -11.95 -2.67 -38.60
N TRP E 329 -12.95 -1.80 -38.68
CA TRP E 329 -13.97 -1.76 -37.64
C TRP E 329 -14.67 -3.10 -37.55
N TRP E 330 -14.89 -3.57 -36.33
CA TRP E 330 -15.58 -4.82 -36.09
C TRP E 330 -16.37 -4.69 -34.80
N ASP E 331 -17.56 -5.31 -34.78
CA ASP E 331 -18.45 -5.28 -33.64
C ASP E 331 -19.00 -6.68 -33.44
N PRO E 332 -19.10 -7.16 -32.20
CA PRO E 332 -19.61 -8.53 -31.97
C PRO E 332 -21.06 -8.72 -32.36
N MET E 333 -21.77 -7.65 -32.74
CA MET E 333 -23.18 -7.75 -33.11
C MET E 333 -24.01 -8.30 -31.97
N GLU E 334 -23.75 -7.82 -30.76
CA GLU E 334 -24.58 -8.09 -29.60
C GLU E 334 -25.27 -6.79 -29.19
N GLU E 335 -26.18 -6.90 -28.24
CA GLU E 335 -26.87 -5.72 -27.75
C GLU E 335 -25.85 -4.71 -27.23
N PRO E 336 -25.81 -3.49 -27.78
CA PRO E 336 -24.77 -2.54 -27.38
C PRO E 336 -24.84 -2.21 -25.89
N ILE E 337 -23.66 -2.01 -25.31
CA ILE E 337 -23.53 -1.71 -23.88
C ILE E 337 -23.28 -0.21 -23.74
N PRO E 338 -24.15 0.52 -23.04
CA PRO E 338 -23.91 1.95 -22.86
C PRO E 338 -22.58 2.22 -22.16
N VAL E 339 -21.93 3.31 -22.57
CA VAL E 339 -20.63 3.66 -22.00
C VAL E 339 -20.79 3.91 -20.50
N TRP E 340 -19.96 3.25 -19.71
CA TRP E 340 -20.00 3.42 -18.27
C TRP E 340 -19.46 4.79 -17.87
N GLY E 341 -20.12 5.43 -16.90
CA GLY E 341 -19.69 6.71 -16.40
C GLY E 341 -18.70 6.58 -15.26
N LYS E 342 -18.32 7.74 -14.72
CA LYS E 342 -17.34 7.75 -13.63
C LYS E 342 -17.76 6.85 -12.49
N ASP E 343 -19.04 6.92 -12.10
CA ASP E 343 -19.50 6.20 -10.92
C ASP E 343 -19.27 4.70 -11.06
N ALA E 344 -19.48 4.16 -12.26
CA ALA E 344 -19.39 2.71 -12.44
C ALA E 344 -17.99 2.20 -12.13
N TYR E 345 -16.96 3.04 -12.29
CA TYR E 345 -15.60 2.62 -12.02
C TYR E 345 -15.28 2.62 -10.53
N MET E 346 -16.06 3.31 -9.71
CA MET E 346 -15.72 3.44 -8.30
C MET E 346 -15.72 2.08 -7.61
N ALA E 347 -16.64 1.20 -7.99
CA ALA E 347 -16.79 -0.06 -7.27
C ALA E 347 -15.54 -0.93 -7.38
N ARG E 348 -14.96 -1.03 -8.57
CA ARG E 348 -13.81 -1.88 -8.79
C ARG E 348 -12.49 -1.14 -8.58
N PHE E 349 -12.43 0.13 -8.98
CA PHE E 349 -11.19 0.90 -8.94
C PHE E 349 -11.20 1.98 -7.84
N GLY E 350 -12.12 1.86 -6.87
CA GLY E 350 -12.23 2.86 -5.83
C GLY E 350 -11.02 3.00 -4.94
N ALA E 351 -10.01 2.12 -5.09
CA ALA E 351 -8.85 2.19 -4.22
C ALA E 351 -8.15 3.53 -4.30
N VAL E 352 -8.16 4.18 -5.48
CA VAL E 352 -7.50 5.47 -5.65
C VAL E 352 -8.43 6.64 -5.37
N GLY E 353 -9.69 6.40 -5.02
CA GLY E 353 -10.58 7.48 -4.65
C GLY E 353 -11.24 8.13 -5.84
N SER E 354 -12.12 9.09 -5.52
CA SER E 354 -12.91 9.75 -6.55
C SER E 354 -12.01 10.44 -7.57
N GLU E 355 -11.05 11.23 -7.10
CA GLU E 355 -10.17 11.93 -8.03
C GLU E 355 -9.35 10.96 -8.86
N GLY E 356 -8.92 9.85 -8.26
CA GLY E 356 -8.17 8.86 -9.02
C GLY E 356 -9.01 8.18 -10.08
N VAL E 357 -10.25 7.79 -9.72
CA VAL E 357 -11.12 7.15 -10.69
C VAL E 357 -11.57 8.14 -11.76
N ASP E 358 -11.60 9.43 -11.44
CA ASP E 358 -11.87 10.42 -12.47
C ASP E 358 -10.79 10.40 -13.54
N LEU E 359 -9.52 10.39 -13.11
CA LEU E 359 -8.42 10.36 -14.07
C LEU E 359 -8.46 9.09 -14.89
N LEU E 360 -8.65 7.94 -14.23
CA LEU E 360 -8.72 6.66 -14.94
C LEU E 360 -9.78 6.71 -16.04
N TRP E 361 -10.95 7.26 -15.73
CA TRP E 361 -12.04 7.32 -16.71
C TRP E 361 -11.70 8.23 -17.88
N ARG E 362 -10.96 9.32 -17.65
CA ARG E 362 -10.62 10.22 -18.74
C ARG E 362 -9.61 9.59 -19.68
N THR E 363 -8.74 8.72 -19.17
CA THR E 363 -7.77 8.03 -20.01
C THR E 363 -8.38 6.91 -20.84
N LEU E 364 -9.58 6.45 -20.47
CA LEU E 364 -10.24 5.35 -21.15
C LEU E 364 -11.49 5.81 -21.89
N GLN E 365 -11.41 6.99 -22.52
CA GLN E 365 -12.46 7.45 -23.41
C GLN E 365 -12.34 6.73 -24.76
N LEU E 366 -13.47 6.24 -25.27
CA LEU E 366 -13.43 5.48 -26.52
C LEU E 366 -12.93 6.35 -27.68
N ASP E 367 -13.53 7.51 -27.88
CA ASP E 367 -13.11 8.40 -28.94
C ASP E 367 -11.79 9.07 -28.56
N PRO E 368 -10.70 8.83 -29.30
CA PRO E 368 -9.41 9.43 -28.90
C PRO E 368 -9.44 10.95 -28.88
N LYS E 369 -10.37 11.58 -29.60
CA LYS E 369 -10.41 13.03 -29.62
C LYS E 369 -10.79 13.60 -28.25
N LYS E 370 -11.64 12.90 -27.52
CA LYS E 370 -12.04 13.31 -26.18
C LYS E 370 -11.21 12.63 -25.10
N ARG E 371 -10.18 11.86 -25.48
CA ARG E 371 -9.28 11.27 -24.50
C ARG E 371 -8.34 12.33 -23.94
N ILE E 372 -8.07 12.25 -22.63
CA ILE E 372 -7.21 13.22 -21.98
C ILE E 372 -5.79 13.13 -22.52
N THR E 373 -5.09 14.26 -22.51
CA THR E 373 -3.71 14.32 -22.97
C THR E 373 -2.75 14.15 -21.79
N ALA E 374 -1.49 13.91 -22.11
CA ALA E 374 -0.49 13.71 -21.06
C ALA E 374 -0.28 14.98 -20.26
N ARG E 375 -0.23 16.13 -20.93
CA ARG E 375 -0.09 17.40 -20.21
C ARG E 375 -1.29 17.65 -19.31
N GLU E 376 -2.49 17.44 -19.85
CA GLU E 376 -3.70 17.56 -19.04
C GLU E 376 -3.66 16.61 -17.84
N MET E 377 -3.12 15.40 -18.02
CA MET E 377 -3.05 14.45 -16.92
C MET E 377 -2.24 15.00 -15.77
N LEU E 378 -1.12 15.67 -16.07
CA LEU E 378 -0.24 16.17 -15.02
C LEU E 378 -0.86 17.32 -14.24
N GLU E 379 -1.82 18.03 -14.83
CA GLU E 379 -2.49 19.13 -14.15
C GLU E 379 -3.76 18.67 -13.43
N HIS E 380 -4.05 17.38 -13.43
CA HIS E 380 -5.23 16.86 -12.76
C HIS E 380 -5.13 17.08 -11.26
N ARG E 381 -6.29 17.05 -10.58
CA ARG E 381 -6.32 17.30 -9.15
C ARG E 381 -5.80 16.11 -8.34
N TRP E 382 -5.77 14.92 -8.94
CA TRP E 382 -5.42 13.72 -8.19
C TRP E 382 -4.07 13.85 -7.50
N TRP E 383 -3.12 14.53 -8.13
CA TRP E 383 -1.76 14.58 -7.59
C TRP E 383 -1.72 15.37 -6.28
N ARG E 384 -2.47 16.48 -6.20
CA ARG E 384 -2.52 17.26 -4.98
C ARG E 384 -3.63 16.81 -4.05
N THR E 385 -4.38 15.77 -4.42
CA THR E 385 -5.37 15.20 -3.52
C THR E 385 -4.71 14.20 -2.58
N ASP E 386 -5.14 14.21 -1.32
CA ASP E 386 -4.59 13.30 -0.33
C ASP E 386 -5.02 11.87 -0.63
N PRO E 387 -4.18 10.88 -0.30
CA PRO E 387 -2.87 11.01 0.34
C PRO E 387 -1.78 11.37 -0.65
N LYS E 388 -0.77 12.13 -0.19
CA LYS E 388 0.32 12.52 -1.06
C LYS E 388 1.03 11.27 -1.58
N PRO E 389 1.66 11.35 -2.76
CA PRO E 389 2.34 10.16 -3.31
C PRO E 389 3.54 9.78 -2.47
N THR E 390 3.89 8.50 -2.53
CA THR E 390 5.00 7.97 -1.75
C THR E 390 6.33 8.49 -2.27
N ARG E 391 7.27 8.69 -1.34
CA ARG E 391 8.62 9.06 -1.71
C ARG E 391 9.33 7.88 -2.35
N LYS E 392 10.06 8.13 -3.44
CA LYS E 392 10.65 7.04 -4.18
C LYS E 392 11.56 6.18 -3.31
N GLU E 393 12.20 6.78 -2.30
CA GLU E 393 13.02 6.00 -1.39
C GLU E 393 12.20 5.06 -0.52
N ASP E 394 10.90 5.29 -0.39
CA ASP E 394 10.02 4.45 0.42
C ASP E 394 9.19 3.49 -0.42
N LEU E 395 9.39 3.46 -1.73
CA LEU E 395 8.57 2.61 -2.59
C LEU E 395 8.89 1.12 -2.34
N PRO E 396 7.96 0.24 -2.70
CA PRO E 396 8.23 -1.20 -2.56
C PRO E 396 9.41 -1.64 -3.42
N LYS E 397 10.20 -2.56 -2.87
CA LYS E 397 11.34 -3.16 -3.54
C LYS E 397 11.01 -4.57 -4.02
N LYS E 398 11.77 -5.01 -5.03
CA LYS E 398 11.56 -6.35 -5.58
C LYS E 398 11.82 -7.44 -4.55
N SER E 399 12.89 -7.31 -3.77
CA SER E 399 13.26 -8.34 -2.79
C SER E 399 13.48 -9.68 -3.48
N TYR F 3 5.05 23.07 -5.72
CA TYR F 3 4.83 21.87 -6.53
C TYR F 3 4.77 22.22 -8.01
N ASP F 4 5.55 21.51 -8.82
CA ASP F 4 5.57 21.69 -10.26
C ASP F 4 5.32 20.33 -10.90
N PRO F 5 4.22 20.15 -11.65
CA PRO F 5 3.91 18.81 -12.17
C PRO F 5 4.83 18.36 -13.28
N PHE F 6 5.50 19.29 -13.97
CA PHE F 6 6.39 18.95 -15.06
C PHE F 6 7.81 18.68 -14.59
N GLY F 7 8.02 18.52 -13.28
CA GLY F 7 9.36 18.24 -12.77
C GLY F 7 10.39 19.25 -13.19
N GLY F 8 9.99 20.53 -13.30
CA GLY F 8 10.93 21.54 -13.74
C GLY F 8 11.37 21.37 -15.17
N MET F 9 10.61 20.63 -15.97
CA MET F 9 10.92 20.38 -17.37
C MET F 9 9.94 21.05 -18.33
N GLU F 10 9.00 21.83 -17.83
CA GLU F 10 8.00 22.45 -18.71
C GLU F 10 8.68 23.26 -19.80
N PHE F 11 8.29 23.00 -21.04
CA PHE F 11 8.81 23.72 -22.19
C PHE F 11 7.89 24.91 -22.47
N VAL F 12 8.43 26.12 -22.35
CA VAL F 12 7.69 27.34 -22.63
C VAL F 12 8.44 28.11 -23.72
N PRO F 13 7.94 28.14 -24.96
CA PRO F 13 8.68 28.84 -26.01
C PRO F 13 8.84 30.31 -25.68
N SER F 14 9.93 30.88 -26.17
CA SER F 14 10.30 32.26 -25.86
C SER F 14 9.95 33.24 -26.97
N ARG F 15 10.26 32.89 -28.23
CA ARG F 15 10.10 33.81 -29.34
C ARG F 15 8.85 33.55 -30.18
N TYR F 16 8.04 32.54 -29.83
CA TYR F 16 6.84 32.26 -30.59
C TYR F 16 5.77 31.72 -29.66
N ARG F 17 4.52 31.73 -30.15
CA ARG F 17 3.38 31.24 -29.39
C ARG F 17 2.44 30.56 -30.36
N VAL F 18 1.99 29.36 -30.01
CA VAL F 18 1.09 28.57 -30.86
C VAL F 18 -0.34 28.94 -30.47
N ARG F 19 -0.99 29.75 -31.29
CA ARG F 19 -2.36 30.20 -31.03
C ARG F 19 -3.33 29.48 -31.95
N GLU F 20 -4.61 29.59 -31.60
CA GLU F 20 -5.64 28.81 -32.28
C GLU F 20 -5.84 29.24 -33.72
N GLU F 21 -5.54 30.51 -34.05
CA GLU F 21 -5.82 31.03 -35.38
C GLU F 21 -4.85 30.54 -36.43
N LEU F 22 -3.76 29.89 -36.04
CA LEU F 22 -2.80 29.39 -37.02
C LEU F 22 -3.42 28.26 -37.84
N ASN F 23 -3.29 28.33 -39.16
CA ASN F 23 -3.74 27.27 -40.04
C ASN F 23 -3.13 27.50 -41.42
N HIS F 24 -3.12 26.43 -42.22
CA HIS F 24 -2.53 26.43 -43.56
C HIS F 24 -3.51 25.71 -44.48
N PRO F 25 -3.81 26.24 -45.66
CA PRO F 25 -4.87 25.63 -46.49
C PRO F 25 -4.60 24.19 -46.85
N SER F 26 -3.33 23.77 -46.91
CA SER F 26 -3.05 22.36 -47.18
C SER F 26 -3.64 21.46 -46.12
N LEU F 27 -3.83 21.98 -44.90
CA LEU F 27 -4.43 21.19 -43.83
C LEU F 27 -5.93 21.00 -44.04
N ASP F 28 -6.59 21.99 -44.64
CA ASP F 28 -8.04 21.93 -44.80
C ASP F 28 -8.50 20.60 -45.40
N LYS F 29 -7.70 20.03 -46.31
CA LYS F 29 -8.10 18.77 -46.94
C LYS F 29 -8.21 17.65 -45.92
N TYR F 30 -7.30 17.63 -44.95
CA TYR F 30 -7.23 16.55 -43.98
C TYR F 30 -8.16 16.75 -42.79
N ARG F 31 -8.35 18.00 -42.35
CA ARG F 31 -9.22 18.25 -41.20
C ARG F 31 -10.61 17.67 -41.44
N ILE F 32 -11.05 17.60 -42.69
CA ILE F 32 -12.36 17.03 -43.03
C ILE F 32 -12.26 15.60 -43.55
N ASP F 33 -11.07 15.00 -43.50
CA ASP F 33 -10.93 13.59 -43.85
C ASP F 33 -11.49 12.74 -42.71
N GLN F 34 -12.42 11.85 -43.05
CA GLN F 34 -13.05 11.03 -42.02
C GLN F 34 -12.02 10.30 -41.19
N GLN F 35 -10.97 9.77 -41.82
CA GLN F 35 -9.99 8.96 -41.10
C GLN F 35 -9.19 9.79 -40.13
N HIS F 36 -8.94 11.06 -40.44
CA HIS F 36 -8.13 11.89 -39.56
C HIS F 36 -8.92 12.30 -38.31
N ILE F 37 -10.19 12.65 -38.48
CA ILE F 37 -11.00 13.07 -37.34
C ILE F 37 -11.41 11.86 -36.50
N THR F 38 -12.06 10.87 -37.14
CA THR F 38 -12.54 9.72 -36.39
C THR F 38 -11.41 8.88 -35.82
N GLY F 39 -10.20 9.01 -36.35
CA GLY F 39 -9.05 8.27 -35.87
C GLY F 39 -8.24 8.97 -34.80
N GLY F 40 -8.48 10.25 -34.58
CA GLY F 40 -7.81 10.97 -33.52
C GLY F 40 -6.50 11.61 -33.91
N TYR F 41 -6.34 12.02 -35.15
CA TYR F 41 -5.14 12.73 -35.55
C TYR F 41 -5.19 14.16 -35.02
N SER F 42 -4.12 14.59 -34.37
CA SER F 42 -4.03 15.91 -33.76
C SER F 42 -3.33 16.87 -34.72
N PHE F 43 -4.09 17.83 -35.25
CA PHE F 43 -3.49 18.87 -36.06
C PHE F 43 -2.80 19.92 -35.20
N LEU F 44 -3.28 20.12 -33.96
CA LEU F 44 -2.64 21.07 -33.07
C LEU F 44 -1.21 20.66 -32.77
N ASP F 45 -0.97 19.36 -32.57
CA ASP F 45 0.39 18.89 -32.31
C ASP F 45 1.29 19.14 -33.51
N TYR F 46 0.77 18.97 -34.73
CA TYR F 46 1.54 19.27 -35.93
C TYR F 46 1.93 20.74 -35.97
N ILE F 47 0.94 21.63 -35.75
CA ILE F 47 1.23 23.06 -35.75
C ILE F 47 2.25 23.40 -34.68
N SER F 48 2.12 22.80 -33.49
CA SER F 48 3.10 23.03 -32.44
C SER F 48 4.48 22.53 -32.86
N ARG F 49 4.50 21.43 -33.62
CA ARG F 49 5.78 20.89 -34.10
C ARG F 49 6.40 21.80 -35.15
N ALA F 50 5.59 22.33 -36.07
CA ALA F 50 6.11 23.21 -37.10
C ALA F 50 6.64 24.51 -36.51
N MET F 51 5.86 25.12 -35.62
CA MET F 51 6.30 26.39 -35.04
C MET F 51 7.59 26.21 -34.25
N PHE F 52 7.72 25.09 -33.53
CA PHE F 52 8.97 24.85 -32.80
C PHE F 52 10.15 24.79 -33.77
N GLU F 53 10.04 23.96 -34.80
CA GLU F 53 11.15 23.80 -35.73
C GLU F 53 11.43 25.09 -36.48
N ALA F 54 10.43 25.94 -36.66
CA ALA F 54 10.67 27.20 -37.36
C ALA F 54 11.49 28.16 -36.51
N PHE F 55 11.42 28.04 -35.19
CA PHE F 55 12.14 28.91 -34.28
C PHE F 55 13.22 28.22 -33.47
N ALA F 56 13.29 26.89 -33.51
CA ALA F 56 14.29 26.16 -32.74
C ALA F 56 15.68 26.50 -33.23
N GLY F 57 16.48 27.13 -32.37
CA GLY F 57 17.83 27.48 -32.72
C GLY F 57 17.96 28.70 -33.61
N LEU F 58 17.04 29.66 -33.47
CA LEU F 58 17.11 30.87 -34.29
C LEU F 58 18.34 31.70 -33.93
N ALA F 59 18.72 31.74 -32.65
CA ALA F 59 19.89 32.47 -32.19
C ALA F 59 21.03 31.53 -31.82
N VAL F 60 21.07 30.35 -32.42
CA VAL F 60 22.17 29.40 -32.24
C VAL F 60 23.18 29.66 -33.34
N PHE F 61 24.29 30.33 -32.99
CA PHE F 61 25.32 30.68 -33.95
C PHE F 61 26.39 29.60 -33.91
N ILE F 62 26.32 28.67 -34.87
CA ILE F 62 27.16 27.48 -34.83
C ILE F 62 28.64 27.84 -34.94
N GLU F 63 28.97 28.75 -35.85
CA GLU F 63 30.38 29.07 -36.08
C GLU F 63 31.03 29.66 -34.84
N ASP F 64 30.42 30.72 -34.28
CA ASP F 64 31.02 31.40 -33.13
C ASP F 64 31.03 30.50 -31.89
N GLU F 65 29.94 29.76 -31.66
CA GLU F 65 29.85 28.95 -30.45
C GLU F 65 30.87 27.83 -30.44
N LYS F 66 31.09 27.20 -31.60
CA LYS F 66 31.98 26.04 -31.65
C LYS F 66 33.45 26.43 -31.56
N GLU F 67 33.83 27.57 -32.16
CA GLU F 67 35.22 28.00 -32.08
C GLU F 67 35.58 28.56 -30.70
N ALA F 68 34.59 29.03 -29.94
CA ALA F 68 34.85 29.55 -28.60
C ALA F 68 35.04 28.45 -27.57
N GLY F 69 34.69 27.21 -27.89
CA GLY F 69 34.84 26.10 -26.95
C GLY F 69 36.18 25.41 -27.07
#